data_7RQU
#
_entry.id   7RQU
#
_cell.length_a   1.00
_cell.length_b   1.00
_cell.length_c   1.00
_cell.angle_alpha   90.00
_cell.angle_beta   90.00
_cell.angle_gamma   90.00
#
_symmetry.space_group_name_H-M   'P 1'
#
loop_
_entity.id
_entity.type
_entity.pdbx_description
1 polymer 'Transient receptor potential cation channel subfamily V member 1'
2 non-polymer resiniferatoxin
3 non-polymer 1-palmitoyl-2-oleoyl-sn-glycero-3-phosphocholine
4 non-polymer '[(2~{R})-1-[2-azanylethoxy(oxidanyl)phosphoryl]oxy-3-hexadecanoyloxy-propan-2-yl] (~{Z})-octadec-9-enoate'
5 non-polymer 1-palmitoyl-2-oleoyl-sn-glycero-3-phosphoglycerol
6 non-polymer 'SODIUM ION'
#
_entity_poly.entity_id   1
_entity_poly.type   'polypeptide(L)'
_entity_poly.pdbx_seq_one_letter_code
;MEQRASLDSEESESPPQENSCLDPPDRDPNCKPPPVKPHIFTTRSRTRLFGKGDSEEASPLDCPYEEGGLASCPIITVSS
VLTIQRPGDGPASVRPSSQDSVSAGEKPPRLYDRRSIFDAVAQSNCQELESLLPFLQRSKKRLTDSEFKDPETGKTCLLK
AMLNLHNGQNDTIALLLDVARKTDSLKQFVNASYTDSYYKGQTALHIAIERRNMTLVTLLVENGADVQAAANGDFFKKTK
GRPGFYFGELPLSLAACTNQLAIVKFLLQNSWQPADISARDSVGNTVLHALVEVADNTVDNTKFVTSMYNEILILGAKLH
PTLKLEEITNRKGLTPLALAASSGKIGVLAYILQREIHEPECRHLSRKFTEWAYGPVHSSLYDLSCIDTCEKNSVLEVIA
YSSSETPNRHDMLLVEPLNRLLQDKWDRFVKRIFYFNFFVYCLYMIIFTAAAYYRPVEGLPPYKLKNTVGDYFRVTGEIL
SVSGGVYFFFRGIQYFLQRRPSLKSLFVDSYSEILFFVQSLFMLVSVVLYFSQRKEYVASMVFSLAMGWTNMLYYTRGFQ
QMGIYAVMIEKMILRDLCRFMFVYLVFLFGFSTAVVTLIEDGKNNSLPMESTPHKCRGSACKPGNSYNSLYSTCLELFKF
TIGMGDLEFTENYDFKAVFIILLLAYVILTYILLLNMLIALMGETVNKIAQESKNIWKLQRAITILDTEKSFLKCMRKAF
RSGKLLQVGFTPDGKDDYRWCFRVDEVNWTTWNTNVGIINEDPGNCEGVKRTLSFSLRSGRVSGRNWKNFALVPLLRDAS
TRDRHATQQEEVQLKHYTGSLKPEDAEVFKDSMVPGEKENSLEVLFQGPDYKDDDDKAHHHHHHHHHH
;
_entity_poly.pdbx_strand_id   A,C,B,D
#
# COMPACT_ATOMS: atom_id res chain seq x y z
N ARG A 114 -56.78 -25.17 34.55
CA ARG A 114 -55.45 -25.02 33.98
C ARG A 114 -55.35 -23.74 33.17
N ARG A 115 -56.34 -23.52 32.29
CA ARG A 115 -56.33 -22.31 31.46
C ARG A 115 -56.42 -21.06 32.32
N SER A 116 -57.29 -21.06 33.33
CA SER A 116 -57.41 -19.90 34.20
C SER A 116 -56.12 -19.66 34.98
N ILE A 117 -55.50 -20.73 35.46
CA ILE A 117 -54.25 -20.58 36.21
C ILE A 117 -53.17 -20.00 35.31
N PHE A 118 -53.06 -20.50 34.08
CA PHE A 118 -52.07 -19.98 33.15
C PHE A 118 -52.33 -18.51 32.82
N ASP A 119 -53.61 -18.15 32.62
CA ASP A 119 -53.94 -16.77 32.33
C ASP A 119 -53.59 -15.85 33.49
N ALA A 120 -53.87 -16.30 34.72
CA ALA A 120 -53.52 -15.50 35.89
C ALA A 120 -52.01 -15.36 36.03
N VAL A 121 -51.26 -16.44 35.77
CA VAL A 121 -49.80 -16.37 35.85
C VAL A 121 -49.26 -15.38 34.82
N ALA A 122 -49.78 -15.45 33.59
CA ALA A 122 -49.32 -14.53 32.55
C ALA A 122 -49.66 -13.08 32.91
N GLN A 123 -50.87 -12.86 33.43
CA GLN A 123 -51.29 -11.51 33.81
C GLN A 123 -50.58 -10.99 35.05
N SER A 124 -49.84 -11.84 35.76
CA SER A 124 -49.11 -11.43 36.97
C SER A 124 -50.07 -10.94 38.05
N ASN A 125 -51.26 -11.50 38.10
CA ASN A 125 -52.27 -11.15 39.10
C ASN A 125 -52.48 -12.35 40.02
N CYS A 126 -52.29 -12.14 41.32
CA CYS A 126 -52.44 -13.20 42.31
C CYS A 126 -53.84 -13.25 42.92
N GLN A 127 -54.73 -12.34 42.55
CA GLN A 127 -56.08 -12.36 43.11
C GLN A 127 -56.81 -13.63 42.70
N GLU A 128 -56.81 -13.95 41.40
CA GLU A 128 -57.49 -15.15 40.93
C GLU A 128 -56.84 -16.41 41.52
N LEU A 129 -55.51 -16.44 41.57
CA LEU A 129 -54.82 -17.58 42.16
C LEU A 129 -55.15 -17.72 43.64
N GLU A 130 -55.20 -16.60 44.36
CA GLU A 130 -55.57 -16.64 45.77
C GLU A 130 -56.98 -17.17 45.96
N SER A 131 -57.91 -16.72 45.11
CA SER A 131 -59.29 -17.21 45.21
C SER A 131 -59.38 -18.69 44.89
N LEU A 132 -58.62 -19.15 43.91
CA LEU A 132 -58.70 -20.55 43.49
C LEU A 132 -57.95 -21.50 44.41
N LEU A 133 -56.98 -20.99 45.19
CA LEU A 133 -56.21 -21.88 46.04
C LEU A 133 -57.07 -22.64 47.04
N PRO A 134 -57.98 -22.02 47.78
CA PRO A 134 -58.87 -22.80 48.66
C PRO A 134 -59.69 -23.83 47.90
N PHE A 135 -60.14 -23.50 46.70
CA PHE A 135 -60.90 -24.47 45.91
C PHE A 135 -60.06 -25.68 45.57
N LEU A 136 -58.80 -25.45 45.18
CA LEU A 136 -57.90 -26.56 44.89
C LEU A 136 -57.65 -27.39 46.15
N GLN A 137 -57.47 -26.73 47.29
CA GLN A 137 -57.25 -27.45 48.54
C GLN A 137 -58.44 -28.33 48.87
N ARG A 138 -59.66 -27.81 48.72
CA ARG A 138 -60.85 -28.62 48.97
C ARG A 138 -60.95 -29.77 47.98
N SER A 139 -60.66 -29.51 46.70
CA SER A 139 -60.75 -30.53 45.68
C SER A 139 -59.54 -31.46 45.73
N GLU A 152 -48.52 -32.28 25.95
CA GLU A 152 -47.44 -32.59 25.02
C GLU A 152 -46.14 -31.94 25.45
N THR A 153 -46.24 -30.69 25.93
CA THR A 153 -45.06 -29.95 26.36
C THR A 153 -44.64 -30.36 27.77
N GLY A 154 -45.55 -30.25 28.73
CA GLY A 154 -45.28 -30.59 30.11
C GLY A 154 -44.85 -29.44 30.99
N LYS A 155 -45.00 -28.21 30.53
CA LYS A 155 -44.60 -27.05 31.34
C LYS A 155 -45.42 -26.99 32.62
N THR A 156 -44.75 -26.73 33.73
CA THR A 156 -45.40 -26.61 35.02
C THR A 156 -45.77 -25.16 35.31
N CYS A 157 -46.57 -24.96 36.37
CA CYS A 157 -46.98 -23.61 36.73
C CYS A 157 -45.79 -22.74 37.09
N LEU A 158 -44.84 -23.29 37.85
CA LEU A 158 -43.65 -22.52 38.21
C LEU A 158 -42.84 -22.14 36.98
N LEU A 159 -42.67 -23.08 36.04
CA LEU A 159 -41.94 -22.77 34.82
C LEU A 159 -42.65 -21.71 34.00
N LYS A 160 -43.98 -21.80 33.90
CA LYS A 160 -44.72 -20.79 33.15
C LYS A 160 -44.60 -19.42 33.80
N ALA A 161 -44.68 -19.37 35.13
CA ALA A 161 -44.53 -18.09 35.83
C ALA A 161 -43.14 -17.52 35.61
N MET A 162 -42.11 -18.36 35.69
CA MET A 162 -40.74 -17.88 35.48
C MET A 162 -40.56 -17.35 34.06
N LEU A 163 -41.09 -18.06 33.07
CA LEU A 163 -40.96 -17.62 31.68
C LEU A 163 -41.69 -16.30 31.45
N ASN A 164 -42.90 -16.17 32.00
CA ASN A 164 -43.71 -14.98 31.80
C ASN A 164 -43.49 -13.99 32.95
N LEU A 165 -42.24 -13.54 33.08
CA LEU A 165 -41.84 -12.58 34.10
C LEU A 165 -41.18 -11.40 33.44
N HIS A 166 -41.58 -10.19 33.86
CA HIS A 166 -41.03 -8.95 33.32
C HIS A 166 -40.52 -8.09 34.46
N ASN A 167 -39.22 -7.77 34.44
CA ASN A 167 -38.60 -6.94 35.46
C ASN A 167 -38.88 -7.50 36.86
N GLY A 168 -38.81 -8.82 36.98
CA GLY A 168 -39.06 -9.46 38.25
C GLY A 168 -40.46 -9.21 38.79
N GLN A 169 -41.45 -9.13 37.91
CA GLN A 169 -42.83 -8.87 38.30
C GLN A 169 -43.61 -10.14 38.59
N ASN A 170 -42.99 -11.31 38.44
CA ASN A 170 -43.66 -12.58 38.70
C ASN A 170 -43.64 -12.84 40.20
N ASP A 171 -44.75 -12.53 40.88
CA ASP A 171 -44.86 -12.73 42.32
C ASP A 171 -45.58 -14.01 42.69
N THR A 172 -46.32 -14.63 41.76
CA THR A 172 -47.04 -15.85 42.05
C THR A 172 -46.12 -17.04 42.26
N ILE A 173 -44.84 -16.92 41.91
CA ILE A 173 -43.92 -18.05 42.06
C ILE A 173 -43.79 -18.45 43.52
N ALA A 174 -43.61 -17.46 44.40
CA ALA A 174 -43.45 -17.75 45.82
C ALA A 174 -44.71 -18.39 46.39
N LEU A 175 -45.88 -17.86 46.05
CA LEU A 175 -47.12 -18.42 46.54
C LEU A 175 -47.32 -19.85 46.04
N LEU A 176 -47.02 -20.09 44.76
CA LEU A 176 -47.16 -21.43 44.22
C LEU A 176 -46.21 -22.41 44.91
N LEU A 177 -44.96 -21.99 45.15
CA LEU A 177 -44.02 -22.86 45.84
C LEU A 177 -44.49 -23.15 47.26
N ASP A 178 -45.00 -22.14 47.96
CA ASP A 178 -45.49 -22.35 49.32
C ASP A 178 -46.67 -23.32 49.32
N VAL A 179 -47.60 -23.16 48.37
CA VAL A 179 -48.74 -24.06 48.29
C VAL A 179 -48.29 -25.48 48.01
N ALA A 180 -47.34 -25.64 47.08
CA ALA A 180 -46.83 -26.97 46.76
C ALA A 180 -46.17 -27.61 47.97
N ARG A 181 -45.38 -26.83 48.72
CA ARG A 181 -44.78 -27.36 49.94
C ARG A 181 -45.84 -27.77 50.96
N LYS A 182 -46.88 -26.94 51.11
CA LYS A 182 -47.94 -27.26 52.06
C LYS A 182 -48.73 -28.49 51.63
N THR A 183 -48.78 -28.78 50.34
CA THR A 183 -49.52 -29.94 49.83
C THR A 183 -48.58 -31.13 49.61
N GLN A 188 -41.68 -31.83 45.41
CA GLN A 188 -41.63 -32.65 44.20
C GLN A 188 -41.93 -31.83 42.96
N PHE A 189 -42.59 -30.68 43.15
CA PHE A 189 -42.94 -29.83 42.03
C PHE A 189 -41.80 -28.95 41.57
N VAL A 190 -40.80 -28.70 42.44
CA VAL A 190 -39.68 -27.86 42.05
C VAL A 190 -38.87 -28.53 40.95
N ASN A 191 -38.74 -29.85 41.00
CA ASN A 191 -37.94 -30.59 40.03
C ASN A 191 -38.69 -30.89 38.74
N ALA A 192 -39.96 -30.50 38.63
CA ALA A 192 -40.70 -30.74 37.41
C ALA A 192 -40.00 -30.08 36.23
N SER A 193 -39.88 -30.83 35.13
CA SER A 193 -39.15 -30.38 33.96
C SER A 193 -39.94 -30.72 32.71
N TYR A 194 -39.72 -29.94 31.65
CA TYR A 194 -40.36 -30.20 30.37
C TYR A 194 -39.95 -31.57 29.85
N THR A 195 -40.94 -32.34 29.41
CA THR A 195 -40.70 -33.70 28.92
C THR A 195 -40.52 -33.76 27.40
N ASP A 196 -40.68 -32.64 26.70
CA ASP A 196 -40.53 -32.65 25.26
C ASP A 196 -39.08 -32.92 24.87
N SER A 197 -38.88 -33.73 23.83
CA SER A 197 -37.53 -34.04 23.39
C SER A 197 -36.76 -32.79 23.01
N TYR A 198 -37.44 -31.78 22.47
CA TYR A 198 -36.76 -30.54 22.10
C TYR A 198 -36.25 -29.80 23.34
N TYR A 199 -37.03 -29.80 24.42
CA TYR A 199 -36.69 -29.07 25.63
C TYR A 199 -36.53 -30.00 26.84
N LYS A 200 -36.23 -31.27 26.60
CA LYS A 200 -36.13 -32.22 27.70
C LYS A 200 -35.09 -31.77 28.71
N GLY A 201 -35.44 -31.88 29.99
CA GLY A 201 -34.53 -31.61 31.08
C GLY A 201 -34.58 -30.21 31.65
N GLN A 202 -35.14 -29.24 30.91
CA GLN A 202 -35.18 -27.87 31.41
C GLN A 202 -36.04 -27.81 32.69
N THR A 203 -35.54 -27.05 33.66
CA THR A 203 -36.22 -26.87 34.94
C THR A 203 -36.26 -25.39 35.28
N ALA A 204 -36.84 -25.07 36.44
CA ALA A 204 -36.93 -23.68 36.88
C ALA A 204 -35.55 -23.09 37.10
N LEU A 205 -34.60 -23.89 37.58
CA LEU A 205 -33.26 -23.37 37.85
C LEU A 205 -32.59 -22.89 36.57
N HIS A 206 -32.74 -23.65 35.47
CA HIS A 206 -32.15 -23.23 34.21
C HIS A 206 -32.75 -21.92 33.73
N ILE A 207 -34.07 -21.78 33.83
CA ILE A 207 -34.72 -20.54 33.40
C ILE A 207 -34.24 -19.37 34.25
N ALA A 208 -34.13 -19.57 35.56
CA ALA A 208 -33.64 -18.51 36.44
C ALA A 208 -32.21 -18.12 36.09
N ILE A 209 -31.36 -19.11 35.83
CA ILE A 209 -29.96 -18.84 35.52
C ILE A 209 -29.85 -18.06 34.22
N GLU A 210 -30.60 -18.49 33.20
CA GLU A 210 -30.54 -17.80 31.91
C GLU A 210 -31.03 -16.37 32.03
N ARG A 211 -32.06 -16.13 32.84
CA ARG A 211 -32.63 -14.80 32.99
C ARG A 211 -31.73 -13.84 33.77
N ARG A 212 -30.64 -14.34 34.35
CA ARG A 212 -29.70 -13.51 35.12
C ARG A 212 -30.36 -12.97 36.39
N ASN A 213 -31.17 -13.79 37.03
CA ASN A 213 -31.83 -13.44 38.28
C ASN A 213 -31.08 -14.13 39.42
N MET A 214 -30.22 -13.37 40.11
CA MET A 214 -29.49 -13.93 41.24
C MET A 214 -30.45 -14.26 42.39
N THR A 215 -31.34 -13.33 42.73
CA THR A 215 -32.28 -13.56 43.82
C THR A 215 -33.22 -14.71 43.51
N LEU A 216 -33.76 -14.75 42.29
CA LEU A 216 -34.66 -15.83 41.91
C LEU A 216 -33.92 -17.16 41.89
N VAL A 217 -32.68 -17.17 41.41
CA VAL A 217 -31.90 -18.40 41.39
C VAL A 217 -31.68 -18.91 42.81
N THR A 218 -31.30 -18.01 43.73
CA THR A 218 -31.08 -18.40 45.11
C THR A 218 -32.36 -18.93 45.73
N LEU A 219 -33.50 -18.25 45.50
CA LEU A 219 -34.76 -18.70 46.06
C LEU A 219 -35.14 -20.07 45.54
N LEU A 220 -34.99 -20.31 44.23
CA LEU A 220 -35.32 -21.61 43.66
C LEU A 220 -34.41 -22.69 44.21
N VAL A 221 -33.12 -22.41 44.33
CA VAL A 221 -32.18 -23.41 44.83
C VAL A 221 -32.49 -23.76 46.28
N GLU A 222 -32.76 -22.75 47.11
CA GLU A 222 -32.99 -23.00 48.52
C GLU A 222 -34.19 -23.91 48.74
N ASN A 223 -35.28 -23.66 48.03
CA ASN A 223 -36.49 -24.48 48.17
C ASN A 223 -36.46 -25.66 47.21
N ALA A 229 -30.10 -31.09 37.62
CA ALA A 229 -30.48 -31.90 36.48
C ALA A 229 -29.68 -31.51 35.24
N ALA A 230 -30.03 -32.10 34.10
CA ALA A 230 -29.33 -31.84 32.84
C ALA A 230 -30.35 -31.58 31.75
N ALA A 231 -30.09 -30.54 30.94
CA ALA A 231 -30.98 -30.18 29.84
C ALA A 231 -30.62 -31.02 28.64
N ASN A 232 -31.21 -32.20 28.55
CA ASN A 232 -30.89 -33.16 27.50
C ASN A 232 -31.63 -32.88 26.20
N GLY A 233 -32.48 -31.86 26.16
CA GLY A 233 -33.29 -31.62 24.99
C GLY A 233 -32.45 -31.29 23.76
N ASP A 234 -33.04 -31.57 22.59
CA ASP A 234 -32.34 -31.33 21.33
C ASP A 234 -31.93 -29.88 21.16
N PHE A 235 -32.63 -28.95 21.80
CA PHE A 235 -32.22 -27.55 21.74
C PHE A 235 -30.84 -27.36 22.35
N PHE A 236 -30.47 -28.19 23.33
CA PHE A 236 -29.22 -28.07 24.06
C PHE A 236 -28.19 -29.09 23.64
N LYS A 237 -28.42 -29.80 22.53
CA LYS A 237 -27.45 -30.74 22.01
C LYS A 237 -26.41 -30.03 21.15
N LYS A 238 -25.32 -30.73 20.87
CA LYS A 238 -24.23 -30.17 20.07
C LYS A 238 -24.74 -29.70 18.72
N PRO A 243 -30.74 -24.28 14.88
CA PRO A 243 -30.94 -23.21 15.86
C PRO A 243 -30.92 -23.72 17.30
N GLY A 244 -29.85 -23.40 18.03
CA GLY A 244 -29.75 -23.82 19.41
C GLY A 244 -28.52 -23.21 20.06
N PHE A 245 -28.43 -23.42 21.37
CA PHE A 245 -27.32 -22.93 22.18
C PHE A 245 -26.76 -24.08 23.00
N TYR A 246 -25.46 -24.28 22.93
CA TYR A 246 -24.77 -25.33 23.67
C TYR A 246 -23.91 -24.71 24.76
N PHE A 247 -24.12 -25.15 25.99
CA PHE A 247 -23.38 -24.63 27.14
C PHE A 247 -23.00 -25.74 28.11
N GLY A 248 -23.03 -27.00 27.66
CA GLY A 248 -23.08 -28.11 28.57
C GLY A 248 -24.52 -28.42 28.94
N GLU A 249 -24.69 -29.34 29.87
CA GLU A 249 -26.00 -29.77 30.31
C GLU A 249 -26.08 -29.83 31.82
N LEU A 250 -25.62 -28.76 32.48
CA LEU A 250 -25.70 -28.63 33.92
C LEU A 250 -25.90 -27.17 34.26
N PRO A 251 -26.57 -26.85 35.38
CA PRO A 251 -26.69 -25.44 35.77
C PRO A 251 -25.35 -24.76 35.94
N LEU A 252 -24.36 -25.47 36.48
CA LEU A 252 -23.04 -24.89 36.69
C LEU A 252 -22.42 -24.50 35.34
N SER A 253 -22.50 -25.39 34.36
CA SER A 253 -21.95 -25.08 33.04
C SER A 253 -22.69 -23.90 32.40
N LEU A 254 -24.02 -23.87 32.53
CA LEU A 254 -24.78 -22.76 31.96
C LEU A 254 -24.37 -21.44 32.60
N ALA A 255 -24.20 -21.42 33.92
CA ALA A 255 -23.75 -20.19 34.58
C ALA A 255 -22.35 -19.81 34.13
N ALA A 256 -21.45 -20.78 34.01
CA ALA A 256 -20.08 -20.47 33.63
C ALA A 256 -20.00 -19.91 32.21
N CYS A 257 -20.78 -20.45 31.29
CA CYS A 257 -20.70 -20.06 29.89
C CYS A 257 -21.41 -18.74 29.59
N THR A 258 -22.06 -18.12 30.57
CA THR A 258 -22.95 -16.99 30.32
C THR A 258 -22.45 -15.68 30.92
N ASN A 259 -21.31 -15.68 31.62
CA ASN A 259 -20.78 -14.49 32.31
C ASN A 259 -21.45 -14.19 33.65
N GLN A 260 -22.13 -15.17 34.23
CA GLN A 260 -22.74 -15.01 35.55
C GLN A 260 -21.81 -15.63 36.60
N LEU A 261 -20.70 -14.95 36.85
CA LEU A 261 -19.68 -15.49 37.76
C LEU A 261 -20.21 -15.64 39.17
N ALA A 262 -21.00 -14.68 39.64
CA ALA A 262 -21.53 -14.76 40.99
C ALA A 262 -22.37 -16.00 41.18
N ILE A 263 -23.18 -16.34 40.18
CA ILE A 263 -24.00 -17.54 40.27
C ILE A 263 -23.13 -18.78 40.27
N VAL A 264 -22.03 -18.77 39.51
CA VAL A 264 -21.09 -19.89 39.54
C VAL A 264 -20.57 -20.08 40.97
N LYS A 265 -20.11 -19.00 41.58
CA LYS A 265 -19.59 -19.10 42.95
C LYS A 265 -20.66 -19.61 43.91
N PHE A 266 -21.87 -19.04 43.83
CA PHE A 266 -22.93 -19.43 44.74
C PHE A 266 -23.27 -20.90 44.59
N LEU A 267 -23.38 -21.37 43.34
CA LEU A 267 -23.68 -22.78 43.11
C LEU A 267 -22.56 -23.67 43.65
N LEU A 268 -21.30 -23.26 43.45
CA LEU A 268 -20.18 -24.07 43.91
C LEU A 268 -20.16 -24.18 45.44
N GLN A 269 -20.43 -23.07 46.14
CA GLN A 269 -20.37 -23.04 47.60
C GLN A 269 -21.73 -22.68 48.20
N ASN A 270 -22.80 -23.19 47.62
CA ASN A 270 -24.14 -22.99 48.17
C ASN A 270 -24.34 -23.89 49.38
N SER A 271 -24.72 -23.28 50.51
CA SER A 271 -24.89 -24.05 51.74
C SER A 271 -25.99 -25.09 51.60
N TRP A 272 -27.12 -24.71 51.00
CA TRP A 272 -28.23 -25.65 50.86
C TRP A 272 -27.82 -26.86 50.01
N GLN A 273 -27.13 -26.62 48.90
CA GLN A 273 -26.67 -27.70 48.04
C GLN A 273 -25.51 -27.21 47.19
N PRO A 274 -24.33 -27.84 47.26
CA PRO A 274 -23.23 -27.43 46.38
C PRO A 274 -23.20 -28.25 45.09
N ALA A 275 -22.90 -27.56 43.99
CA ALA A 275 -22.81 -28.20 42.70
C ALA A 275 -21.52 -29.01 42.60
N ASP A 276 -21.54 -30.03 41.73
CA ASP A 276 -20.39 -30.90 41.53
C ASP A 276 -19.52 -30.29 40.42
N ILE A 277 -18.32 -29.85 40.80
CA ILE A 277 -17.43 -29.20 39.84
C ILE A 277 -16.96 -30.18 38.78
N SER A 278 -16.74 -31.44 39.15
CA SER A 278 -16.18 -32.44 38.24
C SER A 278 -17.24 -33.21 37.46
N ALA A 279 -18.51 -32.85 37.58
CA ALA A 279 -19.55 -33.56 36.87
C ALA A 279 -19.40 -33.38 35.36
N ARG A 280 -19.87 -34.36 34.61
CA ARG A 280 -19.77 -34.38 33.17
C ARG A 280 -21.13 -34.63 32.56
N ASP A 281 -21.41 -33.99 31.43
CA ASP A 281 -22.69 -34.13 30.74
C ASP A 281 -22.68 -35.39 29.88
N SER A 282 -23.68 -35.51 29.01
CA SER A 282 -23.81 -36.71 28.20
C SER A 282 -22.58 -36.95 27.34
N VAL A 283 -22.10 -35.90 26.67
CA VAL A 283 -20.89 -36.02 25.84
C VAL A 283 -19.64 -36.16 26.68
N GLY A 284 -19.72 -35.92 27.99
CA GLY A 284 -18.58 -36.03 28.86
C GLY A 284 -17.87 -34.72 29.14
N ASN A 285 -18.29 -33.62 28.52
CA ASN A 285 -17.66 -32.34 28.76
C ASN A 285 -17.92 -31.87 30.19
N THR A 286 -16.87 -31.38 30.84
CA THR A 286 -17.02 -30.72 32.13
C THR A 286 -17.23 -29.23 31.89
N VAL A 287 -17.16 -28.43 32.96
CA VAL A 287 -17.34 -26.99 32.80
C VAL A 287 -16.19 -26.41 31.98
N LEU A 288 -14.98 -26.95 32.16
CA LEU A 288 -13.83 -26.45 31.39
C LEU A 288 -13.97 -26.83 29.91
N HIS A 289 -14.39 -28.05 29.63
CA HIS A 289 -14.65 -28.44 28.25
C HIS A 289 -15.71 -27.54 27.63
N ALA A 290 -16.78 -27.26 28.36
CA ALA A 290 -17.83 -26.39 27.84
C ALA A 290 -17.31 -24.98 27.58
N LEU A 291 -16.47 -24.46 28.47
CA LEU A 291 -15.88 -23.14 28.25
C LEU A 291 -15.02 -23.13 26.99
N VAL A 292 -14.25 -24.20 26.76
CA VAL A 292 -13.45 -24.28 25.55
C VAL A 292 -14.36 -24.32 24.32
N GLU A 293 -15.44 -25.09 24.39
CA GLU A 293 -16.35 -25.21 23.24
C GLU A 293 -16.96 -23.86 22.89
N VAL A 294 -17.27 -23.04 23.90
CA VAL A 294 -17.94 -21.77 23.65
C VAL A 294 -17.02 -20.82 22.91
N ALA A 295 -15.73 -20.84 23.21
CA ALA A 295 -14.80 -19.86 22.64
C ALA A 295 -14.88 -19.86 21.12
N ASP A 296 -14.88 -18.66 20.54
CA ASP A 296 -14.99 -18.49 19.09
C ASP A 296 -13.91 -17.57 18.53
N ASN A 297 -12.86 -17.31 19.31
CA ASN A 297 -11.66 -16.56 18.93
C ASN A 297 -11.92 -15.05 18.87
N THR A 298 -13.11 -14.57 19.18
CA THR A 298 -13.32 -13.14 19.31
C THR A 298 -12.57 -12.61 20.53
N VAL A 299 -12.07 -11.38 20.41
CA VAL A 299 -11.19 -10.84 21.44
C VAL A 299 -11.91 -10.79 22.79
N ASP A 300 -13.12 -10.21 22.81
CA ASP A 300 -13.89 -10.17 24.04
C ASP A 300 -14.27 -11.59 24.49
N ASN A 301 -14.68 -12.43 23.55
CA ASN A 301 -15.02 -13.81 23.88
C ASN A 301 -13.81 -14.54 24.44
N THR A 302 -12.63 -14.34 23.84
CA THR A 302 -11.42 -14.97 24.35
C THR A 302 -11.11 -14.48 25.77
N LYS A 303 -11.22 -13.18 26.00
CA LYS A 303 -10.94 -12.63 27.33
C LYS A 303 -11.85 -13.26 28.37
N PHE A 304 -13.16 -13.23 28.11
CA PHE A 304 -14.10 -13.99 28.93
C PHE A 304 -13.69 -15.43 29.18
N VAL A 305 -13.51 -16.21 28.11
CA VAL A 305 -13.37 -17.64 28.32
C VAL A 305 -12.13 -17.93 29.14
N THR A 306 -11.03 -17.22 28.85
CA THR A 306 -9.82 -17.41 29.64
C THR A 306 -10.03 -17.00 31.10
N SER A 307 -10.69 -15.86 31.33
CA SER A 307 -10.87 -15.39 32.71
C SER A 307 -11.71 -16.37 33.52
N MET A 308 -12.83 -16.81 32.95
CA MET A 308 -13.70 -17.75 33.65
C MET A 308 -13.00 -19.09 33.86
N TYR A 309 -12.23 -19.54 32.87
CA TYR A 309 -11.45 -20.76 33.02
C TYR A 309 -10.53 -20.65 34.23
N ASN A 310 -9.81 -19.53 34.33
CA ASN A 310 -8.90 -19.33 35.45
C ASN A 310 -9.65 -19.31 36.78
N GLU A 311 -10.77 -18.59 36.83
CA GLU A 311 -11.53 -18.49 38.09
C GLU A 311 -12.02 -19.87 38.53
N ILE A 312 -12.61 -20.63 37.61
CA ILE A 312 -13.13 -21.95 37.98
C ILE A 312 -11.98 -22.85 38.39
N LEU A 313 -10.83 -22.76 37.71
CA LEU A 313 -9.69 -23.58 38.09
C LEU A 313 -9.25 -23.27 39.51
N ILE A 314 -9.14 -21.98 39.85
CA ILE A 314 -8.68 -21.60 41.18
C ILE A 314 -9.66 -22.06 42.24
N LEU A 315 -10.96 -21.85 42.00
CA LEU A 315 -11.95 -22.27 42.99
C LEU A 315 -11.95 -23.78 43.17
N GLY A 316 -11.88 -24.53 42.06
CA GLY A 316 -11.82 -25.97 42.17
C GLY A 316 -10.61 -26.45 42.95
N ALA A 317 -9.46 -25.80 42.72
CA ALA A 317 -8.27 -26.16 43.50
C ALA A 317 -8.48 -25.86 44.98
N LYS A 318 -9.07 -24.70 45.30
CA LYS A 318 -9.30 -24.37 46.71
C LYS A 318 -10.21 -25.39 47.38
N LEU A 319 -11.29 -25.78 46.71
CA LEU A 319 -12.23 -26.71 47.32
C LEU A 319 -11.67 -28.13 47.37
N HIS A 320 -11.06 -28.60 46.28
CA HIS A 320 -10.64 -29.99 46.14
C HIS A 320 -9.19 -30.03 45.63
N PRO A 321 -8.21 -29.78 46.50
CA PRO A 321 -6.82 -29.78 46.03
C PRO A 321 -6.37 -31.09 45.42
N THR A 322 -6.86 -32.23 45.95
CA THR A 322 -6.38 -33.52 45.48
C THR A 322 -6.75 -33.75 44.01
N LEU A 323 -7.97 -33.37 43.62
CA LEU A 323 -8.44 -33.65 42.27
C LEU A 323 -7.68 -32.82 41.24
N LYS A 324 -7.31 -33.46 40.14
CA LYS A 324 -6.68 -32.80 39.00
C LYS A 324 -7.76 -32.57 37.94
N LEU A 325 -8.26 -31.33 37.87
CA LEU A 325 -9.42 -31.05 37.03
C LEU A 325 -9.07 -31.15 35.55
N GLU A 326 -7.94 -30.57 35.15
CA GLU A 326 -7.58 -30.54 33.74
C GLU A 326 -7.34 -31.92 33.16
N GLU A 327 -6.94 -32.89 33.98
CA GLU A 327 -6.64 -34.23 33.48
C GLU A 327 -7.89 -34.94 32.95
N ILE A 328 -9.08 -34.53 33.37
CA ILE A 328 -10.29 -35.22 32.96
C ILE A 328 -10.47 -35.08 31.45
N THR A 329 -11.13 -36.07 30.85
CA THR A 329 -11.36 -36.12 29.43
C THR A 329 -12.84 -36.36 29.15
N ASN A 330 -13.28 -35.96 27.96
CA ASN A 330 -14.64 -36.20 27.52
C ASN A 330 -14.72 -37.58 26.87
N ARG A 331 -15.86 -37.90 26.25
CA ARG A 331 -16.02 -39.22 25.64
C ARG A 331 -15.01 -39.45 24.52
N LYS A 332 -14.78 -38.43 23.69
CA LYS A 332 -13.82 -38.58 22.60
C LYS A 332 -12.41 -38.84 23.11
N GLY A 333 -12.10 -38.44 24.34
CA GLY A 333 -10.80 -38.66 24.92
C GLY A 333 -9.89 -37.46 24.97
N LEU A 334 -10.39 -36.26 24.67
CA LEU A 334 -9.59 -35.05 24.66
C LEU A 334 -9.72 -34.30 25.98
N THR A 335 -8.64 -33.65 26.37
CA THR A 335 -8.63 -32.76 27.53
C THR A 335 -8.93 -31.34 27.09
N PRO A 336 -9.19 -30.43 28.04
CA PRO A 336 -9.44 -29.04 27.63
C PRO A 336 -8.30 -28.45 26.80
N LEU A 337 -7.06 -28.76 27.14
CA LEU A 337 -5.93 -28.27 26.34
C LEU A 337 -5.90 -28.95 24.98
N ALA A 338 -6.04 -30.28 24.97
CA ALA A 338 -6.07 -31.01 23.69
C ALA A 338 -7.28 -30.59 22.88
N LEU A 339 -8.43 -30.39 23.52
CA LEU A 339 -9.62 -29.96 22.79
C LEU A 339 -9.41 -28.58 22.19
N ALA A 340 -8.80 -27.65 22.94
CA ALA A 340 -8.54 -26.33 22.40
C ALA A 340 -7.58 -26.40 21.22
N ALA A 341 -6.54 -27.22 21.32
CA ALA A 341 -5.60 -27.35 20.21
C ALA A 341 -6.28 -27.95 18.99
N SER A 342 -7.13 -28.95 19.20
CA SER A 342 -7.79 -29.62 18.08
C SER A 342 -8.80 -28.71 17.38
N SER A 343 -9.58 -27.94 18.16
CA SER A 343 -10.65 -27.15 17.60
C SER A 343 -10.18 -25.84 16.99
N GLY A 344 -8.91 -25.50 17.12
CA GLY A 344 -8.39 -24.27 16.54
C GLY A 344 -8.53 -23.05 17.42
N LYS A 345 -8.95 -23.20 18.67
CA LYS A 345 -9.08 -22.05 19.56
C LYS A 345 -7.69 -21.58 19.97
N ILE A 346 -7.15 -20.61 19.23
CA ILE A 346 -5.79 -20.16 19.48
C ILE A 346 -5.70 -19.39 20.80
N GLY A 347 -6.73 -18.61 21.12
CA GLY A 347 -6.68 -17.81 22.34
C GLY A 347 -6.62 -18.67 23.59
N VAL A 348 -7.49 -19.68 23.67
CA VAL A 348 -7.49 -20.55 24.85
C VAL A 348 -6.18 -21.33 24.93
N LEU A 349 -5.68 -21.80 23.79
CA LEU A 349 -4.40 -22.50 23.78
C LEU A 349 -3.28 -21.61 24.29
N ALA A 350 -3.23 -20.37 23.80
CA ALA A 350 -2.19 -19.45 24.23
C ALA A 350 -2.28 -19.16 25.72
N TYR A 351 -3.51 -19.01 26.23
CA TYR A 351 -3.68 -18.80 27.67
C TYR A 351 -3.17 -20.01 28.45
N ILE A 352 -3.62 -21.21 28.08
CA ILE A 352 -3.29 -22.40 28.85
C ILE A 352 -1.80 -22.66 28.83
N LEU A 353 -1.17 -22.57 27.66
CA LEU A 353 0.22 -23.00 27.51
C LEU A 353 1.14 -22.19 28.42
N GLN A 354 0.93 -20.88 28.48
CA GLN A 354 1.77 -19.97 29.25
C GLN A 354 0.89 -19.23 30.25
N ARG A 355 0.67 -19.84 31.41
CA ARG A 355 -0.11 -19.23 32.49
C ARG A 355 0.63 -19.42 33.80
N GLU A 356 0.68 -18.36 34.60
CA GLU A 356 1.33 -18.39 35.90
C GLU A 356 0.38 -17.79 36.93
N ILE A 357 0.14 -18.53 38.01
CA ILE A 357 -0.66 -18.05 39.13
C ILE A 357 0.30 -17.79 40.28
N HIS A 358 0.53 -16.52 40.59
CA HIS A 358 1.51 -16.15 41.59
C HIS A 358 1.03 -16.40 43.02
N GLU A 359 -0.26 -16.66 43.22
CA GLU A 359 -0.79 -16.86 44.55
C GLU A 359 -0.11 -18.05 45.20
N PRO A 360 0.51 -17.90 46.38
CA PRO A 360 1.12 -19.09 47.03
C PRO A 360 0.10 -20.17 47.36
N GLU A 361 -1.15 -19.80 47.57
CA GLU A 361 -2.17 -20.80 47.91
C GLU A 361 -2.33 -21.82 46.79
N CYS A 362 -2.39 -21.35 45.54
CA CYS A 362 -2.53 -22.21 44.37
C CYS A 362 -1.48 -21.77 43.35
N ARG A 363 -0.27 -22.30 43.47
CA ARG A 363 0.82 -22.01 42.54
C ARG A 363 1.12 -23.17 41.61
N HIS A 364 0.89 -24.41 42.03
CA HIS A 364 1.13 -25.56 41.18
C HIS A 364 0.22 -25.55 39.95
N LEU A 365 -0.84 -24.75 39.96
CA LEU A 365 -1.71 -24.64 38.79
C LEU A 365 -1.11 -23.66 37.78
N SER A 366 0.17 -23.85 37.45
CA SER A 366 0.85 -22.96 36.53
C SER A 366 1.76 -23.79 35.63
N ARG A 367 2.07 -23.22 34.46
CA ARG A 367 2.91 -23.89 33.49
C ARG A 367 4.17 -23.12 33.13
N LYS A 368 4.19 -21.80 33.32
CA LYS A 368 5.35 -20.97 33.02
C LYS A 368 5.87 -20.36 34.32
N PHE A 369 7.04 -20.80 34.75
CA PHE A 369 7.67 -20.33 35.98
C PHE A 369 8.74 -19.30 35.64
N THR A 370 9.52 -18.90 36.67
CA THR A 370 10.62 -17.96 36.49
C THR A 370 11.82 -18.53 37.23
N GLU A 371 12.75 -19.12 36.48
CA GLU A 371 13.90 -19.77 37.09
C GLU A 371 14.72 -18.79 37.91
N TRP A 372 14.99 -17.61 37.36
CA TRP A 372 15.75 -16.60 38.11
C TRP A 372 15.69 -15.27 37.38
N ALA A 373 16.23 -14.24 38.04
CA ALA A 373 16.30 -12.89 37.51
C ALA A 373 17.30 -12.11 38.35
N TYR A 374 18.18 -11.36 37.67
CA TYR A 374 19.18 -10.55 38.36
C TYR A 374 18.96 -9.06 38.16
N GLY A 375 18.91 -8.59 36.92
CA GLY A 375 18.67 -7.20 36.64
C GLY A 375 17.49 -7.04 35.70
N PRO A 376 17.73 -6.55 34.48
CA PRO A 376 16.72 -6.65 33.43
C PRO A 376 16.70 -7.99 32.70
N VAL A 377 17.41 -8.98 33.21
CA VAL A 377 17.54 -10.29 32.59
C VAL A 377 16.90 -11.32 33.50
N HIS A 378 16.09 -12.21 32.92
CA HIS A 378 15.47 -13.27 33.71
C HIS A 378 15.21 -14.49 32.84
N SER A 379 15.43 -15.66 33.43
CA SER A 379 15.22 -16.93 32.73
C SER A 379 14.02 -17.63 33.36
N SER A 380 13.12 -18.11 32.50
CA SER A 380 11.87 -18.75 32.88
C SER A 380 11.80 -20.16 32.30
N LEU A 381 10.79 -20.91 32.74
CA LEU A 381 10.60 -22.29 32.33
C LEU A 381 9.17 -22.47 31.82
N TYR A 382 8.97 -23.51 31.02
CA TYR A 382 7.66 -23.91 30.54
C TYR A 382 7.45 -25.39 30.81
N ASP A 383 6.20 -25.78 31.04
CA ASP A 383 5.93 -27.11 31.60
C ASP A 383 6.23 -28.22 30.60
N LEU A 384 5.76 -28.09 29.37
CA LEU A 384 5.93 -29.14 28.36
C LEU A 384 5.40 -30.49 28.84
N SER A 385 4.35 -30.49 29.67
CA SER A 385 3.83 -31.73 30.21
C SER A 385 3.32 -32.64 29.10
N CYS A 386 2.29 -32.21 28.38
CA CYS A 386 1.73 -32.95 27.25
C CYS A 386 1.83 -32.13 25.97
N ILE A 387 2.89 -31.34 25.86
CA ILE A 387 3.17 -30.62 24.62
C ILE A 387 4.10 -31.42 23.72
N ASP A 388 5.03 -32.17 24.32
CA ASP A 388 6.02 -32.94 23.58
C ASP A 388 5.61 -34.40 23.42
N THR A 389 5.32 -35.08 24.53
CA THR A 389 4.89 -36.47 24.50
C THR A 389 3.76 -36.65 25.51
N CYS A 390 2.60 -37.10 25.05
CA CYS A 390 1.47 -37.39 25.90
C CYS A 390 0.93 -38.77 25.56
N GLU A 391 0.34 -39.43 26.56
CA GLU A 391 -0.15 -40.78 26.36
C GLU A 391 -1.23 -40.83 25.30
N LYS A 392 -2.20 -39.92 25.37
CA LYS A 392 -3.29 -39.92 24.41
C LYS A 392 -2.91 -39.21 23.12
N ASN A 393 -2.61 -37.92 23.20
CA ASN A 393 -2.23 -37.15 22.01
C ASN A 393 -1.61 -35.84 22.46
N SER A 394 -0.38 -35.58 22.04
CA SER A 394 0.28 -34.34 22.38
C SER A 394 -0.30 -33.18 21.57
N VAL A 395 -0.03 -31.96 22.04
CA VAL A 395 -0.56 -30.77 21.36
C VAL A 395 0.11 -30.59 20.00
N LEU A 396 1.41 -30.89 19.92
CA LEU A 396 2.12 -30.69 18.66
C LEU A 396 1.53 -31.55 17.55
N GLU A 397 1.30 -32.83 17.82
CA GLU A 397 0.79 -33.72 16.78
C GLU A 397 -0.69 -33.45 16.50
N VAL A 398 -1.43 -32.96 17.49
CA VAL A 398 -2.83 -32.60 17.25
C VAL A 398 -2.91 -31.38 16.34
N ILE A 399 -2.02 -30.41 16.54
CA ILE A 399 -2.00 -29.23 15.67
C ILE A 399 -1.53 -29.60 14.27
N ALA A 400 -0.44 -30.36 14.18
CA ALA A 400 0.18 -30.62 12.88
C ALA A 400 -0.67 -31.57 12.04
N TYR A 401 -1.21 -32.61 12.64
CA TYR A 401 -1.94 -33.64 11.91
C TYR A 401 -3.42 -33.30 11.74
N SER A 402 -3.82 -32.05 11.97
CA SER A 402 -5.20 -31.67 11.76
C SER A 402 -5.52 -31.64 10.27
N SER A 403 -6.78 -31.94 9.95
CA SER A 403 -7.22 -32.11 8.57
C SER A 403 -7.52 -30.79 7.86
N SER A 404 -7.03 -29.67 8.38
CA SER A 404 -7.16 -28.36 7.74
C SER A 404 -8.58 -27.82 7.88
N GLU A 405 -9.51 -28.62 8.41
CA GLU A 405 -10.80 -28.07 8.81
C GLU A 405 -10.64 -27.16 10.01
N THR A 406 -9.61 -27.38 10.81
CA THR A 406 -9.31 -26.48 11.91
C THR A 406 -9.00 -25.09 11.36
N PRO A 407 -9.57 -24.03 11.92
CA PRO A 407 -9.41 -22.70 11.31
C PRO A 407 -7.98 -22.27 11.01
N ASN A 408 -7.12 -22.28 12.03
CA ASN A 408 -5.85 -21.57 11.97
C ASN A 408 -4.69 -22.44 12.45
N ARG A 409 -4.58 -23.66 11.89
CA ARG A 409 -3.43 -24.51 12.17
C ARG A 409 -2.12 -23.76 11.98
N HIS A 410 -2.04 -22.96 10.92
CA HIS A 410 -0.77 -22.33 10.56
C HIS A 410 -0.28 -21.39 11.66
N ASP A 411 -1.19 -20.65 12.29
CA ASP A 411 -0.83 -19.69 13.31
C ASP A 411 -0.79 -20.29 14.71
N MET A 412 -1.18 -21.56 14.87
CA MET A 412 -1.20 -22.18 16.19
C MET A 412 0.17 -22.63 16.67
N LEU A 413 1.18 -22.63 15.80
CA LEU A 413 2.54 -23.00 16.18
C LEU A 413 3.39 -21.80 16.55
N LEU A 414 2.84 -20.58 16.48
CA LEU A 414 3.58 -19.39 16.87
C LEU A 414 3.55 -19.12 18.37
N VAL A 415 2.81 -19.94 19.13
CA VAL A 415 2.72 -19.70 20.57
C VAL A 415 4.11 -19.86 21.20
N GLU A 416 4.25 -19.31 22.40
CA GLU A 416 5.58 -19.10 22.97
C GLU A 416 6.43 -20.37 23.03
N PRO A 417 5.95 -21.48 23.57
CA PRO A 417 6.84 -22.65 23.73
C PRO A 417 7.06 -23.43 22.44
N LEU A 418 6.04 -23.46 21.57
CA LEU A 418 6.02 -24.44 20.48
C LEU A 418 7.06 -24.12 19.41
N ASN A 419 7.18 -22.84 19.02
CA ASN A 419 8.13 -22.49 17.97
C ASN A 419 9.56 -22.79 18.41
N ARG A 420 9.91 -22.40 19.64
CA ARG A 420 11.24 -22.68 20.15
C ARG A 420 11.47 -24.17 20.31
N LEU A 421 10.45 -24.92 20.72
CA LEU A 421 10.60 -26.37 20.86
C LEU A 421 10.88 -27.01 19.51
N LEU A 422 10.14 -26.60 18.48
CA LEU A 422 10.36 -27.15 17.15
C LEU A 422 11.75 -26.79 16.62
N GLN A 423 12.18 -25.54 16.84
CA GLN A 423 13.51 -25.16 16.40
C GLN A 423 14.58 -25.94 17.13
N ASP A 424 14.38 -26.20 18.43
CA ASP A 424 15.32 -27.02 19.18
C ASP A 424 15.41 -28.42 18.60
N LYS A 425 14.25 -29.02 18.31
CA LYS A 425 14.25 -30.37 17.72
C LYS A 425 14.96 -30.37 16.38
N TRP A 426 14.71 -29.36 15.55
CA TRP A 426 15.37 -29.28 14.25
C TRP A 426 16.88 -29.20 14.41
N ASP A 427 17.35 -28.26 15.23
CA ASP A 427 18.79 -28.05 15.37
C ASP A 427 19.48 -29.24 16.02
N ARG A 428 18.80 -29.94 16.92
CA ARG A 428 19.49 -30.95 17.73
C ARG A 428 19.77 -32.23 16.94
N PHE A 429 18.73 -32.88 16.42
CA PHE A 429 18.92 -34.21 15.85
C PHE A 429 18.17 -34.48 14.54
N VAL A 430 17.38 -33.54 14.02
CA VAL A 430 16.55 -33.84 12.86
C VAL A 430 17.21 -33.35 11.59
N LYS A 431 18.02 -32.29 11.70
CA LYS A 431 18.63 -31.70 10.51
C LYS A 431 19.55 -32.70 9.82
N ARG A 432 20.37 -33.42 10.59
CA ARG A 432 21.29 -34.38 10.00
C ARG A 432 20.55 -35.52 9.30
N ILE A 433 19.47 -36.02 9.91
CA ILE A 433 18.71 -37.10 9.30
C ILE A 433 18.04 -36.61 8.03
N PHE A 434 17.52 -35.38 8.04
CA PHE A 434 16.92 -34.83 6.84
C PHE A 434 17.93 -34.73 5.71
N TYR A 435 19.14 -34.25 6.01
CA TYR A 435 20.16 -34.14 4.98
C TYR A 435 20.60 -35.51 4.48
N PHE A 436 20.69 -36.49 5.37
CA PHE A 436 21.04 -37.85 4.93
C PHE A 436 19.97 -38.40 3.99
N ASN A 437 18.70 -38.17 4.32
CA ASN A 437 17.61 -38.61 3.44
C ASN A 437 17.71 -37.93 2.09
N PHE A 438 18.00 -36.63 2.07
CA PHE A 438 18.15 -35.93 0.81
C PHE A 438 19.29 -36.51 -0.02
N PHE A 439 20.41 -36.80 0.62
CA PHE A 439 21.56 -37.38 -0.08
C PHE A 439 21.21 -38.75 -0.66
N VAL A 440 20.52 -39.58 0.11
CA VAL A 440 20.16 -40.92 -0.38
C VAL A 440 19.19 -40.81 -1.55
N TYR A 441 18.25 -39.88 -1.49
CA TYR A 441 17.35 -39.69 -2.63
C TYR A 441 18.11 -39.22 -3.86
N CYS A 442 19.09 -38.34 -3.68
CA CYS A 442 19.92 -37.92 -4.80
C CYS A 442 20.62 -39.11 -5.43
N LEU A 443 21.19 -39.99 -4.60
CA LEU A 443 21.86 -41.17 -5.14
C LEU A 443 20.88 -42.07 -5.89
N TYR A 444 19.69 -42.27 -5.33
CA TYR A 444 18.69 -43.09 -6.00
C TYR A 444 18.31 -42.51 -7.35
N MET A 445 18.12 -41.19 -7.42
CA MET A 445 17.73 -40.56 -8.67
C MET A 445 18.85 -40.64 -9.70
N ILE A 446 20.11 -40.49 -9.27
CA ILE A 446 21.22 -40.60 -10.19
C ILE A 446 21.32 -42.02 -10.75
N ILE A 447 21.17 -43.03 -9.89
CA ILE A 447 21.19 -44.41 -10.36
C ILE A 447 20.06 -44.67 -11.34
N PHE A 448 18.85 -44.18 -11.01
CA PHE A 448 17.72 -44.36 -11.90
C PHE A 448 17.95 -43.71 -13.25
N THR A 449 18.48 -42.49 -13.26
CA THR A 449 18.75 -41.80 -14.52
C THR A 449 19.79 -42.55 -15.33
N ALA A 450 20.85 -43.02 -14.70
CA ALA A 450 21.90 -43.73 -15.43
C ALA A 450 21.39 -45.05 -16.00
N ALA A 451 20.57 -45.77 -15.24
CA ALA A 451 20.06 -47.06 -15.71
C ALA A 451 19.00 -46.90 -16.79
N ALA A 452 18.19 -45.84 -16.72
CA ALA A 452 17.19 -45.61 -17.75
C ALA A 452 17.81 -45.07 -19.03
N TYR A 453 18.90 -44.31 -18.92
CA TYR A 453 19.56 -43.77 -20.11
C TYR A 453 20.09 -44.88 -21.00
N TYR A 454 20.67 -45.92 -20.40
CA TYR A 454 21.32 -47.00 -21.14
C TYR A 454 20.41 -48.21 -21.31
N ARG A 455 19.11 -47.99 -21.43
CA ARG A 455 18.20 -49.11 -21.59
C ARG A 455 18.45 -49.82 -22.92
N PRO A 456 18.27 -51.14 -22.97
CA PRO A 456 18.39 -51.84 -24.25
C PRO A 456 17.39 -51.31 -25.26
N VAL A 457 17.82 -51.20 -26.51
CA VAL A 457 17.01 -50.60 -27.56
C VAL A 457 16.61 -51.60 -28.63
N GLU A 458 17.38 -52.67 -28.83
CA GLU A 458 17.11 -53.65 -29.87
C GLU A 458 16.45 -54.87 -29.25
N GLY A 459 15.29 -55.23 -29.78
CA GLY A 459 14.56 -56.40 -29.34
C GLY A 459 13.24 -56.05 -28.68
N LEU A 460 12.75 -57.00 -27.88
CA LEU A 460 11.49 -56.88 -27.16
C LEU A 460 11.72 -57.34 -25.73
N PRO A 461 11.15 -56.65 -24.74
CA PRO A 461 11.38 -57.06 -23.34
C PRO A 461 10.69 -58.38 -23.06
N PRO A 462 11.16 -59.14 -22.05
CA PRO A 462 12.34 -58.84 -21.21
C PRO A 462 13.64 -59.03 -21.99
N TYR A 463 14.71 -58.40 -21.52
CA TYR A 463 16.00 -58.45 -22.20
C TYR A 463 16.92 -59.39 -21.45
N LYS A 464 17.40 -60.42 -22.14
CA LYS A 464 18.26 -61.40 -21.52
C LYS A 464 19.57 -60.78 -21.07
N LEU A 465 20.09 -61.27 -19.94
CA LEU A 465 21.32 -60.74 -19.38
C LEU A 465 22.52 -61.14 -20.24
N LYS A 466 23.59 -60.36 -20.11
CA LYS A 466 24.84 -60.61 -20.82
C LYS A 466 25.98 -60.62 -19.83
N ASN A 467 27.03 -61.38 -20.15
CA ASN A 467 28.16 -61.54 -19.25
C ASN A 467 28.97 -60.25 -19.10
N THR A 468 28.73 -59.25 -19.93
CA THR A 468 29.49 -58.01 -19.85
C THR A 468 29.25 -57.33 -18.50
N VAL A 469 30.30 -56.66 -18.00
CA VAL A 469 30.20 -55.96 -16.72
C VAL A 469 29.17 -54.83 -16.81
N GLY A 470 29.08 -54.18 -17.97
CA GLY A 470 28.10 -53.13 -18.15
C GLY A 470 26.68 -53.64 -17.95
N ASP A 471 26.40 -54.85 -18.43
CA ASP A 471 25.07 -55.44 -18.22
C ASP A 471 24.81 -55.68 -16.74
N TYR A 472 25.81 -56.16 -16.00
CA TYR A 472 25.63 -56.37 -14.57
C TYR A 472 25.33 -55.05 -13.86
N PHE A 473 26.09 -54.00 -14.19
CA PHE A 473 25.84 -52.71 -13.55
C PHE A 473 24.46 -52.17 -13.91
N ARG A 474 24.05 -52.32 -15.17
CA ARG A 474 22.73 -51.85 -15.58
C ARG A 474 21.62 -52.60 -14.84
N VAL A 475 21.77 -53.91 -14.71
CA VAL A 475 20.75 -54.70 -14.02
C VAL A 475 20.71 -54.32 -12.53
N THR A 476 21.87 -54.06 -11.94
CA THR A 476 21.87 -53.56 -10.56
C THR A 476 21.12 -52.25 -10.44
N GLY A 477 21.33 -51.34 -11.40
CA GLY A 477 20.60 -50.09 -11.40
C GLY A 477 19.09 -50.30 -11.50
N GLU A 478 18.67 -51.20 -12.39
CA GLU A 478 17.23 -51.47 -12.51
C GLU A 478 16.67 -52.04 -11.22
N ILE A 479 17.39 -52.95 -10.58
CA ILE A 479 16.90 -53.54 -9.33
C ILE A 479 16.77 -52.46 -8.26
N LEU A 480 17.77 -51.58 -8.15
CA LEU A 480 17.69 -50.51 -7.16
C LEU A 480 16.52 -49.58 -7.44
N SER A 481 16.29 -49.25 -8.71
CA SER A 481 15.18 -48.37 -9.06
C SER A 481 13.84 -49.02 -8.69
N VAL A 482 13.68 -50.31 -8.99
CA VAL A 482 12.43 -50.99 -8.68
C VAL A 482 12.22 -51.06 -7.18
N SER A 483 13.30 -51.33 -6.42
CA SER A 483 13.18 -51.37 -4.97
C SER A 483 12.75 -50.02 -4.41
N GLY A 484 13.33 -48.93 -4.92
CA GLY A 484 12.91 -47.62 -4.48
C GLY A 484 11.45 -47.35 -4.80
N GLY A 485 11.00 -47.76 -5.99
CA GLY A 485 9.61 -47.59 -6.34
C GLY A 485 8.68 -48.34 -5.40
N VAL A 486 9.03 -49.58 -5.06
CA VAL A 486 8.22 -50.36 -4.12
C VAL A 486 8.20 -49.68 -2.76
N TYR A 487 9.34 -49.19 -2.31
CA TYR A 487 9.42 -48.51 -1.01
C TYR A 487 8.47 -47.31 -0.97
N PHE A 488 8.52 -46.47 -2.01
CA PHE A 488 7.65 -45.31 -2.04
C PHE A 488 6.18 -45.71 -2.15
N PHE A 489 5.88 -46.76 -2.91
CA PHE A 489 4.51 -47.26 -2.99
C PHE A 489 3.97 -47.64 -1.61
N PHE A 490 4.74 -48.44 -0.87
CA PHE A 490 4.28 -48.86 0.45
C PHE A 490 4.18 -47.69 1.41
N ARG A 491 5.12 -46.74 1.34
CA ARG A 491 5.03 -45.57 2.22
C ARG A 491 3.77 -44.76 1.92
N GLY A 492 3.45 -44.57 0.64
CA GLY A 492 2.24 -43.85 0.29
C GLY A 492 0.98 -44.55 0.79
N ILE A 493 0.92 -45.87 0.63
CA ILE A 493 -0.23 -46.62 1.12
C ILE A 493 -0.34 -46.47 2.64
N GLN A 494 0.77 -46.61 3.34
CA GLN A 494 0.77 -46.43 4.79
C GLN A 494 0.23 -45.07 5.18
N TYR A 495 0.70 -44.01 4.53
CA TYR A 495 0.25 -42.67 4.87
C TYR A 495 -1.26 -42.53 4.62
N PHE A 496 -1.72 -42.98 3.46
CA PHE A 496 -3.13 -42.80 3.13
C PHE A 496 -4.03 -43.61 4.04
N LEU A 497 -3.57 -44.76 4.54
CA LEU A 497 -4.35 -45.51 5.52
C LEU A 497 -4.36 -44.81 6.87
N GLN A 498 -3.19 -44.34 7.32
CA GLN A 498 -3.12 -43.72 8.64
C GLN A 498 -3.94 -42.45 8.71
N ARG A 499 -3.90 -41.62 7.66
CA ARG A 499 -4.53 -40.30 7.73
C ARG A 499 -5.98 -40.30 7.27
N ARG A 500 -6.32 -41.12 6.28
CA ARG A 500 -7.68 -41.17 5.73
C ARG A 500 -8.15 -39.77 5.31
N PRO A 501 -7.39 -39.08 4.46
CA PRO A 501 -7.78 -37.73 4.05
C PRO A 501 -9.05 -37.74 3.22
N SER A 502 -9.82 -36.66 3.34
CA SER A 502 -10.99 -36.48 2.50
C SER A 502 -10.57 -35.98 1.11
N LEU A 503 -11.49 -36.08 0.16
CA LEU A 503 -11.16 -35.71 -1.21
C LEU A 503 -10.85 -34.22 -1.32
N LYS A 504 -11.60 -33.38 -0.61
CA LYS A 504 -11.38 -31.94 -0.70
C LYS A 504 -9.99 -31.56 -0.21
N SER A 505 -9.56 -32.12 0.91
CA SER A 505 -8.26 -31.82 1.49
C SER A 505 -7.15 -32.70 0.95
N LEU A 506 -7.47 -33.66 0.08
CA LEU A 506 -6.45 -34.57 -0.44
C LEU A 506 -5.37 -33.80 -1.20
N PHE A 507 -5.78 -32.88 -2.06
CA PHE A 507 -4.85 -32.09 -2.84
C PHE A 507 -4.45 -30.78 -2.16
N VAL A 508 -4.95 -30.52 -0.96
CA VAL A 508 -4.62 -29.31 -0.23
C VAL A 508 -3.71 -29.56 0.96
N ASP A 509 -3.63 -30.80 1.46
CA ASP A 509 -2.77 -31.12 2.59
C ASP A 509 -1.74 -32.20 2.30
N SER A 510 -1.89 -32.95 1.20
CA SER A 510 -1.03 -34.08 0.89
C SER A 510 -0.59 -34.04 -0.57
N TYR A 511 -0.14 -32.86 -1.01
CA TYR A 511 0.37 -32.72 -2.37
C TYR A 511 1.62 -33.57 -2.58
N SER A 512 2.59 -33.47 -1.67
CA SER A 512 3.83 -34.20 -1.83
C SER A 512 3.60 -35.71 -1.77
N GLU A 513 2.75 -36.16 -0.85
CA GLU A 513 2.47 -37.59 -0.74
C GLU A 513 1.83 -38.10 -2.01
N ILE A 514 0.89 -37.33 -2.57
CA ILE A 514 0.25 -37.74 -3.82
C ILE A 514 1.27 -37.84 -4.94
N LEU A 515 2.17 -36.86 -5.04
CA LEU A 515 3.14 -36.88 -6.13
C LEU A 515 4.09 -38.07 -6.02
N PHE A 516 4.59 -38.34 -4.81
CA PHE A 516 5.47 -39.48 -4.63
C PHE A 516 4.73 -40.80 -4.92
N PHE A 517 3.49 -40.91 -4.46
CA PHE A 517 2.71 -42.11 -4.73
C PHE A 517 2.47 -42.29 -6.22
N VAL A 518 2.23 -41.20 -6.94
CA VAL A 518 1.98 -41.29 -8.38
C VAL A 518 3.25 -41.72 -9.12
N GLN A 519 4.40 -41.19 -8.71
CA GLN A 519 5.65 -41.65 -9.32
C GLN A 519 5.85 -43.14 -9.09
N SER A 520 5.58 -43.62 -7.87
CA SER A 520 5.71 -45.04 -7.59
C SER A 520 4.73 -45.86 -8.43
N LEU A 521 3.51 -45.34 -8.61
CA LEU A 521 2.52 -46.03 -9.44
C LEU A 521 3.02 -46.16 -10.87
N PHE A 522 3.61 -45.08 -11.41
CA PHE A 522 4.15 -45.15 -12.76
C PHE A 522 5.25 -46.19 -12.86
N MET A 523 6.13 -46.23 -11.85
CA MET A 523 7.20 -47.23 -11.86
C MET A 523 6.63 -48.65 -11.86
N LEU A 524 5.60 -48.90 -11.03
CA LEU A 524 5.04 -50.25 -10.95
C LEU A 524 4.33 -50.63 -12.24
N VAL A 525 3.61 -49.69 -12.85
CA VAL A 525 2.98 -49.97 -14.14
C VAL A 525 4.06 -50.27 -15.18
N SER A 526 5.18 -49.55 -15.12
CA SER A 526 6.29 -49.82 -16.03
C SER A 526 6.81 -51.23 -15.84
N VAL A 527 6.96 -51.68 -14.60
CA VAL A 527 7.43 -53.04 -14.34
C VAL A 527 6.43 -54.05 -14.91
N VAL A 528 5.14 -53.83 -14.66
CA VAL A 528 4.12 -54.76 -15.10
C VAL A 528 4.15 -54.89 -16.62
N LEU A 529 4.25 -53.76 -17.32
CA LEU A 529 4.32 -53.81 -18.78
C LEU A 529 5.60 -54.44 -19.26
N TYR A 530 6.72 -54.16 -18.59
CA TYR A 530 8.01 -54.70 -19.03
C TYR A 530 8.01 -56.21 -18.97
N PHE A 531 7.48 -56.79 -17.90
CA PHE A 531 7.44 -58.25 -17.80
C PHE A 531 6.29 -58.87 -18.57
N SER A 532 5.44 -58.06 -19.21
CA SER A 532 4.38 -58.55 -20.07
C SER A 532 4.76 -58.50 -21.54
N GLN A 533 6.06 -58.43 -21.85
CA GLN A 533 6.55 -58.39 -23.22
C GLN A 533 5.91 -57.24 -24.01
N ARG A 534 5.82 -56.08 -23.37
CA ARG A 534 5.29 -54.88 -24.00
C ARG A 534 6.38 -53.82 -24.09
N LYS A 535 6.36 -53.06 -25.18
CA LYS A 535 7.32 -51.98 -25.38
C LYS A 535 6.81 -50.63 -24.87
N GLU A 536 5.59 -50.59 -24.33
CA GLU A 536 5.06 -49.35 -23.77
C GLU A 536 5.59 -49.05 -22.38
N TYR A 537 6.37 -49.96 -21.78
CA TYR A 537 6.89 -49.70 -20.45
C TYR A 537 7.72 -48.43 -20.42
N VAL A 538 8.48 -48.17 -21.48
CA VAL A 538 9.25 -46.94 -21.56
C VAL A 538 8.33 -45.74 -21.48
N ALA A 539 7.21 -45.79 -22.20
CA ALA A 539 6.26 -44.68 -22.15
C ALA A 539 5.84 -44.37 -20.72
N SER A 540 5.85 -45.38 -19.85
CA SER A 540 5.62 -45.13 -18.44
C SER A 540 6.89 -44.65 -17.76
N MET A 541 7.98 -45.37 -17.97
CA MET A 541 9.22 -45.12 -17.23
C MET A 541 9.60 -43.64 -17.30
N VAL A 542 9.65 -43.08 -18.52
CA VAL A 542 10.11 -41.70 -18.66
C VAL A 542 9.29 -40.78 -17.78
N PHE A 543 7.95 -40.94 -17.79
CA PHE A 543 7.12 -40.09 -16.95
C PHE A 543 7.59 -40.17 -15.51
N SER A 544 7.69 -41.38 -14.97
CA SER A 544 8.21 -41.54 -13.61
C SER A 544 9.52 -40.80 -13.46
N LEU A 545 10.45 -41.05 -14.38
CA LEU A 545 11.76 -40.41 -14.30
C LEU A 545 11.60 -38.90 -14.18
N ALA A 546 10.80 -38.30 -15.07
CA ALA A 546 10.59 -36.86 -15.00
C ALA A 546 10.11 -36.48 -13.61
N MET A 547 9.04 -37.14 -13.15
CA MET A 547 8.50 -36.84 -11.83
C MET A 547 9.62 -36.89 -10.80
N GLY A 548 10.43 -37.95 -10.85
CA GLY A 548 11.52 -38.12 -9.91
C GLY A 548 12.23 -36.82 -9.69
N TRP A 549 12.78 -36.23 -10.74
CA TRP A 549 13.63 -35.05 -10.54
C TRP A 549 12.83 -33.89 -10.00
N THR A 550 11.61 -33.68 -10.52
CA THR A 550 10.81 -32.58 -10.04
C THR A 550 10.32 -32.79 -8.61
N ASN A 551 10.50 -33.99 -8.05
CA ASN A 551 10.19 -34.23 -6.65
C ASN A 551 11.32 -33.82 -5.72
N MET A 552 12.50 -33.52 -6.25
CA MET A 552 13.57 -32.99 -5.43
C MET A 552 13.14 -31.71 -4.72
N LEU A 553 12.20 -30.97 -5.29
CA LEU A 553 11.72 -29.76 -4.66
C LEU A 553 11.10 -30.04 -3.29
N TYR A 554 10.62 -31.26 -3.06
CA TYR A 554 10.13 -31.61 -1.73
C TYR A 554 11.18 -31.31 -0.67
N TYR A 555 12.45 -31.49 -1.01
CA TYR A 555 13.53 -31.35 -0.05
C TYR A 555 14.00 -29.91 0.09
N THR A 556 13.36 -28.96 -0.59
CA THR A 556 13.68 -27.55 -0.41
C THR A 556 12.96 -26.96 0.79
N ARG A 557 12.24 -27.77 1.57
CA ARG A 557 11.61 -27.30 2.78
C ARG A 557 12.54 -27.29 3.99
N GLY A 558 13.74 -27.85 3.85
CA GLY A 558 14.76 -27.70 4.86
C GLY A 558 15.44 -26.35 4.85
N PHE A 559 15.09 -25.50 3.89
CA PHE A 559 15.63 -24.16 3.77
C PHE A 559 14.47 -23.19 3.59
N GLN A 560 14.51 -22.08 4.32
CA GLN A 560 13.38 -21.16 4.35
C GLN A 560 13.15 -20.52 2.99
N GLN A 561 14.20 -19.95 2.39
CA GLN A 561 14.02 -19.11 1.21
C GLN A 561 13.61 -19.91 -0.01
N MET A 562 14.04 -21.18 -0.10
CA MET A 562 13.58 -22.04 -1.18
C MET A 562 12.31 -22.80 -0.82
N GLY A 563 12.11 -23.10 0.46
CA GLY A 563 10.84 -23.70 0.86
C GLY A 563 9.66 -22.82 0.53
N ILE A 564 9.80 -21.51 0.73
CA ILE A 564 8.73 -20.59 0.38
C ILE A 564 8.50 -20.60 -1.13
N TYR A 565 9.58 -20.67 -1.91
CA TYR A 565 9.43 -20.70 -3.37
C TYR A 565 8.67 -21.95 -3.81
N ALA A 566 9.00 -23.10 -3.23
CA ALA A 566 8.28 -24.33 -3.57
C ALA A 566 6.82 -24.24 -3.14
N VAL A 567 6.56 -23.59 -1.99
CA VAL A 567 5.19 -23.41 -1.53
C VAL A 567 4.39 -22.59 -2.55
N MET A 568 4.98 -21.51 -3.04
CA MET A 568 4.28 -20.68 -4.02
C MET A 568 4.06 -21.44 -5.32
N ILE A 569 5.05 -22.22 -5.76
CA ILE A 569 4.87 -23.03 -6.96
C ILE A 569 3.66 -23.95 -6.80
N GLU A 570 3.61 -24.67 -5.67
CA GLU A 570 2.48 -25.55 -5.38
C GLU A 570 1.16 -24.80 -5.45
N LYS A 571 1.06 -23.68 -4.72
CA LYS A 571 -0.21 -22.98 -4.62
C LYS A 571 -0.66 -22.42 -5.97
N MET A 572 0.27 -21.85 -6.73
CA MET A 572 -0.10 -21.32 -8.04
C MET A 572 -0.57 -22.44 -8.97
N ILE A 573 0.17 -23.56 -9.00
CA ILE A 573 -0.25 -24.68 -9.83
C ILE A 573 -1.67 -25.12 -9.44
N LEU A 574 -1.94 -25.18 -8.14
CA LEU A 574 -3.26 -25.65 -7.70
C LEU A 574 -4.36 -24.68 -8.11
N ARG A 575 -4.14 -23.37 -7.91
CA ARG A 575 -5.22 -22.40 -8.05
C ARG A 575 -5.28 -21.73 -9.42
N ASP A 576 -4.21 -21.03 -9.82
CA ASP A 576 -4.33 -20.09 -10.94
C ASP A 576 -4.40 -20.80 -12.28
N LEU A 577 -3.58 -21.83 -12.46
CA LEU A 577 -3.45 -22.44 -13.78
C LEU A 577 -4.75 -23.11 -14.22
N CYS A 578 -5.55 -23.60 -13.29
CA CYS A 578 -6.81 -24.23 -13.69
C CYS A 578 -7.71 -23.23 -14.41
N ARG A 579 -7.92 -22.06 -13.80
CA ARG A 579 -8.75 -21.03 -14.42
C ARG A 579 -8.12 -20.55 -15.73
N PHE A 580 -6.82 -20.24 -15.68
CA PHE A 580 -6.18 -19.71 -16.88
C PHE A 580 -6.27 -20.69 -18.03
N MET A 581 -6.09 -21.98 -17.75
CA MET A 581 -6.12 -22.98 -18.80
C MET A 581 -7.53 -23.24 -19.31
N PHE A 582 -8.54 -23.19 -18.45
CA PHE A 582 -9.90 -23.28 -18.96
C PHE A 582 -10.19 -22.18 -19.96
N VAL A 583 -9.89 -20.93 -19.60
CA VAL A 583 -10.17 -19.82 -20.50
C VAL A 583 -9.34 -19.93 -21.77
N TYR A 584 -8.05 -20.24 -21.59
CA TYR A 584 -7.15 -20.36 -22.72
C TYR A 584 -7.61 -21.43 -23.71
N LEU A 585 -8.03 -22.57 -23.19
CA LEU A 585 -8.47 -23.67 -24.05
C LEU A 585 -9.78 -23.34 -24.73
N VAL A 586 -10.69 -22.63 -24.05
CA VAL A 586 -11.91 -22.19 -24.71
C VAL A 586 -11.57 -21.35 -25.93
N PHE A 587 -10.71 -20.34 -25.74
CA PHE A 587 -10.34 -19.47 -26.86
C PHE A 587 -9.63 -20.25 -27.96
N LEU A 588 -8.67 -21.08 -27.58
CA LEU A 588 -7.87 -21.81 -28.56
C LEU A 588 -8.74 -22.76 -29.37
N PHE A 589 -9.64 -23.50 -28.72
CA PHE A 589 -10.48 -24.44 -29.45
C PHE A 589 -11.46 -23.70 -30.35
N GLY A 590 -12.05 -22.60 -29.88
CA GLY A 590 -12.96 -21.86 -30.73
C GLY A 590 -12.28 -21.39 -32.01
N PHE A 591 -11.11 -20.77 -31.87
CA PHE A 591 -10.44 -20.24 -33.06
C PHE A 591 -9.84 -21.33 -33.92
N SER A 592 -9.41 -22.44 -33.32
CA SER A 592 -8.89 -23.56 -34.12
C SER A 592 -9.99 -24.21 -34.93
N THR A 593 -11.18 -24.40 -34.33
CA THR A 593 -12.30 -24.92 -35.10
C THR A 593 -12.67 -23.99 -36.24
N ALA A 594 -12.73 -22.68 -35.97
CA ALA A 594 -13.05 -21.74 -37.03
C ALA A 594 -12.02 -21.82 -38.17
N VAL A 595 -10.73 -21.86 -37.81
CA VAL A 595 -9.68 -21.85 -38.83
C VAL A 595 -9.72 -23.12 -39.66
N VAL A 596 -9.80 -24.28 -39.00
CA VAL A 596 -9.80 -25.54 -39.75
C VAL A 596 -11.06 -25.67 -40.58
N THR A 597 -12.18 -25.07 -40.14
CA THR A 597 -13.35 -25.03 -40.99
C THR A 597 -13.10 -24.20 -42.24
N LEU A 598 -12.42 -23.06 -42.08
CA LEU A 598 -12.14 -22.23 -43.26
C LEU A 598 -11.24 -22.95 -44.25
N ILE A 599 -10.21 -23.64 -43.74
CA ILE A 599 -9.25 -24.30 -44.63
C ILE A 599 -9.94 -25.43 -45.40
N GLU A 600 -9.51 -25.62 -46.65
CA GLU A 600 -10.06 -26.65 -47.51
C GLU A 600 -9.06 -27.73 -47.93
N ASP A 601 -7.76 -27.51 -47.69
CA ASP A 601 -6.74 -28.50 -48.05
C ASP A 601 -6.80 -28.83 -49.54
N GLY A 602 -6.62 -27.80 -50.35
CA GLY A 602 -6.65 -27.94 -51.79
C GLY A 602 -6.95 -26.64 -52.50
N GLY A 624 -1.51 -29.25 -50.66
CA GLY A 624 -1.10 -28.68 -49.38
C GLY A 624 -0.39 -29.66 -48.48
N ASN A 625 -0.18 -29.28 -47.22
CA ASN A 625 0.49 -30.11 -46.24
C ASN A 625 -0.49 -30.77 -45.28
N SER A 626 -1.70 -31.07 -45.75
CA SER A 626 -2.72 -31.70 -44.91
C SER A 626 -2.95 -30.91 -43.63
N TYR A 627 -2.95 -29.58 -43.75
CA TYR A 627 -3.23 -28.73 -42.61
C TYR A 627 -4.68 -28.78 -42.17
N ASN A 628 -5.56 -29.39 -42.96
CA ASN A 628 -6.98 -29.52 -42.61
C ASN A 628 -7.16 -30.63 -41.57
N SER A 629 -6.49 -30.46 -40.44
CA SER A 629 -6.60 -31.35 -39.31
C SER A 629 -6.74 -30.52 -38.04
N LEU A 630 -7.61 -30.97 -37.13
CA LEU A 630 -7.84 -30.21 -35.92
C LEU A 630 -6.60 -30.19 -35.04
N TYR A 631 -5.90 -31.32 -34.94
CA TYR A 631 -4.69 -31.39 -34.12
C TYR A 631 -3.60 -30.47 -34.66
N SER A 632 -3.39 -30.49 -35.97
CA SER A 632 -2.35 -29.67 -36.58
C SER A 632 -2.66 -28.18 -36.40
N THR A 633 -3.91 -27.79 -36.63
CA THR A 633 -4.28 -26.39 -36.45
C THR A 633 -4.16 -25.97 -34.99
N CYS A 634 -4.54 -26.85 -34.06
CA CYS A 634 -4.40 -26.52 -32.64
C CYS A 634 -2.95 -26.32 -32.28
N LEU A 635 -2.06 -27.19 -32.76
CA LEU A 635 -0.64 -27.02 -32.47
C LEU A 635 -0.08 -25.75 -33.09
N GLU A 636 -0.49 -25.44 -34.33
CA GLU A 636 0.01 -24.25 -35.00
C GLU A 636 -0.47 -22.98 -34.31
N LEU A 637 -1.68 -22.99 -33.76
CA LEU A 637 -2.17 -21.83 -33.02
C LEU A 637 -1.56 -21.76 -31.63
N PHE A 638 -1.20 -22.90 -31.04
CA PHE A 638 -0.53 -22.87 -29.74
C PHE A 638 0.89 -22.33 -29.88
N LYS A 639 1.55 -22.60 -31.00
CA LYS A 639 2.88 -22.04 -31.22
C LYS A 639 2.87 -20.52 -31.13
N PHE A 640 1.76 -19.88 -31.51
CA PHE A 640 1.68 -18.42 -31.41
C PHE A 640 1.94 -17.95 -29.99
N THR A 641 1.54 -18.76 -29.01
CA THR A 641 1.68 -18.41 -27.60
C THR A 641 3.12 -18.40 -27.07
N ILE A 642 3.96 -19.24 -27.66
CA ILE A 642 5.35 -19.39 -27.23
C ILE A 642 6.31 -18.63 -28.14
N GLY A 643 5.81 -17.64 -28.87
CA GLY A 643 6.66 -16.82 -29.70
C GLY A 643 7.29 -17.54 -30.88
N MET A 644 6.55 -18.48 -31.49
CA MET A 644 7.06 -19.21 -32.65
C MET A 644 5.96 -19.43 -33.68
N GLY A 645 5.03 -18.48 -33.78
CA GLY A 645 3.87 -18.65 -34.62
C GLY A 645 4.04 -18.02 -35.98
N ASP A 646 3.84 -18.83 -37.03
CA ASP A 646 3.90 -18.35 -38.40
C ASP A 646 2.54 -17.80 -38.80
N LEU A 647 2.52 -16.54 -39.25
CA LEU A 647 1.25 -15.92 -39.60
C LEU A 647 0.64 -16.55 -40.85
N GLU A 648 1.47 -16.93 -41.82
CA GLU A 648 1.03 -17.61 -43.03
C GLU A 648 1.64 -19.01 -43.03
N PHE A 649 0.97 -19.94 -42.34
CA PHE A 649 1.39 -21.33 -42.31
C PHE A 649 0.60 -22.20 -43.29
N THR A 650 -0.30 -21.61 -44.07
CA THR A 650 -1.05 -22.36 -45.07
C THR A 650 -1.63 -21.38 -46.07
N GLU A 651 -2.02 -21.91 -47.22
CA GLU A 651 -2.67 -21.10 -48.26
C GLU A 651 -3.86 -21.82 -48.88
N ASN A 652 -4.41 -22.82 -48.20
CA ASN A 652 -5.56 -23.58 -48.70
C ASN A 652 -6.88 -22.97 -48.23
N TYR A 653 -7.06 -21.68 -48.46
CA TYR A 653 -8.28 -20.98 -48.09
C TYR A 653 -8.77 -20.16 -49.27
N ASP A 654 -10.09 -20.07 -49.41
CA ASP A 654 -10.68 -19.28 -50.48
C ASP A 654 -10.64 -17.79 -50.19
N PHE A 655 -10.68 -17.41 -48.91
CA PHE A 655 -10.73 -16.01 -48.50
C PHE A 655 -9.56 -15.73 -47.58
N LYS A 656 -8.61 -14.91 -48.05
CA LYS A 656 -7.44 -14.57 -47.25
C LYS A 656 -7.74 -13.56 -46.17
N ALA A 657 -8.66 -12.61 -46.45
CA ALA A 657 -8.99 -11.60 -45.45
C ALA A 657 -9.57 -12.24 -44.20
N VAL A 658 -10.47 -13.21 -44.36
CA VAL A 658 -11.06 -13.89 -43.21
C VAL A 658 -9.98 -14.60 -42.40
N PHE A 659 -9.06 -15.29 -43.10
CA PHE A 659 -8.01 -16.04 -42.42
C PHE A 659 -7.12 -15.11 -41.60
N ILE A 660 -6.65 -14.02 -42.22
CA ILE A 660 -5.75 -13.13 -41.51
C ILE A 660 -6.47 -12.40 -40.39
N ILE A 661 -7.75 -12.05 -40.58
CA ILE A 661 -8.51 -11.41 -39.51
C ILE A 661 -8.64 -12.35 -38.32
N LEU A 662 -8.94 -13.63 -38.58
CA LEU A 662 -9.05 -14.60 -37.49
C LEU A 662 -7.73 -14.75 -36.76
N LEU A 663 -6.62 -14.85 -37.50
CA LEU A 663 -5.33 -15.02 -36.85
C LEU A 663 -4.97 -13.80 -36.01
N LEU A 664 -5.21 -12.59 -36.54
CA LEU A 664 -4.88 -11.39 -35.78
C LEU A 664 -5.77 -11.27 -34.54
N ALA A 665 -7.05 -11.59 -34.66
CA ALA A 665 -7.93 -11.55 -33.50
C ALA A 665 -7.45 -12.52 -32.42
N TYR A 666 -7.10 -13.75 -32.83
CA TYR A 666 -6.61 -14.72 -31.86
C TYR A 666 -5.33 -14.23 -31.20
N VAL A 667 -4.40 -13.68 -31.99
CA VAL A 667 -3.12 -13.24 -31.44
C VAL A 667 -3.35 -12.12 -30.42
N ILE A 668 -4.18 -11.15 -30.77
CA ILE A 668 -4.41 -10.03 -29.86
C ILE A 668 -5.15 -10.48 -28.61
N LEU A 669 -6.08 -11.43 -28.75
CA LEU A 669 -6.88 -11.84 -27.62
C LEU A 669 -6.14 -12.75 -26.65
N THR A 670 -5.23 -13.59 -27.14
CA THR A 670 -4.50 -14.51 -26.28
C THR A 670 -3.09 -14.03 -25.99
N TYR A 671 -2.28 -13.82 -27.03
CA TYR A 671 -0.88 -13.49 -26.83
C TYR A 671 -0.70 -12.18 -26.09
N ILE A 672 -1.53 -11.18 -26.40
CA ILE A 672 -1.36 -9.85 -25.82
C ILE A 672 -2.23 -9.67 -24.58
N LEU A 673 -3.46 -10.16 -24.59
CA LEU A 673 -4.41 -9.87 -23.53
C LEU A 673 -4.35 -10.92 -22.41
N LEU A 674 -4.60 -12.19 -22.75
CA LEU A 674 -4.70 -13.22 -21.72
C LEU A 674 -3.39 -13.39 -20.97
N LEU A 675 -2.28 -13.46 -21.70
CA LEU A 675 -0.99 -13.74 -21.06
C LEU A 675 -0.55 -12.60 -20.15
N ASN A 676 -0.72 -11.35 -20.59
CA ASN A 676 -0.37 -10.22 -19.75
C ASN A 676 -1.29 -10.13 -18.53
N MET A 677 -2.57 -10.48 -18.70
CA MET A 677 -3.47 -10.53 -17.56
C MET A 677 -3.03 -11.60 -16.57
N LEU A 678 -2.55 -12.73 -17.07
CA LEU A 678 -2.03 -13.76 -16.17
C LEU A 678 -0.80 -13.27 -15.44
N ILE A 679 0.07 -12.53 -16.12
CA ILE A 679 1.22 -11.93 -15.44
C ILE A 679 0.75 -11.03 -14.30
N ALA A 680 -0.23 -10.18 -14.58
CA ALA A 680 -0.73 -9.27 -13.56
C ALA A 680 -1.32 -10.02 -12.38
N LEU A 681 -2.09 -11.07 -12.66
CA LEU A 681 -2.71 -11.83 -11.58
C LEU A 681 -1.68 -12.57 -10.75
N MET A 682 -0.63 -13.09 -11.39
CA MET A 682 0.46 -13.72 -10.65
C MET A 682 1.15 -12.72 -9.74
N GLY A 683 1.37 -11.50 -10.24
CA GLY A 683 1.96 -10.47 -9.40
C GLY A 683 1.10 -10.15 -8.19
N GLU A 684 -0.20 -9.98 -8.41
CA GLU A 684 -1.10 -9.71 -7.29
C GLU A 684 -1.09 -10.85 -6.29
N THR A 685 -1.12 -12.10 -6.77
CA THR A 685 -1.10 -13.24 -5.86
C THR A 685 0.19 -13.28 -5.07
N VAL A 686 1.32 -13.00 -5.66
CA VAL A 686 2.61 -13.00 -4.94
C VAL A 686 2.52 -12.02 -3.75
N ASN A 687 1.91 -10.86 -3.92
CA ASN A 687 1.74 -9.91 -2.83
C ASN A 687 0.82 -10.33 -1.77
N LYS A 688 -0.27 -10.93 -2.14
CA LYS A 688 -1.16 -11.41 -1.15
C LYS A 688 -0.57 -12.47 -0.29
N ILE A 689 0.24 -13.37 -0.80
CA ILE A 689 0.62 -14.52 0.03
C ILE A 689 2.10 -14.46 0.40
N ALA A 690 2.63 -13.24 0.51
CA ALA A 690 4.02 -13.10 0.93
C ALA A 690 4.24 -13.66 2.33
N GLN A 691 3.29 -13.43 3.24
CA GLN A 691 3.43 -13.89 4.62
C GLN A 691 2.80 -15.26 4.86
N GLU A 692 1.74 -15.60 4.13
CA GLU A 692 1.09 -16.89 4.32
C GLU A 692 2.02 -18.04 3.95
N SER A 693 2.82 -17.85 2.90
CA SER A 693 3.73 -18.90 2.47
C SER A 693 4.72 -19.27 3.58
N LYS A 694 5.15 -18.27 4.35
CA LYS A 694 6.06 -18.54 5.47
C LYS A 694 5.40 -19.47 6.49
N ASN A 695 4.14 -19.21 6.82
CA ASN A 695 3.43 -20.06 7.78
C ASN A 695 3.24 -21.46 7.23
N ILE A 696 2.93 -21.58 5.94
CA ILE A 696 2.77 -22.90 5.34
C ILE A 696 4.09 -23.66 5.37
N TRP A 697 5.19 -22.98 5.07
CA TRP A 697 6.50 -23.63 5.15
C TRP A 697 6.81 -24.08 6.56
N LYS A 698 6.48 -23.25 7.55
CA LYS A 698 6.72 -23.64 8.94
C LYS A 698 5.92 -24.88 9.31
N LEU A 699 4.66 -24.94 8.88
CA LEU A 699 3.86 -26.13 9.14
C LEU A 699 4.45 -27.35 8.46
N GLN A 700 4.93 -27.20 7.23
CA GLN A 700 5.55 -28.33 6.53
C GLN A 700 6.78 -28.83 7.27
N ARG A 701 7.62 -27.91 7.73
CA ARG A 701 8.81 -28.31 8.47
C ARG A 701 8.44 -28.96 9.80
N ALA A 702 7.38 -28.49 10.45
CA ALA A 702 6.93 -29.11 11.69
C ALA A 702 6.49 -30.55 11.44
N ILE A 703 5.74 -30.77 10.36
CA ILE A 703 5.32 -32.13 10.03
C ILE A 703 6.54 -33.00 9.74
N THR A 704 7.53 -32.43 9.06
CA THR A 704 8.77 -33.16 8.80
C THR A 704 9.45 -33.57 10.11
N ILE A 705 9.51 -32.64 11.06
CA ILE A 705 10.14 -32.94 12.36
C ILE A 705 9.39 -34.05 13.07
N LEU A 706 8.05 -33.98 13.07
CA LEU A 706 7.28 -35.01 13.75
C LEU A 706 7.48 -36.37 13.10
N ASP A 707 7.45 -36.42 11.76
CA ASP A 707 7.65 -37.70 11.06
C ASP A 707 9.04 -38.26 11.34
N THR A 708 10.07 -37.41 11.30
CA THR A 708 11.42 -37.89 11.57
C THR A 708 11.55 -38.42 12.99
N GLU A 709 10.98 -37.70 13.96
CA GLU A 709 11.06 -38.15 15.35
C GLU A 709 10.33 -39.47 15.54
N LYS A 710 9.14 -39.61 14.95
CA LYS A 710 8.40 -40.86 15.07
C LYS A 710 9.16 -42.01 14.43
N SER A 711 9.77 -41.78 13.27
CA SER A 711 10.55 -42.84 12.62
C SER A 711 11.75 -43.22 13.46
N PHE A 712 12.46 -42.25 14.03
CA PHE A 712 13.63 -42.52 14.84
C PHE A 712 13.31 -43.02 16.24
N LEU A 713 12.03 -43.01 16.63
CA LEU A 713 11.68 -43.52 17.95
C LEU A 713 12.15 -44.96 18.14
N LYS A 714 12.16 -45.76 17.06
CA LYS A 714 12.61 -47.14 17.17
C LYS A 714 14.08 -47.21 17.58
N CYS A 715 14.93 -46.39 16.96
CA CYS A 715 16.34 -46.39 17.32
C CYS A 715 16.56 -45.92 18.74
N MET A 716 15.86 -44.85 19.14
CA MET A 716 15.97 -44.34 20.52
C MET A 716 14.65 -43.63 20.82
N ARG A 717 13.75 -44.32 21.53
CA ARG A 717 12.42 -43.78 21.77
C ARG A 717 12.48 -42.54 22.68
N LYS A 718 13.17 -42.66 23.82
CA LYS A 718 13.20 -41.60 24.82
C LYS A 718 14.56 -40.95 24.95
N ALA A 719 15.58 -41.40 24.20
CA ALA A 719 16.89 -40.80 24.30
C ALA A 719 16.86 -39.34 23.88
N PHE A 720 16.15 -39.03 22.80
CA PHE A 720 16.06 -37.68 22.26
C PHE A 720 14.78 -37.03 22.77
N ARG A 721 14.85 -36.53 24.01
CA ARG A 721 13.74 -35.82 24.65
C ARG A 721 14.13 -34.37 24.85
N SER A 722 13.16 -33.47 24.66
CA SER A 722 13.41 -32.05 24.76
C SER A 722 13.23 -31.57 26.19
N GLY A 723 13.93 -30.49 26.53
CA GLY A 723 13.83 -29.91 27.86
C GLY A 723 14.46 -30.79 28.91
N LYS A 724 14.70 -30.23 30.10
CA LYS A 724 15.33 -30.93 31.19
C LYS A 724 14.37 -31.06 32.37
N LEU A 725 14.52 -32.14 33.13
CA LEU A 725 13.70 -32.36 34.31
C LEU A 725 14.15 -31.43 35.43
N LEU A 726 13.22 -30.67 35.99
CA LEU A 726 13.54 -29.68 37.00
C LEU A 726 12.45 -29.66 38.06
N GLN A 727 12.81 -29.16 39.23
CA GLN A 727 11.87 -28.97 40.33
C GLN A 727 11.41 -27.52 40.34
N VAL A 728 10.10 -27.32 40.33
CA VAL A 728 9.51 -25.98 40.24
C VAL A 728 8.84 -25.55 41.53
N GLY A 729 8.72 -26.43 42.52
CA GLY A 729 8.06 -26.07 43.75
C GLY A 729 7.64 -27.32 44.52
N PHE A 730 6.59 -27.16 45.31
CA PHE A 730 6.08 -28.24 46.15
C PHE A 730 4.59 -28.42 45.89
N THR A 731 4.15 -29.67 45.86
CA THR A 731 2.74 -29.98 45.63
C THR A 731 1.91 -29.56 46.84
N PRO A 732 0.62 -29.29 46.64
CA PRO A 732 -0.21 -28.87 47.78
C PRO A 732 -0.25 -29.88 48.91
N ASP A 733 -0.20 -31.18 48.59
CA ASP A 733 -0.21 -32.23 49.59
C ASP A 733 1.19 -32.72 49.93
N GLY A 734 1.96 -33.11 48.92
CA GLY A 734 3.31 -33.61 49.14
C GLY A 734 4.37 -32.54 48.95
N LYS A 735 5.25 -32.76 47.99
CA LYS A 735 6.35 -31.82 47.72
C LYS A 735 7.07 -32.29 46.45
N ASP A 736 8.11 -31.54 46.07
CA ASP A 736 8.98 -31.89 44.96
C ASP A 736 8.20 -32.00 43.65
N ASP A 737 7.69 -30.85 43.23
CA ASP A 737 6.97 -30.74 41.96
C ASP A 737 7.99 -30.79 40.81
N TYR A 738 8.20 -31.99 40.27
CA TYR A 738 9.17 -32.22 39.21
C TYR A 738 8.46 -32.30 37.86
N ARG A 739 9.03 -31.63 36.86
CA ARG A 739 8.44 -31.62 35.53
C ARG A 739 9.52 -31.33 34.50
N TRP A 740 9.22 -31.72 33.25
CA TRP A 740 10.18 -31.60 32.15
C TRP A 740 10.03 -30.21 31.53
N CYS A 741 10.83 -29.28 32.01
CA CYS A 741 10.71 -27.88 31.64
C CYS A 741 11.62 -27.53 30.47
N PHE A 742 11.29 -26.41 29.82
CA PHE A 742 12.01 -25.90 28.65
C PHE A 742 12.39 -24.45 28.92
N ARG A 743 13.61 -24.21 29.37
CA ARG A 743 14.04 -22.89 29.80
C ARG A 743 14.20 -21.94 28.61
N VAL A 744 13.85 -20.67 28.84
CA VAL A 744 14.10 -19.62 27.86
C VAL A 744 14.41 -18.33 28.63
N ASP A 745 15.33 -17.54 28.09
CA ASP A 745 15.74 -16.28 28.71
C ASP A 745 14.94 -15.11 28.13
N GLU A 746 14.99 -13.98 28.83
CA GLU A 746 14.31 -12.78 28.38
C GLU A 746 14.98 -11.56 29.01
N VAL A 747 14.90 -10.44 28.29
CA VAL A 747 15.52 -9.19 28.73
C VAL A 747 14.48 -8.08 28.57
N ASN A 748 14.28 -7.25 29.60
CA ASN A 748 13.27 -6.20 29.56
C ASN A 748 13.62 -4.94 30.37
N TRP A 749 14.04 -3.88 29.71
CA TRP A 749 14.41 -2.65 30.39
C TRP A 749 13.31 -1.89 31.13
N THR A 750 12.21 -1.66 30.45
CA THR A 750 11.09 -0.86 30.96
C THR A 750 10.65 -1.20 32.36
N THR A 751 10.07 -2.37 32.57
CA THR A 751 9.64 -2.76 33.88
C THR A 751 10.89 -2.95 34.64
N TRP A 752 10.95 -2.54 35.89
CA TRP A 752 12.20 -2.67 36.57
C TRP A 752 12.18 -3.57 37.78
N ASN A 753 12.27 -4.88 37.49
CA ASN A 753 12.44 -5.98 38.44
C ASN A 753 11.36 -6.27 39.43
N THR A 754 10.19 -5.67 39.25
CA THR A 754 9.18 -5.78 40.30
C THR A 754 8.30 -7.01 40.27
N ASN A 755 8.79 -8.10 40.89
CA ASN A 755 8.03 -9.33 41.02
C ASN A 755 8.68 -10.21 42.09
N VAL A 756 8.04 -11.33 42.41
CA VAL A 756 8.54 -12.29 43.39
C VAL A 756 8.20 -13.69 42.89
N GLY A 757 8.78 -14.68 43.55
CA GLY A 757 8.58 -16.07 43.17
C GLY A 757 9.70 -16.70 42.37
N ILE A 758 10.89 -16.11 42.35
CA ILE A 758 12.02 -16.67 41.63
C ILE A 758 12.37 -18.02 42.26
N ILE A 759 12.22 -19.09 41.48
CA ILE A 759 12.38 -20.44 42.02
C ILE A 759 13.73 -20.61 42.71
N ASN A 760 14.80 -20.13 42.08
CA ASN A 760 16.15 -20.35 42.57
C ASN A 760 16.72 -19.06 43.17
N GLU A 761 17.44 -19.21 44.28
CA GLU A 761 18.00 -18.05 44.97
C GLU A 761 19.05 -17.35 44.12
N ASP A 762 19.93 -18.11 43.47
CA ASP A 762 21.08 -17.55 42.77
C ASP A 762 20.92 -17.73 41.27
N PRO A 763 21.15 -16.69 40.46
CA PRO A 763 21.03 -16.85 39.00
C PRO A 763 22.02 -17.86 38.45
N ARG B 114 36.78 55.62 24.66
CA ARG B 114 35.90 54.75 23.87
C ARG B 114 35.90 53.33 24.41
N ARG B 115 37.10 52.79 24.66
CA ARG B 115 37.19 51.43 25.18
C ARG B 115 36.53 51.31 26.54
N SER B 116 36.76 52.29 27.42
CA SER B 116 36.15 52.25 28.74
C SER B 116 34.62 52.36 28.65
N ILE B 117 34.13 53.22 27.76
CA ILE B 117 32.69 53.37 27.59
C ILE B 117 32.08 52.07 27.09
N PHE B 118 32.72 51.44 26.11
CA PHE B 118 32.22 50.17 25.60
C PHE B 118 32.24 49.08 26.66
N ASP B 119 33.30 49.03 27.46
CA ASP B 119 33.37 48.05 28.53
C ASP B 119 32.28 48.27 29.56
N ALA B 120 32.03 49.53 29.92
CA ALA B 120 30.96 49.82 30.88
C ALA B 120 29.60 49.44 30.31
N VAL B 121 29.37 49.73 29.02
CA VAL B 121 28.10 49.39 28.40
C VAL B 121 27.90 47.87 28.39
N ALA B 122 28.95 47.13 28.04
CA ALA B 122 28.85 45.68 28.04
C ALA B 122 28.59 45.13 29.45
N GLN B 123 29.29 45.69 30.44
CA GLN B 123 29.11 45.25 31.82
C GLN B 123 27.78 45.68 32.42
N SER B 124 27.02 46.54 31.74
CA SER B 124 25.73 47.00 32.24
C SER B 124 25.87 47.74 33.56
N ASN B 125 26.99 48.44 33.76
CA ASN B 125 27.24 49.22 34.96
C ASN B 125 27.28 50.69 34.59
N CYS B 126 26.42 51.48 35.23
CA CYS B 126 26.32 52.92 34.96
C CYS B 126 27.20 53.76 35.87
N GLN B 127 27.91 53.14 36.83
CA GLN B 127 28.76 53.90 37.72
C GLN B 127 29.90 54.57 36.95
N GLU B 128 30.62 53.80 36.14
CA GLU B 128 31.71 54.37 35.36
C GLU B 128 31.20 55.41 34.38
N LEU B 129 30.06 55.13 33.71
CA LEU B 129 29.49 56.11 32.79
C LEU B 129 29.09 57.37 33.52
N GLU B 130 28.49 57.23 34.71
CA GLU B 130 28.11 58.41 35.48
C GLU B 130 29.34 59.23 35.87
N SER B 131 30.41 58.56 36.28
CA SER B 131 31.63 59.27 36.64
C SER B 131 32.24 59.98 35.44
N LEU B 132 32.21 59.33 34.27
CA LEU B 132 32.84 59.90 33.09
C LEU B 132 31.99 60.99 32.42
N LEU B 133 30.68 61.01 32.67
CA LEU B 133 29.82 62.00 32.02
C LEU B 133 30.26 63.43 32.33
N PRO B 134 30.50 63.83 33.58
CA PRO B 134 31.00 65.19 33.82
C PRO B 134 32.32 65.47 33.11
N PHE B 135 33.21 64.48 33.04
CA PHE B 135 34.47 64.67 32.33
C PHE B 135 34.23 64.96 30.86
N LEU B 136 33.32 64.21 30.24
CA LEU B 136 32.99 64.45 28.83
C LEU B 136 32.37 65.84 28.66
N GLN B 137 31.49 66.24 29.59
CA GLN B 137 30.88 67.56 29.51
C GLN B 137 31.92 68.66 29.57
N ARG B 138 32.89 68.53 30.50
CA ARG B 138 33.96 69.51 30.59
C ARG B 138 34.83 69.51 29.33
N SER B 139 35.15 68.33 28.82
CA SER B 139 35.98 68.21 27.63
C SER B 139 35.17 68.51 26.37
N GLU B 152 35.89 51.50 11.43
CA GLU B 152 35.52 50.73 10.25
C GLU B 152 34.06 50.31 10.30
N THR B 153 33.59 49.92 11.49
CA THR B 153 32.22 49.49 11.66
C THR B 153 31.28 50.69 11.78
N GLY B 154 31.54 51.57 12.75
CA GLY B 154 30.72 52.73 12.97
C GLY B 154 29.64 52.57 14.02
N LYS B 155 29.68 51.51 14.81
CA LYS B 155 28.65 51.30 15.84
C LYS B 155 28.70 52.42 16.86
N THR B 156 27.53 52.92 17.23
CA THR B 156 27.42 53.98 18.22
C THR B 156 27.21 53.39 19.62
N CYS B 157 27.31 54.25 20.63
CA CYS B 157 27.14 53.79 22.01
C CYS B 157 25.74 53.23 22.24
N LEU B 158 24.72 53.89 21.69
CA LEU B 158 23.36 53.40 21.85
C LEU B 158 23.19 52.03 21.18
N LEU B 159 23.75 51.88 19.98
CA LEU B 159 23.66 50.59 19.30
C LEU B 159 24.38 49.51 20.07
N LYS B 160 25.56 49.81 20.60
CA LYS B 160 26.30 48.82 21.38
C LYS B 160 25.53 48.43 22.64
N ALA B 161 24.93 49.41 23.32
CA ALA B 161 24.14 49.10 24.51
C ALA B 161 22.94 48.23 24.16
N MET B 162 22.25 48.55 23.06
CA MET B 162 21.09 47.76 22.65
C MET B 162 21.50 46.33 22.31
N LEU B 163 22.62 46.16 21.60
CA LEU B 163 23.08 44.82 21.24
C LEU B 163 23.47 44.02 22.47
N ASN B 164 24.18 44.65 23.41
CA ASN B 164 24.65 43.97 24.62
C ASN B 164 23.65 44.16 25.76
N LEU B 165 22.44 43.67 25.55
CA LEU B 165 21.36 43.74 26.52
C LEU B 165 20.82 42.35 26.79
N HIS B 166 20.65 42.02 28.06
CA HIS B 166 20.15 40.71 28.48
C HIS B 166 18.94 40.91 29.38
N ASN B 167 17.80 40.37 28.98
CA ASN B 167 16.56 40.46 29.76
C ASN B 167 16.25 41.91 30.10
N GLY B 168 16.47 42.81 29.14
CA GLY B 168 16.21 44.22 29.36
C GLY B 168 17.04 44.81 30.48
N GLN B 169 18.29 44.35 30.62
CA GLN B 169 19.18 44.84 31.67
C GLN B 169 20.01 46.03 31.23
N ASN B 170 19.86 46.48 29.98
CA ASN B 170 20.61 47.63 29.49
C ASN B 170 19.92 48.90 29.97
N ASP B 171 20.44 49.50 31.04
CA ASP B 171 19.88 50.72 31.60
C ASP B 171 20.63 51.97 31.16
N THR B 172 21.85 51.84 30.66
CA THR B 172 22.62 52.99 30.22
C THR B 172 22.05 53.65 28.97
N ILE B 173 21.12 53.00 28.28
CA ILE B 173 20.57 53.57 27.05
C ILE B 173 19.84 54.88 27.34
N ALA B 174 19.01 54.87 28.39
CA ALA B 174 18.25 56.08 28.74
C ALA B 174 19.19 57.22 29.14
N LEU B 175 20.20 56.92 29.95
CA LEU B 175 21.14 57.96 30.37
C LEU B 175 21.90 58.51 29.18
N LEU B 176 22.35 57.62 28.27
CA LEU B 176 23.06 58.08 27.09
C LEU B 176 22.18 58.96 26.22
N LEU B 177 20.92 58.57 26.03
CA LEU B 177 20.01 59.39 25.23
C LEU B 177 19.77 60.75 25.87
N ASP B 178 19.60 60.77 27.20
CA ASP B 178 19.41 62.04 27.89
C ASP B 178 20.63 62.93 27.75
N VAL B 179 21.82 62.35 27.89
CA VAL B 179 23.05 63.14 27.75
C VAL B 179 23.16 63.69 26.34
N ALA B 180 22.87 62.86 25.33
CA ALA B 180 22.94 63.31 23.95
C ALA B 180 21.95 64.45 23.69
N ARG B 181 20.74 64.33 24.23
CA ARG B 181 19.77 65.41 24.08
C ARG B 181 20.25 66.68 24.76
N LYS B 182 20.84 66.56 25.95
CA LYS B 182 21.34 67.73 26.66
C LYS B 182 22.52 68.37 25.94
N THR B 183 23.27 67.59 25.17
CA THR B 183 24.42 68.10 24.43
C THR B 183 24.04 68.44 22.99
N GLN B 188 20.53 64.01 17.19
CA GLN B 188 21.28 63.61 16.01
C GLN B 188 21.93 62.23 16.21
N PHE B 189 22.11 61.85 17.47
CA PHE B 189 22.74 60.58 17.79
C PHE B 189 21.78 59.40 17.66
N VAL B 190 20.46 59.64 17.75
CA VAL B 190 19.50 58.54 17.66
C VAL B 190 19.53 57.93 16.26
N ASN B 191 19.73 58.76 15.23
CA ASN B 191 19.73 58.29 13.85
C ASN B 191 21.06 57.70 13.42
N ALA B 192 22.08 57.70 14.28
CA ALA B 192 23.36 57.12 13.92
C ALA B 192 23.20 55.66 13.53
N SER B 193 23.81 55.28 12.41
CA SER B 193 23.66 53.93 11.87
C SER B 193 25.02 53.41 11.42
N TYR B 194 25.16 52.08 11.43
CA TYR B 194 26.39 51.45 10.98
C TYR B 194 26.64 51.81 9.52
N THR B 195 27.88 52.20 9.23
CA THR B 195 28.26 52.61 7.88
C THR B 195 28.87 51.47 7.06
N ASP B 196 29.07 50.30 7.65
CA ASP B 196 29.66 49.19 6.92
C ASP B 196 28.70 48.71 5.83
N SER B 197 29.25 48.37 4.67
CA SER B 197 28.42 47.90 3.57
C SER B 197 27.65 46.65 3.95
N TYR B 198 28.22 45.79 4.80
CA TYR B 198 27.52 44.59 5.23
C TYR B 198 26.31 44.93 6.08
N TYR B 199 26.42 45.93 6.95
CA TYR B 199 25.37 46.30 7.88
C TYR B 199 24.88 47.73 7.65
N LYS B 200 25.06 48.26 6.45
CA LYS B 200 24.67 49.64 6.19
C LYS B 200 23.20 49.86 6.47
N GLY B 201 22.89 50.96 7.15
CA GLY B 201 21.53 51.38 7.39
C GLY B 201 20.94 50.95 8.71
N GLN B 202 21.52 49.96 9.38
CA GLN B 202 20.98 49.50 10.65
C GLN B 202 21.04 50.61 11.68
N THR B 203 19.96 50.74 12.45
CA THR B 203 19.85 51.77 13.49
C THR B 203 19.35 51.11 14.76
N ALA B 204 19.19 51.94 15.81
CA ALA B 204 18.70 51.41 17.09
C ALA B 204 17.28 50.87 16.96
N LEU B 205 16.45 51.49 16.11
CA LEU B 205 15.08 51.03 15.96
C LEU B 205 15.03 49.61 15.40
N HIS B 206 15.88 49.30 14.43
CA HIS B 206 15.90 47.94 13.88
C HIS B 206 16.31 46.93 14.94
N ILE B 207 17.32 47.26 15.73
CA ILE B 207 17.76 46.33 16.78
C ILE B 207 16.65 46.13 17.80
N ALA B 208 15.97 47.20 18.19
CA ALA B 208 14.86 47.06 19.14
C ALA B 208 13.74 46.21 18.56
N ILE B 209 13.41 46.42 17.29
CA ILE B 209 12.32 45.67 16.67
C ILE B 209 12.68 44.18 16.60
N GLU B 210 13.92 43.88 16.19
CA GLU B 210 14.33 42.48 16.10
C GLU B 210 14.30 41.81 17.47
N ARG B 211 14.71 42.53 18.51
CA ARG B 211 14.77 41.96 19.85
C ARG B 211 13.40 41.73 20.47
N ARG B 212 12.33 42.20 19.83
CA ARG B 212 10.96 42.01 20.33
C ARG B 212 10.75 42.79 21.64
N ASN B 213 11.32 43.99 21.71
CA ASN B 213 11.16 44.87 22.87
C ASN B 213 10.16 45.95 22.50
N MET B 214 8.91 45.79 22.95
CA MET B 214 7.89 46.79 22.69
C MET B 214 8.21 48.09 23.42
N THR B 215 8.55 47.99 24.71
CA THR B 215 8.85 49.19 25.49
C THR B 215 10.09 49.90 24.95
N LEU B 216 11.15 49.14 24.64
CA LEU B 216 12.36 49.76 24.10
C LEU B 216 12.08 50.38 22.73
N VAL B 217 11.28 49.72 21.90
CA VAL B 217 10.95 50.27 20.59
C VAL B 217 10.20 51.58 20.75
N THR B 218 9.21 51.60 21.65
CA THR B 218 8.46 52.84 21.88
C THR B 218 9.35 53.95 22.39
N LEU B 219 10.23 53.63 23.34
CA LEU B 219 11.12 54.65 23.88
C LEU B 219 12.05 55.21 22.80
N LEU B 220 12.61 54.33 21.98
CA LEU B 220 13.50 54.78 20.91
C LEU B 220 12.75 55.64 19.89
N VAL B 221 11.53 55.23 19.54
CA VAL B 221 10.77 55.99 18.55
C VAL B 221 10.40 57.35 19.09
N GLU B 222 9.97 57.42 20.36
CA GLU B 222 9.52 58.70 20.92
C GLU B 222 10.65 59.73 20.92
N ASN B 223 11.85 59.31 21.32
CA ASN B 223 12.99 60.21 21.37
C ASN B 223 13.74 60.22 20.05
N ALA B 229 14.50 54.82 8.56
CA ALA B 229 15.58 54.57 7.61
C ALA B 229 15.42 53.21 6.96
N ALA B 230 16.42 52.80 6.17
CA ALA B 230 16.39 51.53 5.45
C ALA B 230 17.71 50.81 5.66
N ALA B 231 17.63 49.51 5.94
CA ALA B 231 18.82 48.68 6.16
C ALA B 231 19.32 48.21 4.81
N ASN B 232 20.15 49.03 4.17
CA ASN B 232 20.65 48.75 2.83
C ASN B 232 21.84 47.80 2.82
N GLY B 233 22.30 47.35 3.98
CA GLY B 233 23.49 46.52 4.02
C GLY B 233 23.31 45.20 3.30
N ASP B 234 24.44 44.65 2.85
CA ASP B 234 24.41 43.40 2.11
C ASP B 234 23.79 42.26 2.92
N PHE B 235 23.83 42.34 4.26
CA PHE B 235 23.16 41.34 5.07
C PHE B 235 21.66 41.32 4.81
N PHE B 236 21.08 42.47 4.45
CA PHE B 236 19.65 42.63 4.26
C PHE B 236 19.25 42.68 2.79
N LYS B 237 20.17 42.35 1.89
CA LYS B 237 19.85 42.30 0.47
C LYS B 237 19.23 40.95 0.11
N LYS B 238 18.63 40.91 -1.08
CA LYS B 238 17.97 39.70 -1.55
C LYS B 238 18.93 38.51 -1.57
N PRO B 243 24.47 33.82 3.68
CA PRO B 243 23.88 33.95 5.03
C PRO B 243 23.28 35.33 5.27
N GLY B 244 21.96 35.41 5.34
CA GLY B 244 21.30 36.68 5.58
C GLY B 244 19.81 36.47 5.73
N PHE B 245 19.14 37.55 6.12
CA PHE B 245 17.69 37.57 6.30
C PHE B 245 17.12 38.75 5.55
N TYR B 246 16.11 38.49 4.72
CA TYR B 246 15.44 39.52 3.94
C TYR B 246 14.03 39.74 4.47
N PHE B 247 13.71 40.98 4.80
CA PHE B 247 12.40 41.33 5.34
C PHE B 247 11.89 42.64 4.76
N GLY B 248 12.45 43.09 3.65
CA GLY B 248 12.32 44.47 3.25
C GLY B 248 13.43 45.28 3.89
N GLU B 249 13.34 46.60 3.71
CA GLU B 249 14.34 47.52 4.23
C GLU B 249 13.66 48.70 4.91
N LEU B 250 12.69 48.42 5.77
CA LEU B 250 12.02 49.44 6.56
C LEU B 250 11.65 48.84 7.90
N PRO B 251 11.59 49.65 8.97
CA PRO B 251 11.13 49.10 10.26
C PRO B 251 9.76 48.48 10.19
N LEU B 252 8.85 49.07 9.41
CA LEU B 252 7.50 48.52 9.30
C LEU B 252 7.54 47.13 8.68
N SER B 253 8.32 46.95 7.61
CA SER B 253 8.43 45.65 6.98
C SER B 253 9.07 44.63 7.92
N LEU B 254 10.10 45.05 8.66
CA LEU B 254 10.73 44.13 9.60
C LEU B 254 9.75 43.68 10.68
N ALA B 255 8.95 44.61 11.20
CA ALA B 255 7.94 44.24 12.19
C ALA B 255 6.90 43.31 11.60
N ALA B 256 6.46 43.59 10.36
CA ALA B 256 5.42 42.78 9.75
C ALA B 256 5.90 41.35 9.51
N CYS B 257 7.15 41.20 9.06
CA CYS B 257 7.66 39.89 8.69
C CYS B 257 8.08 39.03 9.88
N THR B 258 7.98 39.55 11.10
CA THR B 258 8.56 38.88 12.26
C THR B 258 7.51 38.40 13.27
N ASN B 259 6.21 38.63 13.03
CA ASN B 259 5.14 38.28 13.97
C ASN B 259 4.97 39.26 15.11
N GLN B 260 5.50 40.47 14.99
CA GLN B 260 5.31 41.51 16.00
C GLN B 260 4.20 42.44 15.56
N LEU B 261 2.96 41.92 15.63
CA LEU B 261 1.81 42.67 15.14
C LEU B 261 1.60 43.96 15.92
N ALA B 262 1.78 43.91 17.24
CA ALA B 262 1.57 45.11 18.05
C ALA B 262 2.50 46.23 17.62
N ILE B 263 3.75 45.89 17.32
CA ILE B 263 4.70 46.91 16.86
C ILE B 263 4.28 47.45 15.50
N VAL B 264 3.74 46.60 14.63
CA VAL B 264 3.21 47.08 13.35
C VAL B 264 2.14 48.13 13.59
N LYS B 265 1.17 47.81 14.46
CA LYS B 265 0.09 48.75 14.75
C LYS B 265 0.64 50.05 15.33
N PHE B 266 1.54 49.95 16.30
CA PHE B 266 2.08 51.14 16.94
C PHE B 266 2.82 52.01 15.94
N LEU B 267 3.64 51.41 15.08
CA LEU B 267 4.35 52.18 14.06
C LEU B 267 3.38 52.83 13.10
N LEU B 268 2.33 52.12 12.71
CA LEU B 268 1.36 52.69 11.77
C LEU B 268 0.64 53.88 12.36
N GLN B 269 0.23 53.79 13.63
CA GLN B 269 -0.54 54.85 14.28
C GLN B 269 0.20 55.42 15.49
N ASN B 270 1.51 55.58 15.37
CA ASN B 270 2.31 56.19 16.42
C ASN B 270 2.11 57.70 16.40
N SER B 271 1.73 58.26 17.55
CA SER B 271 1.45 59.69 17.61
C SER B 271 2.70 60.51 17.31
N TRP B 272 3.85 60.12 17.87
CA TRP B 272 5.08 60.86 17.66
C TRP B 272 5.46 60.88 16.18
N GLN B 273 5.36 59.73 15.52
CA GLN B 273 5.67 59.64 14.09
C GLN B 273 5.00 58.41 13.51
N PRO B 274 4.14 58.56 12.49
CA PRO B 274 3.55 57.37 11.86
C PRO B 274 4.36 56.90 10.66
N ALA B 275 4.48 55.58 10.53
CA ALA B 275 5.20 54.99 9.41
C ALA B 275 4.37 55.10 8.14
N ASP B 276 5.07 55.08 7.00
CA ASP B 276 4.44 55.17 5.69
C ASP B 276 4.09 53.76 5.23
N ILE B 277 2.80 53.47 5.13
CA ILE B 277 2.36 52.12 4.75
C ILE B 277 2.74 51.82 3.31
N SER B 278 2.69 52.81 2.43
CA SER B 278 2.92 52.62 1.01
C SER B 278 4.38 52.77 0.59
N ALA B 279 5.29 52.96 1.54
CA ALA B 279 6.69 53.13 1.20
C ALA B 279 7.25 51.85 0.59
N ARG B 280 8.26 52.03 -0.26
CA ARG B 280 8.89 50.92 -0.97
C ARG B 280 10.39 50.97 -0.78
N ASP B 281 11.01 49.80 -0.66
CA ASP B 281 12.44 49.70 -0.45
C ASP B 281 13.19 49.82 -1.78
N SER B 282 14.48 49.51 -1.77
CA SER B 282 15.29 49.68 -2.97
C SER B 282 14.73 48.87 -4.14
N VAL B 283 14.41 47.60 -3.91
CA VAL B 283 13.83 46.76 -4.95
C VAL B 283 12.41 47.14 -5.30
N GLY B 284 11.78 48.01 -4.50
CA GLY B 284 10.42 48.43 -4.73
C GLY B 284 9.37 47.65 -3.98
N ASN B 285 9.75 46.62 -3.24
CA ASN B 285 8.78 45.85 -2.48
C ASN B 285 8.18 46.70 -1.35
N THR B 286 6.86 46.61 -1.20
CA THR B 286 6.18 47.21 -0.06
C THR B 286 6.10 46.17 1.05
N VAL B 287 5.32 46.45 2.09
CA VAL B 287 5.18 45.49 3.17
C VAL B 287 4.48 44.23 2.68
N LEU B 288 3.52 44.38 1.76
CA LEU B 288 2.81 43.22 1.22
C LEU B 288 3.74 42.38 0.34
N HIS B 289 4.55 43.03 -0.49
CA HIS B 289 5.54 42.30 -1.28
C HIS B 289 6.50 41.56 -0.37
N ALA B 290 6.96 42.20 0.70
CA ALA B 290 7.87 41.54 1.63
C ALA B 290 7.21 40.34 2.30
N LEU B 291 5.94 40.48 2.68
CA LEU B 291 5.23 39.35 3.27
C LEU B 291 5.13 38.19 2.30
N VAL B 292 4.86 38.49 1.02
CA VAL B 292 4.81 37.42 0.02
C VAL B 292 6.18 36.77 -0.11
N GLU B 293 7.25 37.57 -0.14
CA GLU B 293 8.59 37.01 -0.29
C GLU B 293 8.94 36.07 0.85
N VAL B 294 8.50 36.39 2.07
CA VAL B 294 8.85 35.59 3.23
C VAL B 294 8.21 34.21 3.16
N ALA B 295 6.99 34.12 2.64
CA ALA B 295 6.25 32.87 2.67
C ALA B 295 7.06 31.75 2.02
N ASP B 296 7.04 30.58 2.66
CA ASP B 296 7.80 29.42 2.19
C ASP B 296 6.94 28.18 2.08
N ASN B 297 5.61 28.33 2.11
CA ASN B 297 4.62 27.28 1.92
C ASN B 297 4.47 26.37 3.13
N THR B 298 5.20 26.61 4.22
CA THR B 298 4.95 25.87 5.46
C THR B 298 3.60 26.26 6.02
N VAL B 299 2.92 25.29 6.64
CA VAL B 299 1.55 25.51 7.09
C VAL B 299 1.48 26.66 8.08
N ASP B 300 2.33 26.62 9.11
CA ASP B 300 2.36 27.72 10.08
C ASP B 300 2.81 29.01 9.41
N ASN B 301 3.84 28.94 8.55
CA ASN B 301 4.29 30.12 7.84
C ASN B 301 3.20 30.68 6.96
N THR B 302 2.46 29.82 6.26
CA THR B 302 1.36 30.29 5.43
C THR B 302 0.28 30.95 6.28
N LYS B 303 -0.07 30.35 7.42
CA LYS B 303 -1.09 30.94 8.28
C LYS B 303 -0.69 32.33 8.73
N PHE B 304 0.53 32.44 9.27
CA PHE B 304 1.11 33.77 9.54
C PHE B 304 1.00 34.73 8.37
N VAL B 305 1.58 34.38 7.23
CA VAL B 305 1.71 35.38 6.18
C VAL B 305 0.35 35.85 5.73
N THR B 306 -0.61 34.93 5.58
CA THR B 306 -1.95 35.32 5.21
C THR B 306 -2.60 36.21 6.27
N SER B 307 -2.45 35.85 7.55
CA SER B 307 -3.10 36.64 8.61
C SER B 307 -2.55 38.05 8.65
N MET B 308 -1.22 38.18 8.63
CA MET B 308 -0.60 39.50 8.66
C MET B 308 -0.95 40.30 7.41
N TYR B 309 -0.99 39.65 6.26
CA TYR B 309 -1.41 40.33 5.04
C TYR B 309 -2.80 40.92 5.20
N ASN B 310 -3.73 40.12 5.74
CA ASN B 310 -5.09 40.61 5.95
C ASN B 310 -5.13 41.78 6.93
N GLU B 311 -4.39 41.66 8.04
CA GLU B 311 -4.40 42.72 9.04
C GLU B 311 -3.86 44.02 8.47
N ILE B 312 -2.72 43.96 7.77
CA ILE B 312 -2.14 45.17 7.21
C ILE B 312 -3.07 45.76 6.15
N LEU B 313 -3.72 44.90 5.35
CA LEU B 313 -4.65 45.39 4.35
C LEU B 313 -5.80 46.16 5.01
N ILE B 314 -6.38 45.59 6.06
CA ILE B 314 -7.52 46.23 6.72
C ILE B 314 -7.09 47.56 7.34
N LEU B 315 -5.95 47.58 8.04
CA LEU B 315 -5.49 48.82 8.66
C LEU B 315 -5.21 49.88 7.59
N GLY B 316 -4.54 49.50 6.51
CA GLY B 316 -4.27 50.46 5.45
C GLY B 316 -5.55 51.02 4.86
N ALA B 317 -6.56 50.17 4.67
CA ALA B 317 -7.84 50.66 4.19
C ALA B 317 -8.47 51.63 5.17
N LYS B 318 -8.42 51.31 6.46
CA LYS B 318 -9.01 52.21 7.46
C LYS B 318 -8.32 53.57 7.45
N LEU B 319 -6.98 53.59 7.39
CA LEU B 319 -6.26 54.85 7.43
C LEU B 319 -6.41 55.62 6.12
N HIS B 320 -6.26 54.95 4.98
CA HIS B 320 -6.20 55.59 3.67
C HIS B 320 -7.13 54.87 2.71
N PRO B 321 -8.45 55.12 2.80
CA PRO B 321 -9.38 54.42 1.91
C PRO B 321 -9.13 54.67 0.43
N THR B 322 -8.69 55.88 0.06
CA THR B 322 -8.53 56.21 -1.35
C THR B 322 -7.45 55.34 -2.00
N LEU B 323 -6.34 55.13 -1.30
CA LEU B 323 -5.21 54.42 -1.88
C LEU B 323 -5.55 52.94 -2.09
N LYS B 324 -5.14 52.42 -3.25
CA LYS B 324 -5.29 51.00 -3.58
C LYS B 324 -3.93 50.34 -3.36
N LEU B 325 -3.78 49.66 -2.23
CA LEU B 325 -2.47 49.14 -1.82
C LEU B 325 -2.02 48.02 -2.74
N GLU B 326 -2.91 47.08 -3.04
CA GLU B 326 -2.51 45.91 -3.83
C GLU B 326 -2.10 46.28 -5.25
N GLU B 327 -2.59 47.39 -5.78
CA GLU B 327 -2.25 47.76 -7.15
C GLU B 327 -0.78 48.12 -7.32
N ILE B 328 -0.09 48.48 -6.23
CA ILE B 328 1.30 48.90 -6.34
C ILE B 328 2.15 47.74 -6.84
N THR B 329 3.25 48.07 -7.52
CA THR B 329 4.15 47.09 -8.09
C THR B 329 5.58 47.41 -7.66
N ASN B 330 6.43 46.39 -7.67
CA ASN B 330 7.84 46.56 -7.40
C ASN B 330 8.57 46.93 -8.68
N ARG B 331 9.91 46.95 -8.64
CA ARG B 331 10.67 47.35 -9.81
C ARG B 331 10.44 46.41 -10.99
N LYS B 332 10.40 45.11 -10.72
CA LYS B 332 10.17 44.14 -11.80
C LYS B 332 8.81 44.32 -12.45
N GLY B 333 7.85 44.92 -11.74
CA GLY B 333 6.53 45.16 -12.29
C GLY B 333 5.45 44.22 -11.82
N LEU B 334 5.70 43.40 -10.82
CA LEU B 334 4.74 42.43 -10.31
C LEU B 334 4.02 42.99 -9.09
N THR B 335 2.76 42.61 -8.95
CA THR B 335 1.96 42.92 -7.77
C THR B 335 2.07 41.79 -6.77
N PRO B 336 1.59 42.00 -5.53
CA PRO B 336 1.64 40.90 -4.55
C PRO B 336 0.95 39.64 -5.05
N LEU B 337 -0.18 39.76 -5.73
CA LEU B 337 -0.85 38.59 -6.28
C LEU B 337 -0.03 37.99 -7.42
N ALA B 338 0.42 38.83 -8.36
CA ALA B 338 1.25 38.33 -9.44
C ALA B 338 2.56 37.77 -8.92
N LEU B 339 3.16 38.42 -7.92
CA LEU B 339 4.39 37.91 -7.34
C LEU B 339 4.18 36.55 -6.68
N ALA B 340 3.06 36.39 -5.95
CA ALA B 340 2.78 35.10 -5.34
C ALA B 340 2.57 34.02 -6.39
N ALA B 341 1.85 34.35 -7.47
CA ALA B 341 1.65 33.36 -8.52
C ALA B 341 2.97 33.00 -9.19
N SER B 342 3.83 33.98 -9.42
CA SER B 342 5.10 33.72 -10.11
C SER B 342 6.04 32.89 -9.24
N SER B 343 6.11 33.20 -7.94
CA SER B 343 7.09 32.57 -7.07
C SER B 343 6.67 31.18 -6.61
N GLY B 344 5.45 30.74 -6.92
CA GLY B 344 5.00 29.43 -6.52
C GLY B 344 4.38 29.36 -5.15
N LYS B 345 4.15 30.50 -4.49
CA LYS B 345 3.53 30.49 -3.17
C LYS B 345 2.06 30.15 -3.30
N ILE B 346 1.73 28.86 -3.19
CA ILE B 346 0.35 28.42 -3.40
C ILE B 346 -0.56 28.92 -2.27
N GLY B 347 -0.05 28.94 -1.04
CA GLY B 347 -0.89 29.34 0.07
C GLY B 347 -1.35 30.79 -0.03
N VAL B 348 -0.41 31.69 -0.33
CA VAL B 348 -0.76 33.10 -0.44
C VAL B 348 -1.69 33.32 -1.62
N LEU B 349 -1.44 32.63 -2.73
CA LEU B 349 -2.32 32.73 -3.89
C LEU B 349 -3.73 32.28 -3.54
N ALA B 350 -3.85 31.14 -2.86
CA ALA B 350 -5.16 30.62 -2.50
C ALA B 350 -5.88 31.58 -1.56
N TYR B 351 -5.15 32.18 -0.62
CA TYR B 351 -5.77 33.16 0.26
C TYR B 351 -6.27 34.36 -0.52
N ILE B 352 -5.40 34.94 -1.36
CA ILE B 352 -5.76 36.17 -2.07
C ILE B 352 -6.94 35.94 -3.01
N LEU B 353 -6.90 34.85 -3.77
CA LEU B 353 -7.88 34.66 -4.83
C LEU B 353 -9.30 34.60 -4.28
N GLN B 354 -9.49 33.89 -3.17
CA GLN B 354 -10.80 33.69 -2.56
C GLN B 354 -10.73 34.21 -1.12
N ARG B 355 -10.97 35.50 -0.95
CA ARG B 355 -10.99 36.13 0.37
C ARG B 355 -12.20 37.04 0.46
N GLU B 356 -12.92 36.97 1.58
CA GLU B 356 -14.08 37.80 1.83
C GLU B 356 -13.95 38.43 3.21
N ILE B 357 -14.09 39.74 3.27
CA ILE B 357 -14.09 40.49 4.52
C ILE B 357 -15.52 40.95 4.76
N HIS B 358 -16.18 40.33 5.75
CA HIS B 358 -17.59 40.60 6.00
C HIS B 358 -17.82 41.95 6.68
N GLU B 359 -16.78 42.58 7.21
CA GLU B 359 -16.95 43.83 7.92
C GLU B 359 -17.53 44.88 6.99
N PRO B 360 -18.66 45.51 7.32
CA PRO B 360 -19.19 46.57 6.44
C PRO B 360 -18.23 47.74 6.28
N GLU B 361 -17.38 47.99 7.27
CA GLU B 361 -16.45 49.11 7.17
C GLU B 361 -15.51 48.95 5.99
N CYS B 362 -14.96 47.74 5.81
CA CYS B 362 -14.06 47.44 4.69
C CYS B 362 -14.54 46.14 4.05
N ARG B 363 -15.47 46.25 3.11
CA ARG B 363 -15.99 45.11 2.38
C ARG B 363 -15.50 45.04 0.95
N HIS B 364 -15.20 46.19 0.33
CA HIS B 364 -14.69 46.19 -1.03
C HIS B 364 -13.33 45.51 -1.13
N LEU B 365 -12.66 45.28 -0.01
CA LEU B 365 -11.39 44.56 -0.04
C LEU B 365 -11.64 43.06 -0.05
N SER B 366 -12.49 42.60 -0.96
CA SER B 366 -12.84 41.19 -1.06
C SER B 366 -12.95 40.81 -2.52
N ARG B 367 -12.78 39.51 -2.78
CA ARG B 367 -12.84 38.99 -4.13
C ARG B 367 -13.91 37.92 -4.33
N LYS B 368 -14.35 37.26 -3.27
CA LYS B 368 -15.37 36.23 -3.35
C LYS B 368 -16.59 36.69 -2.57
N PHE B 369 -17.68 36.97 -3.29
CA PHE B 369 -18.92 37.45 -2.68
C PHE B 369 -19.92 36.29 -2.59
N THR B 370 -21.16 36.62 -2.22
CA THR B 370 -22.23 35.63 -2.13
C THR B 370 -23.45 36.23 -2.82
N GLU B 371 -23.71 35.79 -4.06
CA GLU B 371 -24.81 36.37 -4.82
C GLU B 371 -26.14 36.16 -4.12
N TRP B 372 -26.39 34.95 -3.62
CA TRP B 372 -27.65 34.71 -2.91
C TRP B 372 -27.58 33.35 -2.22
N ALA B 373 -28.61 33.08 -1.41
CA ALA B 373 -28.75 31.83 -0.68
C ALA B 373 -30.19 31.71 -0.20
N TYR B 374 -30.79 30.54 -0.38
CA TYR B 374 -32.16 30.29 0.04
C TYR B 374 -32.25 29.28 1.17
N GLY B 375 -31.73 28.08 0.98
CA GLY B 375 -31.73 27.07 2.02
C GLY B 375 -30.33 26.57 2.29
N PRO B 376 -30.05 25.30 1.98
CA PRO B 376 -28.67 24.83 1.93
C PRO B 376 -27.96 25.12 0.62
N VAL B 377 -28.55 25.93 -0.25
CA VAL B 377 -28.03 26.24 -1.56
C VAL B 377 -27.66 27.72 -1.60
N HIS B 378 -26.49 28.04 -2.14
CA HIS B 378 -26.10 29.44 -2.26
C HIS B 378 -25.15 29.60 -3.44
N SER B 379 -25.32 30.71 -4.16
CA SER B 379 -24.49 31.03 -5.32
C SER B 379 -23.62 32.23 -4.98
N SER B 380 -22.32 32.11 -5.27
CA SER B 380 -21.31 33.10 -4.96
C SER B 380 -20.61 33.56 -6.24
N LEU B 381 -19.79 34.59 -6.11
CA LEU B 381 -19.08 35.19 -7.22
C LEU B 381 -17.60 35.29 -6.89
N TYR B 382 -16.77 35.39 -7.93
CA TYR B 382 -15.34 35.60 -7.80
C TYR B 382 -14.93 36.77 -8.68
N ASP B 383 -13.90 37.50 -8.26
CA ASP B 383 -13.61 38.80 -8.85
C ASP B 383 -13.10 38.67 -10.29
N LEU B 384 -12.13 37.79 -10.52
CA LEU B 384 -11.51 37.64 -11.85
C LEU B 384 -10.96 38.97 -12.36
N SER B 385 -10.50 39.85 -11.47
CA SER B 385 -10.02 41.15 -11.90
C SER B 385 -8.82 41.01 -12.83
N CYS B 386 -7.72 40.47 -12.33
CA CYS B 386 -6.51 40.22 -13.13
C CYS B 386 -6.17 38.74 -13.13
N ILE B 387 -7.20 37.90 -13.12
CA ILE B 387 -7.00 36.46 -13.28
C ILE B 387 -7.15 36.04 -14.74
N ASP B 388 -8.02 36.72 -15.48
CA ASP B 388 -8.29 36.40 -16.88
C ASP B 388 -7.50 37.27 -17.84
N THR B 389 -7.62 38.59 -17.70
CA THR B 389 -6.90 39.54 -18.54
C THR B 389 -6.41 40.69 -17.67
N CYS B 390 -5.10 40.91 -17.64
CA CYS B 390 -4.51 42.01 -16.92
C CYS B 390 -3.54 42.75 -17.83
N GLU B 391 -3.38 44.05 -17.58
CA GLU B 391 -2.53 44.86 -18.44
C GLU B 391 -1.09 44.37 -18.43
N LYS B 392 -0.55 44.10 -17.24
CA LYS B 392 0.84 43.66 -17.14
C LYS B 392 0.97 42.16 -17.38
N ASN B 393 0.35 41.35 -16.53
CA ASN B 393 0.42 39.89 -16.67
C ASN B 393 -0.64 39.27 -15.80
N SER B 394 -1.53 38.48 -16.40
CA SER B 394 -2.56 37.80 -15.64
C SER B 394 -1.97 36.63 -14.86
N VAL B 395 -2.73 36.16 -13.87
CA VAL B 395 -2.26 35.06 -13.03
C VAL B 395 -2.19 33.77 -13.83
N LEU B 396 -3.16 33.56 -14.74
CA LEU B 396 -3.19 32.32 -15.51
C LEU B 396 -1.93 32.16 -16.35
N GLU B 397 -1.55 33.22 -17.08
CA GLU B 397 -0.39 33.11 -17.95
C GLU B 397 0.91 33.11 -17.16
N VAL B 398 0.93 33.74 -15.99
CA VAL B 398 2.11 33.69 -15.14
C VAL B 398 2.31 32.29 -14.60
N ILE B 399 1.23 31.60 -14.22
CA ILE B 399 1.35 30.23 -13.74
C ILE B 399 1.74 29.30 -14.88
N ALA B 400 1.06 29.42 -16.03
CA ALA B 400 1.24 28.46 -17.11
C ALA B 400 2.60 28.62 -17.78
N TYR B 401 3.02 29.86 -18.02
CA TYR B 401 4.25 30.12 -18.76
C TYR B 401 5.49 30.16 -17.85
N SER B 402 5.38 29.66 -16.63
CA SER B 402 6.55 29.62 -15.76
C SER B 402 7.54 28.57 -16.24
N SER B 403 8.83 28.84 -15.99
CA SER B 403 9.92 28.02 -16.53
C SER B 403 10.18 26.76 -15.71
N SER B 404 9.22 26.32 -14.89
CA SER B 404 9.32 25.08 -14.14
C SER B 404 10.30 25.20 -12.98
N GLU B 405 11.01 26.32 -12.88
CA GLU B 405 11.77 26.61 -11.67
C GLU B 405 10.81 26.90 -10.51
N THR B 406 9.61 27.38 -10.82
CA THR B 406 8.59 27.57 -9.81
C THR B 406 8.25 26.23 -9.17
N PRO B 407 8.18 26.13 -7.84
CA PRO B 407 8.03 24.82 -7.21
C PRO B 407 6.87 23.97 -7.71
N ASN B 408 5.65 24.51 -7.70
CA ASN B 408 4.43 23.71 -7.81
C ASN B 408 3.46 24.32 -8.82
N ARG B 409 3.95 24.62 -10.02
CA ARG B 409 3.07 25.07 -11.09
C ARG B 409 1.88 24.13 -11.27
N HIS B 410 2.12 22.82 -11.18
CA HIS B 410 1.08 21.85 -11.50
C HIS B 410 -0.10 21.97 -10.56
N ASP B 411 0.17 22.21 -9.26
CA ASP B 411 -0.88 22.29 -8.26
C ASP B 411 -1.45 23.70 -8.09
N MET B 412 -0.89 24.69 -8.78
CA MET B 412 -1.36 26.07 -8.64
C MET B 412 -2.62 26.35 -9.43
N LEU B 413 -3.03 25.45 -10.31
CA LEU B 413 -4.26 25.62 -11.08
C LEU B 413 -5.46 24.94 -10.45
N LEU B 414 -5.27 24.28 -9.30
CA LEU B 414 -6.38 23.64 -8.61
C LEU B 414 -7.15 24.61 -7.71
N VAL B 415 -6.71 25.87 -7.61
CA VAL B 415 -7.39 26.82 -6.74
C VAL B 415 -8.82 27.03 -7.25
N GLU B 416 -9.68 27.56 -6.37
CA GLU B 416 -11.12 27.51 -6.61
C GLU B 416 -11.53 28.13 -7.94
N PRO B 417 -11.12 29.34 -8.30
CA PRO B 417 -11.64 29.95 -9.52
C PRO B 417 -10.99 29.42 -10.80
N LEU B 418 -9.72 29.05 -10.72
CA LEU B 418 -8.91 28.84 -11.93
C LEU B 418 -9.34 27.59 -12.68
N ASN B 419 -9.56 26.48 -11.97
CA ASN B 419 -9.93 25.24 -12.64
C ASN B 419 -11.26 25.39 -13.37
N ARG B 420 -12.25 25.98 -12.70
CA ARG B 420 -13.55 26.19 -13.33
C ARG B 420 -13.44 27.18 -14.49
N LEU B 421 -12.60 28.20 -14.35
CA LEU B 421 -12.43 29.16 -15.44
C LEU B 421 -11.84 28.48 -16.67
N LEU B 422 -10.82 27.65 -16.47
CA LEU B 422 -10.21 26.93 -17.59
C LEU B 422 -11.20 25.97 -18.23
N GLN B 423 -11.98 25.26 -17.42
CA GLN B 423 -12.98 24.35 -17.98
C GLN B 423 -14.03 25.11 -18.77
N ASP B 424 -14.43 26.29 -18.27
CA ASP B 424 -15.39 27.12 -19.00
C ASP B 424 -14.81 27.54 -20.35
N LYS B 425 -13.55 27.97 -20.37
CA LYS B 425 -12.94 28.36 -21.63
C LYS B 425 -12.86 27.18 -22.59
N TRP B 426 -12.50 26.00 -22.09
CA TRP B 426 -12.43 24.82 -22.94
C TRP B 426 -13.80 24.51 -23.54
N ASP B 427 -14.83 24.43 -22.71
CA ASP B 427 -16.14 24.03 -23.20
C ASP B 427 -16.75 25.07 -24.12
N ARG B 428 -16.44 26.36 -23.91
CA ARG B 428 -17.16 27.40 -24.63
C ARG B 428 -16.69 27.53 -26.08
N PHE B 429 -15.40 27.82 -26.30
CA PHE B 429 -14.93 28.16 -27.63
C PHE B 429 -13.61 27.54 -28.06
N VAL B 430 -12.93 26.78 -27.20
CA VAL B 430 -11.59 26.31 -27.54
C VAL B 430 -11.65 24.88 -28.07
N LYS B 431 -12.63 24.11 -27.63
CA LYS B 431 -12.71 22.71 -28.03
C LYS B 431 -12.90 22.57 -29.53
N ARG B 432 -13.77 23.40 -30.13
CA ARG B 432 -14.01 23.30 -31.56
C ARG B 432 -12.76 23.66 -32.36
N ILE B 433 -12.04 24.71 -31.93
CA ILE B 433 -10.83 25.11 -32.65
C ILE B 433 -9.76 24.03 -32.52
N PHE B 434 -9.65 23.41 -31.34
CA PHE B 434 -8.69 22.33 -31.17
C PHE B 434 -9.01 21.17 -32.11
N TYR B 435 -10.29 20.80 -32.20
CA TYR B 435 -10.67 19.70 -33.09
C TYR B 435 -10.45 20.06 -34.55
N PHE B 436 -10.71 21.31 -34.94
CA PHE B 436 -10.43 21.72 -36.31
C PHE B 436 -8.94 21.65 -36.63
N ASN B 437 -8.11 22.07 -35.68
CA ASN B 437 -6.66 21.95 -35.87
C ASN B 437 -6.24 20.50 -36.03
N PHE B 438 -6.81 19.61 -35.20
CA PHE B 438 -6.50 18.19 -35.31
C PHE B 438 -6.89 17.65 -36.68
N PHE B 439 -8.07 18.03 -37.17
CA PHE B 439 -8.53 17.57 -38.48
C PHE B 439 -7.61 18.07 -39.59
N VAL B 440 -7.20 19.34 -39.52
CA VAL B 440 -6.33 19.88 -40.56
C VAL B 440 -4.97 19.20 -40.54
N TYR B 441 -4.46 18.89 -39.35
CA TYR B 441 -3.19 18.16 -39.29
C TYR B 441 -3.33 16.76 -39.86
N CYS B 442 -4.48 16.11 -39.60
CA CYS B 442 -4.71 14.79 -40.20
C CYS B 442 -4.70 14.88 -41.73
N LEU B 443 -5.36 15.90 -42.28
CA LEU B 443 -5.35 16.07 -43.73
C LEU B 443 -3.94 16.30 -44.26
N TYR B 444 -3.16 17.14 -43.57
CA TYR B 444 -1.79 17.40 -43.99
C TYR B 444 -0.97 16.13 -43.98
N MET B 445 -1.10 15.32 -42.93
CA MET B 445 -0.32 14.09 -42.84
C MET B 445 -0.74 13.09 -43.92
N ILE B 446 -2.04 13.00 -44.22
CA ILE B 446 -2.48 12.10 -45.27
C ILE B 446 -1.93 12.54 -46.63
N ILE B 447 -1.97 13.84 -46.91
CA ILE B 447 -1.42 14.33 -48.18
C ILE B 447 0.07 14.05 -48.24
N PHE B 448 0.80 14.29 -47.15
CA PHE B 448 2.22 14.04 -47.13
C PHE B 448 2.53 12.56 -47.38
N THR B 449 1.78 11.67 -46.72
CA THR B 449 2.00 10.24 -46.91
C THR B 449 1.73 9.83 -48.34
N ALA B 450 0.64 10.33 -48.93
CA ALA B 450 0.31 9.95 -50.30
C ALA B 450 1.35 10.47 -51.29
N ALA B 451 1.84 11.69 -51.09
CA ALA B 451 2.81 12.26 -52.01
C ALA B 451 4.19 11.63 -51.86
N ALA B 452 4.56 11.22 -50.64
CA ALA B 452 5.85 10.57 -50.44
C ALA B 452 5.82 9.13 -50.92
N TYR B 453 4.66 8.47 -50.84
CA TYR B 453 4.56 7.08 -51.29
C TYR B 453 4.84 6.97 -52.78
N TYR B 454 4.32 7.91 -53.57
CA TYR B 454 4.41 7.86 -55.03
C TYR B 454 5.56 8.71 -55.56
N ARG B 455 6.65 8.82 -54.81
CA ARG B 455 7.77 9.61 -55.28
C ARG B 455 8.39 9.00 -56.53
N PRO B 456 8.90 9.82 -57.45
CA PRO B 456 9.60 9.26 -58.61
C PRO B 456 10.80 8.44 -58.17
N VAL B 457 11.03 7.32 -58.87
CA VAL B 457 12.07 6.38 -58.50
C VAL B 457 13.18 6.31 -59.53
N GLU B 458 12.90 6.61 -60.80
CA GLU B 458 13.89 6.51 -61.87
C GLU B 458 14.44 7.89 -62.17
N GLY B 459 15.76 8.01 -62.11
CA GLY B 459 16.44 9.25 -62.43
C GLY B 459 17.13 9.86 -61.22
N LEU B 460 17.40 11.16 -61.32
CA LEU B 460 18.05 11.94 -60.29
C LEU B 460 17.28 13.23 -60.10
N PRO B 461 17.10 13.69 -58.87
CA PRO B 461 16.33 14.92 -58.65
C PRO B 461 17.09 16.13 -59.17
N PRO B 462 16.40 17.22 -59.51
CA PRO B 462 14.93 17.37 -59.49
C PRO B 462 14.27 16.58 -60.62
N TYR B 463 12.99 16.27 -60.46
CA TYR B 463 12.26 15.47 -61.43
C TYR B 463 11.36 16.38 -62.26
N LYS B 464 11.55 16.37 -63.57
CA LYS B 464 10.78 17.23 -64.45
C LYS B 464 9.31 16.85 -64.41
N LEU B 465 8.45 17.87 -64.54
CA LEU B 465 7.01 17.65 -64.49
C LEU B 465 6.54 16.95 -65.76
N LYS B 466 5.39 16.29 -65.64
CA LYS B 466 4.75 15.60 -66.76
C LYS B 466 3.31 16.08 -66.88
N ASN B 467 2.79 16.03 -68.11
CA ASN B 467 1.45 16.51 -68.38
C ASN B 467 0.37 15.62 -67.75
N THR B 468 0.73 14.45 -67.26
CA THR B 468 -0.26 13.56 -66.67
C THR B 468 -0.90 14.20 -65.44
N VAL B 469 -2.19 13.90 -65.22
CA VAL B 469 -2.90 14.44 -64.06
C VAL B 469 -2.28 13.94 -62.77
N GLY B 470 -1.81 12.70 -62.77
CA GLY B 470 -1.16 12.17 -61.59
C GLY B 470 0.05 12.98 -61.18
N ASP B 471 0.83 13.44 -62.16
CA ASP B 471 1.98 14.29 -61.86
C ASP B 471 1.54 15.61 -61.23
N TYR B 472 0.46 16.21 -61.74
CA TYR B 472 -0.05 17.45 -61.17
C TYR B 472 -0.47 17.24 -59.71
N PHE B 473 -1.21 16.16 -59.45
CA PHE B 473 -1.64 15.89 -58.08
C PHE B 473 -0.45 15.65 -57.16
N ARG B 474 0.55 14.91 -57.64
CA ARG B 474 1.73 14.64 -56.83
C ARG B 474 2.48 15.93 -56.52
N VAL B 475 2.63 16.81 -57.50
CA VAL B 475 3.34 18.06 -57.28
C VAL B 475 2.56 18.95 -56.30
N THR B 476 1.22 18.94 -56.41
CA THR B 476 0.42 19.66 -55.43
C THR B 476 0.66 19.12 -54.03
N GLY B 477 0.72 17.80 -53.89
CA GLY B 477 1.02 17.21 -52.58
C GLY B 477 2.38 17.64 -52.05
N GLU B 478 3.39 17.65 -52.91
CA GLU B 478 4.72 18.08 -52.47
C GLU B 478 4.70 19.54 -52.03
N ILE B 479 4.01 20.39 -52.79
CA ILE B 479 3.96 21.81 -52.42
C ILE B 479 3.27 21.98 -51.07
N LEU B 480 2.16 21.27 -50.85
CA LEU B 480 1.47 21.37 -49.57
C LEU B 480 2.35 20.88 -48.43
N SER B 481 3.08 19.78 -48.64
CA SER B 481 3.97 19.27 -47.59
C SER B 481 5.06 20.28 -47.25
N VAL B 482 5.66 20.88 -48.27
CA VAL B 482 6.73 21.85 -48.03
C VAL B 482 6.18 23.08 -47.30
N SER B 483 4.98 23.53 -47.68
CA SER B 483 4.38 24.66 -47.00
C SER B 483 4.12 24.36 -45.54
N GLY B 484 3.61 23.16 -45.24
CA GLY B 484 3.43 22.79 -43.85
C GLY B 484 4.73 22.74 -43.08
N GLY B 485 5.78 22.22 -43.71
CA GLY B 485 7.08 22.21 -43.05
C GLY B 485 7.58 23.61 -42.73
N VAL B 486 7.43 24.54 -43.68
CA VAL B 486 7.84 25.92 -43.43
C VAL B 486 7.02 26.53 -42.30
N TYR B 487 5.72 26.27 -42.29
CA TYR B 487 4.87 26.80 -41.24
C TYR B 487 5.32 26.33 -39.87
N PHE B 488 5.58 25.03 -39.74
CA PHE B 488 6.03 24.50 -38.45
C PHE B 488 7.41 25.03 -38.08
N PHE B 489 8.30 25.21 -39.06
CA PHE B 489 9.60 25.79 -38.79
C PHE B 489 9.47 27.18 -38.19
N PHE B 490 8.67 28.04 -38.82
CA PHE B 490 8.52 29.40 -38.33
C PHE B 490 7.83 29.42 -36.97
N ARG B 491 6.84 28.55 -36.75
CA ARG B 491 6.19 28.50 -35.44
C ARG B 491 7.18 28.10 -34.35
N GLY B 492 8.03 27.12 -34.64
CA GLY B 492 9.03 26.71 -33.66
C GLY B 492 10.01 27.82 -33.35
N ILE B 493 10.47 28.53 -34.38
CA ILE B 493 11.39 29.65 -34.14
C ILE B 493 10.71 30.72 -33.29
N GLN B 494 9.45 31.05 -33.62
CA GLN B 494 8.71 32.02 -32.84
C GLN B 494 8.63 31.62 -31.37
N TYR B 495 8.27 30.35 -31.11
CA TYR B 495 8.16 29.89 -29.74
C TYR B 495 9.49 30.00 -29.01
N PHE B 496 10.56 29.53 -29.65
CA PHE B 496 11.85 29.53 -28.96
C PHE B 496 12.37 30.93 -28.71
N LEU B 497 12.02 31.89 -29.57
CA LEU B 497 12.39 33.28 -29.30
C LEU B 497 11.55 33.86 -28.17
N GLN B 498 10.25 33.62 -28.19
CA GLN B 498 9.38 34.20 -27.17
C GLN B 498 9.71 33.68 -25.78
N ARG B 499 9.98 32.38 -25.66
CA ARG B 499 10.14 31.77 -24.34
C ARG B 499 11.58 31.79 -23.84
N ARG B 500 12.56 31.64 -24.72
CA ARG B 500 13.96 31.60 -24.35
C ARG B 500 14.21 30.54 -23.26
N PRO B 501 13.81 29.29 -23.50
CA PRO B 501 14.01 28.26 -22.48
C PRO B 501 15.48 27.96 -22.25
N SER B 502 15.78 27.58 -21.01
CA SER B 502 17.12 27.14 -20.68
C SER B 502 17.33 25.70 -21.14
N LEU B 503 18.60 25.28 -21.19
CA LEU B 503 18.91 23.94 -21.69
C LEU B 503 18.31 22.87 -20.79
N LYS B 504 18.38 23.06 -19.47
CA LYS B 504 17.89 22.05 -18.55
C LYS B 504 16.39 21.83 -18.73
N SER B 505 15.62 22.91 -18.84
CA SER B 505 14.17 22.83 -19.00
C SER B 505 13.73 22.69 -20.45
N LEU B 506 14.67 22.72 -21.40
CA LEU B 506 14.31 22.63 -22.80
C LEU B 506 13.58 21.32 -23.11
N PHE B 507 14.11 20.21 -22.60
CA PHE B 507 13.51 18.89 -22.82
C PHE B 507 12.53 18.50 -21.73
N VAL B 508 12.28 19.37 -20.76
CA VAL B 508 11.34 19.08 -19.68
C VAL B 508 10.06 19.89 -19.79
N ASP B 509 10.06 21.01 -20.52
CA ASP B 509 8.88 21.83 -20.67
C ASP B 509 8.44 22.02 -22.11
N SER B 510 9.28 21.70 -23.09
CA SER B 510 9.01 21.95 -24.51
C SER B 510 9.35 20.72 -25.35
N TYR B 511 8.89 19.56 -24.88
CA TYR B 511 9.09 18.33 -25.64
C TYR B 511 8.37 18.37 -26.98
N SER B 512 7.10 18.75 -26.97
CA SER B 512 6.31 18.78 -28.20
C SER B 512 6.86 19.80 -29.19
N GLU B 513 7.22 20.98 -28.69
CA GLU B 513 7.76 22.01 -29.57
C GLU B 513 9.06 21.55 -30.21
N ILE B 514 9.92 20.89 -29.43
CA ILE B 514 11.17 20.38 -29.98
C ILE B 514 10.89 19.35 -31.06
N LEU B 515 9.95 18.44 -30.82
CA LEU B 515 9.68 17.39 -31.80
C LEU B 515 9.12 17.98 -33.10
N PHE B 516 8.19 18.92 -33.00
CA PHE B 516 7.66 19.53 -34.21
C PHE B 516 8.74 20.31 -34.96
N PHE B 517 9.58 21.03 -34.22
CA PHE B 517 10.66 21.77 -34.86
C PHE B 517 11.64 20.82 -35.56
N VAL B 518 11.93 19.68 -34.94
CA VAL B 518 12.86 18.73 -35.54
C VAL B 518 12.27 18.12 -36.81
N GLN B 519 10.97 17.81 -36.81
CA GLN B 519 10.36 17.32 -38.03
C GLN B 519 10.44 18.37 -39.14
N SER B 520 10.18 19.63 -38.80
CA SER B 520 10.30 20.69 -39.81
C SER B 520 11.73 20.81 -40.31
N LEU B 521 12.71 20.67 -39.42
CA LEU B 521 14.11 20.72 -39.81
C LEU B 521 14.44 19.61 -40.80
N PHE B 522 13.95 18.39 -40.53
CA PHE B 522 14.17 17.29 -41.44
C PHE B 522 13.55 17.58 -42.80
N MET B 523 12.35 18.15 -42.82
CA MET B 523 11.71 18.48 -44.10
C MET B 523 12.55 19.51 -44.87
N LEU B 524 13.05 20.53 -44.18
CA LEU B 524 13.82 21.56 -44.87
C LEU B 524 15.14 21.02 -45.39
N VAL B 525 15.81 20.16 -44.61
CA VAL B 525 17.03 19.53 -45.10
C VAL B 525 16.72 18.67 -46.32
N SER B 526 15.57 17.99 -46.30
CA SER B 526 15.17 17.19 -47.46
C SER B 526 14.99 18.07 -48.69
N VAL B 527 14.37 19.24 -48.53
CA VAL B 527 14.19 20.15 -49.66
C VAL B 527 15.56 20.60 -50.18
N VAL B 528 16.45 20.98 -49.27
CA VAL B 528 17.76 21.48 -49.67
C VAL B 528 18.52 20.42 -50.45
N LEU B 529 18.48 19.18 -49.99
CA LEU B 529 19.16 18.10 -50.70
C LEU B 529 18.48 17.81 -52.03
N TYR B 530 17.15 17.85 -52.06
CA TYR B 530 16.42 17.53 -53.29
C TYR B 530 16.78 18.51 -54.41
N PHE B 531 16.84 19.80 -54.08
CA PHE B 531 17.19 20.79 -55.11
C PHE B 531 18.68 20.88 -55.35
N SER B 532 19.50 20.12 -54.62
CA SER B 532 20.93 20.05 -54.86
C SER B 532 21.32 18.82 -55.67
N GLN B 533 20.37 18.22 -56.39
CA GLN B 533 20.63 17.05 -57.22
C GLN B 533 21.26 15.92 -56.41
N ARG B 534 20.73 15.69 -55.21
CA ARG B 534 21.18 14.62 -54.34
C ARG B 534 20.05 13.63 -54.12
N LYS B 535 20.40 12.35 -54.04
CA LYS B 535 19.43 11.29 -53.79
C LYS B 535 19.27 10.98 -52.32
N GLU B 536 20.00 11.66 -51.43
CA GLU B 536 19.87 11.44 -50.00
C GLU B 536 18.66 12.15 -49.41
N TYR B 537 17.95 12.97 -50.19
CA TYR B 537 16.81 13.68 -49.66
C TYR B 537 15.76 12.71 -49.10
N VAL B 538 15.59 11.56 -49.77
CA VAL B 538 14.67 10.55 -49.27
C VAL B 538 15.10 10.09 -47.88
N ALA B 539 16.40 9.88 -47.69
CA ALA B 539 16.89 9.47 -46.37
C ALA B 539 16.46 10.45 -45.30
N SER B 540 16.29 11.73 -45.65
CA SER B 540 15.71 12.68 -44.72
C SER B 540 14.20 12.57 -44.68
N MET B 541 13.58 12.57 -45.85
CA MET B 541 12.12 12.66 -45.93
C MET B 541 11.46 11.61 -45.05
N VAL B 542 11.87 10.34 -45.20
CA VAL B 542 11.22 9.27 -44.47
C VAL B 542 11.24 9.56 -42.98
N PHE B 543 12.40 9.99 -42.45
CA PHE B 543 12.47 10.30 -41.03
C PHE B 543 11.38 11.30 -40.66
N SER B 544 11.34 12.43 -41.38
CA SER B 544 10.29 13.41 -41.13
C SER B 544 8.93 12.74 -41.17
N LEU B 545 8.67 11.96 -42.22
CA LEU B 545 7.37 11.30 -42.34
C LEU B 545 7.08 10.50 -41.09
N ALA B 546 8.02 9.67 -40.65
CA ALA B 546 7.80 8.89 -39.44
C ALA B 546 7.42 9.82 -38.30
N MET B 547 8.26 10.83 -38.05
CA MET B 547 7.98 11.77 -36.97
C MET B 547 6.56 12.29 -37.10
N GLY B 548 6.18 12.69 -38.30
CA GLY B 548 4.86 13.22 -38.54
C GLY B 548 3.81 12.41 -37.81
N TRP B 549 3.73 11.12 -38.12
CA TRP B 549 2.63 10.34 -37.57
C TRP B 549 2.74 10.23 -36.06
N THR B 550 3.95 10.01 -35.55
CA THR B 550 4.11 9.90 -34.11
C THR B 550 3.86 11.21 -33.39
N ASN B 551 3.75 12.32 -34.12
CA ASN B 551 3.39 13.59 -33.51
C ASN B 551 1.89 13.75 -33.35
N MET B 552 1.08 12.86 -33.94
CA MET B 552 -0.35 12.90 -33.69
C MET B 552 -0.67 12.73 -32.22
N LEU B 553 0.21 12.09 -31.46
CA LEU B 553 0.00 11.93 -30.03
C LEU B 553 -0.08 13.28 -29.32
N TYR B 554 0.51 14.33 -29.90
CA TYR B 554 0.36 15.65 -29.31
C TYR B 554 -1.11 16.00 -29.13
N TYR B 555 -1.96 15.55 -30.04
CA TYR B 555 -3.37 15.90 -30.02
C TYR B 555 -4.20 14.99 -29.12
N THR B 556 -3.56 14.06 -28.41
CA THR B 556 -4.28 13.25 -27.43
C THR B 556 -4.42 13.96 -26.09
N ARG B 557 -4.00 15.23 -26.00
CA ARG B 557 -4.17 16.00 -24.77
C ARG B 557 -5.55 16.65 -24.70
N GLY B 558 -6.35 16.59 -25.76
CA GLY B 558 -7.73 17.01 -25.70
C GLY B 558 -8.62 16.00 -25.03
N PHE B 559 -8.07 14.84 -24.65
CA PHE B 559 -8.81 13.79 -23.97
C PHE B 559 -7.99 13.34 -22.76
N GLN B 560 -8.67 13.19 -21.62
CA GLN B 560 -7.97 12.93 -20.37
C GLN B 560 -7.26 11.58 -20.39
N GLN B 561 -8.00 10.52 -20.75
CA GLN B 561 -7.49 9.17 -20.56
C GLN B 561 -6.34 8.86 -21.52
N MET B 562 -6.33 9.45 -22.71
CA MET B 562 -5.21 9.31 -23.62
C MET B 562 -4.13 10.36 -23.40
N GLY B 563 -4.51 11.55 -22.94
CA GLY B 563 -3.51 12.55 -22.60
C GLY B 563 -2.58 12.05 -21.51
N ILE B 564 -3.13 11.36 -20.52
CA ILE B 564 -2.29 10.80 -19.46
C ILE B 564 -1.35 9.72 -20.03
N TYR B 565 -1.85 8.92 -20.97
CA TYR B 565 -1.01 7.89 -21.58
C TYR B 565 0.16 8.52 -22.33
N ALA B 566 -0.11 9.58 -23.09
CA ALA B 566 0.96 10.27 -23.80
C ALA B 566 1.95 10.90 -22.83
N VAL B 567 1.45 11.42 -21.70
CA VAL B 567 2.32 12.00 -20.68
C VAL B 567 3.28 10.94 -20.14
N MET B 568 2.74 9.75 -19.84
CA MET B 568 3.61 8.69 -19.33
C MET B 568 4.61 8.24 -20.38
N ILE B 569 4.20 8.15 -21.64
CA ILE B 569 5.15 7.79 -22.69
C ILE B 569 6.31 8.79 -22.71
N GLU B 570 5.97 10.08 -22.71
CA GLU B 570 7.00 11.13 -22.69
C GLU B 570 7.94 10.94 -21.51
N LYS B 571 7.39 10.83 -20.30
CA LYS B 571 8.23 10.80 -19.11
C LYS B 571 9.12 9.56 -19.08
N MET B 572 8.58 8.39 -19.46
CA MET B 572 9.40 7.20 -19.47
C MET B 572 10.52 7.30 -20.50
N ILE B 573 10.20 7.79 -21.70
CA ILE B 573 11.25 7.96 -22.70
C ILE B 573 12.34 8.88 -22.17
N LEU B 574 11.95 9.96 -21.48
CA LEU B 574 12.94 10.91 -20.99
C LEU B 574 13.82 10.28 -19.91
N ARG B 575 13.22 9.57 -18.96
CA ARG B 575 13.95 9.13 -17.76
C ARG B 575 14.49 7.72 -17.86
N ASP B 576 13.62 6.72 -18.04
CA ASP B 576 14.04 5.34 -17.78
C ASP B 576 14.93 4.79 -18.89
N LEU B 577 14.59 5.07 -20.14
CA LEU B 577 15.28 4.43 -21.25
C LEU B 577 16.75 4.85 -21.31
N CYS B 578 17.09 6.06 -20.86
CA CYS B 578 18.49 6.46 -20.90
C CYS B 578 19.34 5.53 -20.03
N ARG B 579 18.93 5.32 -18.78
CA ARG B 579 19.66 4.43 -17.90
C ARG B 579 19.65 3.00 -18.43
N PHE B 580 18.47 2.51 -18.82
CA PHE B 580 18.38 1.14 -19.28
C PHE B 580 19.28 0.90 -20.49
N MET B 581 19.32 1.86 -21.41
CA MET B 581 20.11 1.70 -22.61
C MET B 581 21.60 1.84 -22.34
N PHE B 582 22.01 2.71 -21.41
CA PHE B 582 23.42 2.73 -21.05
C PHE B 582 23.87 1.37 -20.55
N VAL B 583 23.12 0.79 -19.59
CA VAL B 583 23.52 -0.50 -19.02
C VAL B 583 23.48 -1.58 -20.10
N TYR B 584 22.40 -1.59 -20.87
CA TYR B 584 22.23 -2.58 -21.92
C TYR B 584 23.37 -2.54 -22.93
N LEU B 585 23.75 -1.34 -23.35
CA LEU B 585 24.81 -1.20 -24.33
C LEU B 585 26.16 -1.58 -23.75
N VAL B 586 26.40 -1.27 -22.48
CA VAL B 586 27.65 -1.73 -21.85
C VAL B 586 27.74 -3.25 -21.95
N PHE B 587 26.68 -3.95 -21.52
CA PHE B 587 26.71 -5.40 -21.56
C PHE B 587 26.85 -5.93 -22.98
N LEU B 588 26.06 -5.38 -23.91
CA LEU B 588 26.06 -5.85 -25.28
C LEU B 588 27.41 -5.66 -25.92
N PHE B 589 28.04 -4.49 -25.75
CA PHE B 589 29.34 -4.24 -26.36
C PHE B 589 30.41 -5.13 -25.74
N GLY B 590 30.39 -5.30 -24.41
CA GLY B 590 31.39 -6.17 -23.81
C GLY B 590 31.32 -7.57 -24.37
N PHE B 591 30.12 -8.15 -24.41
CA PHE B 591 30.02 -9.53 -24.87
C PHE B 591 30.21 -9.65 -26.38
N SER B 592 29.84 -8.62 -27.15
CA SER B 592 30.08 -8.67 -28.59
C SER B 592 31.56 -8.59 -28.91
N THR B 593 32.30 -7.73 -28.20
CA THR B 593 33.74 -7.70 -28.38
C THR B 593 34.38 -9.03 -28.02
N ALA B 594 33.96 -9.62 -26.89
CA ALA B 594 34.51 -10.91 -26.51
C ALA B 594 34.23 -11.96 -27.58
N VAL B 595 32.99 -12.00 -28.09
CA VAL B 595 32.61 -13.03 -29.05
C VAL B 595 33.38 -12.85 -30.36
N VAL B 596 33.41 -11.63 -30.89
CA VAL B 596 34.09 -11.41 -32.17
C VAL B 596 35.59 -11.63 -32.02
N THR B 597 36.14 -11.40 -30.83
CA THR B 597 37.54 -11.75 -30.60
C THR B 597 37.72 -13.26 -30.67
N LEU B 598 36.80 -14.03 -30.08
CA LEU B 598 36.93 -15.49 -30.13
C LEU B 598 36.84 -16.00 -31.56
N ILE B 599 35.92 -15.46 -32.35
CA ILE B 599 35.72 -15.95 -33.71
C ILE B 599 36.96 -15.66 -34.56
N GLU B 600 37.25 -16.59 -35.48
CA GLU B 600 38.40 -16.45 -36.37
C GLU B 600 38.03 -16.35 -37.84
N ASP B 601 36.79 -16.63 -38.22
CA ASP B 601 36.35 -16.55 -39.61
C ASP B 601 37.21 -17.44 -40.50
N GLY B 602 37.21 -18.73 -40.18
CA GLY B 602 37.98 -19.71 -40.93
C GLY B 602 38.24 -20.97 -40.14
N GLY B 624 33.45 -19.35 -43.92
CA GLY B 624 32.35 -18.86 -43.11
C GLY B 624 31.56 -17.75 -43.79
N ASN B 625 30.68 -17.11 -43.04
CA ASN B 625 29.84 -16.03 -43.54
C ASN B 625 30.35 -14.66 -43.12
N SER B 626 31.67 -14.52 -42.96
CA SER B 626 32.26 -13.25 -42.56
C SER B 626 31.64 -12.72 -41.28
N TYR B 627 31.36 -13.62 -40.34
CA TYR B 627 30.81 -13.23 -39.06
C TYR B 627 31.83 -12.51 -38.18
N ASN B 628 33.10 -12.50 -38.57
CA ASN B 628 34.14 -11.81 -37.81
C ASN B 628 34.07 -10.30 -38.08
N SER B 629 32.90 -9.73 -37.76
CA SER B 629 32.66 -8.31 -37.87
C SER B 629 31.96 -7.84 -36.61
N LEU B 630 32.36 -6.67 -36.11
CA LEU B 630 31.76 -6.17 -34.88
C LEU B 630 30.28 -5.84 -35.08
N TYR B 631 29.94 -5.25 -36.22
CA TYR B 631 28.55 -4.89 -36.48
C TYR B 631 27.67 -6.14 -36.58
N SER B 632 28.14 -7.16 -37.29
CA SER B 632 27.36 -8.38 -37.46
C SER B 632 27.16 -9.08 -36.12
N THR B 633 28.21 -9.18 -35.32
CA THR B 633 28.09 -9.82 -34.01
C THR B 633 27.17 -9.02 -33.10
N CYS B 634 27.25 -7.69 -33.15
CA CYS B 634 26.36 -6.87 -32.34
C CYS B 634 24.90 -7.08 -32.74
N LEU B 635 24.63 -7.14 -34.03
CA LEU B 635 23.26 -7.37 -34.48
C LEU B 635 22.78 -8.77 -34.08
N GLU B 636 23.64 -9.79 -34.21
CA GLU B 636 23.24 -11.14 -33.86
C GLU B 636 22.99 -11.28 -32.37
N LEU B 637 23.74 -10.57 -31.54
CA LEU B 637 23.49 -10.61 -30.11
C LEU B 637 22.29 -9.76 -29.72
N PHE B 638 21.98 -8.71 -30.48
CA PHE B 638 20.78 -7.94 -30.20
C PHE B 638 19.52 -8.73 -30.56
N LYS B 639 19.59 -9.57 -31.60
CA LYS B 639 18.44 -10.40 -31.92
C LYS B 639 18.04 -11.28 -30.75
N PHE B 640 18.98 -11.67 -29.89
CA PHE B 640 18.63 -12.47 -28.72
C PHE B 640 17.60 -11.78 -27.86
N THR B 641 17.66 -10.44 -27.83
CA THR B 641 16.76 -9.64 -27.00
C THR B 641 15.30 -9.62 -27.46
N ILE B 642 15.10 -9.74 -28.76
CA ILE B 642 13.76 -9.68 -29.35
C ILE B 642 13.22 -11.07 -29.68
N GLY B 643 13.75 -12.10 -29.03
CA GLY B 643 13.24 -13.46 -29.19
C GLY B 643 13.47 -14.04 -30.58
N MET B 644 14.61 -13.74 -31.19
CA MET B 644 14.94 -14.26 -32.51
C MET B 644 16.43 -14.63 -32.60
N GLY B 645 17.02 -15.05 -31.48
CA GLY B 645 18.44 -15.28 -31.40
C GLY B 645 18.81 -16.74 -31.64
N ASP B 646 19.69 -16.97 -32.62
CA ASP B 646 20.19 -18.29 -32.92
C ASP B 646 21.37 -18.60 -32.01
N LEU B 647 21.30 -19.70 -31.27
CA LEU B 647 22.38 -20.03 -30.34
C LEU B 647 23.66 -20.41 -31.08
N GLU B 648 23.52 -21.11 -32.20
CA GLU B 648 24.67 -21.48 -33.04
C GLU B 648 24.51 -20.77 -34.38
N PHE B 649 24.96 -19.52 -34.44
CA PHE B 649 24.96 -18.74 -35.67
C PHE B 649 26.31 -18.73 -36.37
N THR B 650 27.30 -19.45 -35.84
CA THR B 650 28.60 -19.55 -36.47
C THR B 650 29.32 -20.75 -35.91
N GLU B 651 30.36 -21.20 -36.64
CA GLU B 651 31.19 -22.30 -36.19
C GLU B 651 32.67 -22.02 -36.42
N ASN B 652 33.05 -20.75 -36.59
CA ASN B 652 34.45 -20.38 -36.81
C ASN B 652 35.16 -20.06 -35.51
N TYR B 653 35.11 -20.98 -34.57
CA TYR B 653 35.76 -20.83 -33.27
C TYR B 653 36.55 -22.09 -32.96
N ASP B 654 37.70 -21.91 -32.31
CA ASP B 654 38.51 -23.05 -31.91
C ASP B 654 37.95 -23.76 -30.68
N PHE B 655 37.26 -23.04 -29.81
CA PHE B 655 36.76 -23.58 -28.55
C PHE B 655 35.25 -23.37 -28.50
N LYS B 656 34.50 -24.46 -28.57
CA LYS B 656 33.04 -24.37 -28.53
C LYS B 656 32.51 -24.10 -27.13
N ALA B 657 33.16 -24.67 -26.10
CA ALA B 657 32.70 -24.47 -24.74
C ALA B 657 32.72 -23.00 -24.36
N VAL B 658 33.81 -22.29 -24.73
CA VAL B 658 33.89 -20.87 -24.42
C VAL B 658 32.78 -20.10 -25.12
N PHE B 659 32.54 -20.41 -26.39
CA PHE B 659 31.51 -19.71 -27.16
C PHE B 659 30.13 -19.90 -26.54
N ILE B 660 29.77 -21.15 -26.23
CA ILE B 660 28.44 -21.41 -25.69
C ILE B 660 28.31 -20.83 -24.28
N ILE B 661 29.38 -20.87 -23.48
CA ILE B 661 29.34 -20.27 -22.15
C ILE B 661 29.10 -18.77 -22.25
N LEU B 662 29.81 -18.10 -23.17
CA LEU B 662 29.61 -16.68 -23.35
C LEU B 662 28.18 -16.36 -23.78
N LEU B 663 27.65 -17.13 -24.73
CA LEU B 663 26.29 -16.86 -25.20
C LEU B 663 25.27 -17.09 -24.09
N LEU B 664 25.42 -18.16 -23.31
CA LEU B 664 24.48 -18.42 -22.23
C LEU B 664 24.57 -17.35 -21.15
N ALA B 665 25.79 -16.91 -20.81
CA ALA B 665 25.94 -15.85 -19.83
C ALA B 665 25.27 -14.57 -20.30
N TYR B 666 25.48 -14.20 -21.57
CA TYR B 666 24.84 -13.00 -22.11
C TYR B 666 23.32 -13.14 -22.07
N VAL B 667 22.79 -14.29 -22.47
CA VAL B 667 21.35 -14.48 -22.52
C VAL B 667 20.75 -14.36 -21.11
N ILE B 668 21.38 -15.00 -20.14
CA ILE B 668 20.84 -14.97 -18.77
C ILE B 668 20.96 -13.57 -18.18
N LEU B 669 22.04 -12.85 -18.51
CA LEU B 669 22.27 -11.55 -17.89
C LEU B 669 21.39 -10.46 -18.51
N THR B 670 21.09 -10.53 -19.81
CA THR B 670 20.29 -9.50 -20.46
C THR B 670 18.85 -9.94 -20.66
N TYR B 671 18.63 -11.06 -21.37
CA TYR B 671 17.28 -11.46 -21.73
C TYR B 671 16.44 -11.76 -20.50
N ILE B 672 17.03 -12.41 -19.49
CA ILE B 672 16.26 -12.83 -18.32
C ILE B 672 16.34 -11.80 -17.20
N LEU B 673 17.50 -11.20 -16.97
CA LEU B 673 17.69 -10.33 -15.80
C LEU B 673 17.36 -8.87 -16.11
N LEU B 674 18.06 -8.28 -17.09
CA LEU B 674 17.89 -6.85 -17.34
C LEU B 674 16.48 -6.51 -17.78
N LEU B 675 15.92 -7.30 -18.70
CA LEU B 675 14.61 -6.97 -19.25
C LEU B 675 13.51 -7.10 -18.21
N ASN B 676 13.55 -8.16 -17.39
CA ASN B 676 12.56 -8.32 -16.34
C ASN B 676 12.71 -7.24 -15.28
N MET B 677 13.94 -6.83 -14.98
CA MET B 677 14.15 -5.72 -14.06
C MET B 677 13.56 -4.43 -14.62
N LEU B 678 13.70 -4.23 -15.94
CA LEU B 678 13.10 -3.06 -16.56
C LEU B 678 11.57 -3.11 -16.46
N ILE B 679 11.00 -4.30 -16.64
CA ILE B 679 9.56 -4.46 -16.45
C ILE B 679 9.15 -4.04 -15.05
N ALA B 680 9.90 -4.53 -14.05
CA ALA B 680 9.58 -4.20 -12.66
C ALA B 680 9.69 -2.71 -12.40
N LEU B 681 10.73 -2.07 -12.93
CA LEU B 681 10.92 -0.64 -12.71
C LEU B 681 9.83 0.17 -13.40
N MET B 682 9.40 -0.26 -14.60
CA MET B 682 8.29 0.42 -15.25
C MET B 682 7.02 0.30 -14.43
N GLY B 683 6.77 -0.89 -13.86
CA GLY B 683 5.60 -1.04 -13.00
C GLY B 683 5.64 -0.11 -11.80
N GLU B 684 6.80 -0.06 -11.13
CA GLU B 684 6.93 0.83 -9.98
C GLU B 684 6.72 2.29 -10.39
N THR B 685 7.30 2.70 -11.52
CA THR B 685 7.13 4.08 -11.96
C THR B 685 5.66 4.37 -12.28
N VAL B 686 4.94 3.48 -12.88
CA VAL B 686 3.52 3.69 -13.19
C VAL B 686 2.76 4.00 -11.88
N ASN B 687 3.07 3.30 -10.80
CA ASN B 687 2.42 3.57 -9.52
C ASN B 687 2.77 4.86 -8.89
N LYS B 688 4.02 5.22 -8.98
CA LYS B 688 4.40 6.49 -8.45
C LYS B 688 3.75 7.64 -9.15
N ILE B 689 3.56 7.60 -10.45
CA ILE B 689 3.12 8.83 -11.11
C ILE B 689 1.69 8.70 -11.61
N ALA B 690 0.88 7.90 -10.93
CA ALA B 690 -0.52 7.77 -11.31
C ALA B 690 -1.24 9.11 -11.21
N GLN B 691 -0.96 9.88 -10.17
CA GLN B 691 -1.63 11.16 -9.95
C GLN B 691 -0.88 12.33 -10.56
N GLU B 692 0.45 12.27 -10.62
CA GLU B 692 1.22 13.37 -11.17
C GLU B 692 0.91 13.57 -12.65
N SER B 693 0.72 12.47 -13.39
CA SER B 693 0.43 12.57 -14.82
C SER B 693 -0.85 13.36 -15.06
N LYS B 694 -1.83 13.22 -14.18
CA LYS B 694 -3.06 14.00 -14.33
C LYS B 694 -2.79 15.49 -14.23
N ASN B 695 -1.97 15.90 -13.27
CA ASN B 695 -1.63 17.32 -13.12
C ASN B 695 -0.85 17.82 -14.32
N ILE B 696 0.07 17.01 -14.84
CA ILE B 696 0.84 17.42 -16.01
C ILE B 696 -0.08 17.59 -17.22
N TRP B 697 -1.04 16.66 -17.38
CA TRP B 697 -1.99 16.79 -18.49
C TRP B 697 -2.84 18.04 -18.33
N LYS B 698 -3.27 18.35 -17.10
CA LYS B 698 -4.04 19.56 -16.87
C LYS B 698 -3.24 20.80 -17.25
N LEU B 699 -1.95 20.84 -16.87
CA LEU B 699 -1.12 21.97 -17.24
C LEU B 699 -0.97 22.07 -18.76
N GLN B 700 -0.81 20.94 -19.44
CA GLN B 700 -0.69 20.95 -20.90
C GLN B 700 -1.96 21.50 -21.54
N ARG B 701 -3.13 21.07 -21.05
CA ARG B 701 -4.38 21.57 -21.61
C ARG B 701 -4.55 23.06 -21.31
N ALA B 702 -4.11 23.52 -20.14
CA ALA B 702 -4.19 24.93 -19.83
C ALA B 702 -3.33 25.75 -20.80
N ILE B 703 -2.12 25.28 -21.08
CA ILE B 703 -1.26 25.97 -22.04
C ILE B 703 -1.91 25.97 -23.41
N THR B 704 -2.56 24.87 -23.78
CA THR B 704 -3.28 24.82 -25.06
C THR B 704 -4.38 25.87 -25.10
N ILE B 705 -5.15 25.99 -24.00
CA ILE B 705 -6.22 26.98 -23.96
C ILE B 705 -5.66 28.39 -24.11
N LEU B 706 -4.58 28.69 -23.39
CA LEU B 706 -3.99 30.03 -23.47
C LEU B 706 -3.50 30.32 -24.87
N ASP B 707 -2.81 29.36 -25.51
CA ASP B 707 -2.32 29.58 -26.87
C ASP B 707 -3.47 29.79 -27.84
N THR B 708 -4.52 28.98 -27.73
CA THR B 708 -5.66 29.13 -28.63
C THR B 708 -6.32 30.49 -28.44
N GLU B 709 -6.51 30.91 -27.19
CA GLU B 709 -7.14 32.21 -26.94
C GLU B 709 -6.29 33.34 -27.49
N LYS B 710 -4.98 33.28 -27.28
CA LYS B 710 -4.11 34.33 -27.78
C LYS B 710 -4.13 34.37 -29.30
N SER B 711 -4.13 33.21 -29.95
CA SER B 711 -4.19 33.18 -31.41
C SER B 711 -5.52 33.75 -31.92
N PHE B 712 -6.63 33.39 -31.27
CA PHE B 712 -7.95 33.86 -31.69
C PHE B 712 -8.22 35.30 -31.28
N LEU B 713 -7.37 35.91 -30.46
CA LEU B 713 -7.58 37.30 -30.08
C LEU B 713 -7.70 38.20 -31.31
N LYS B 714 -6.99 37.89 -32.38
CA LYS B 714 -7.07 38.70 -33.59
C LYS B 714 -8.48 38.69 -34.17
N CYS B 715 -9.09 37.50 -34.26
CA CYS B 715 -10.44 37.41 -34.80
C CYS B 715 -11.44 38.14 -33.90
N MET B 716 -11.33 37.95 -32.58
CA MET B 716 -12.21 38.63 -31.63
C MET B 716 -11.44 38.75 -30.32
N ARG B 717 -10.86 39.93 -30.08
CA ARG B 717 -10.02 40.11 -28.90
C ARG B 717 -10.82 40.03 -27.61
N LYS B 718 -11.92 40.77 -27.52
CA LYS B 718 -12.70 40.86 -26.29
C LYS B 718 -14.07 40.19 -26.42
N ALA B 719 -14.43 39.67 -27.58
CA ALA B 719 -15.73 39.04 -27.74
C ALA B 719 -15.87 37.83 -26.83
N PHE B 720 -14.82 37.01 -26.72
CA PHE B 720 -14.83 35.81 -25.92
C PHE B 720 -14.18 36.10 -24.58
N ARG B 721 -14.95 36.70 -23.68
CA ARG B 721 -14.53 37.02 -22.33
C ARG B 721 -15.31 36.18 -21.34
N SER B 722 -14.64 35.74 -20.28
CA SER B 722 -15.25 34.86 -19.30
C SER B 722 -15.93 35.68 -18.20
N GLY B 723 -16.95 35.09 -17.59
CA GLY B 723 -17.66 35.74 -16.52
C GLY B 723 -18.49 36.92 -17.00
N LYS B 724 -19.41 37.40 -16.17
CA LYS B 724 -20.29 38.49 -16.51
C LYS B 724 -20.04 39.69 -15.61
N LEU B 725 -20.27 40.89 -16.14
CA LEU B 725 -20.10 42.10 -15.37
C LEU B 725 -21.26 42.25 -14.39
N LEU B 726 -20.95 42.44 -13.11
CA LEU B 726 -21.96 42.50 -12.08
C LEU B 726 -21.58 43.55 -11.04
N GLN B 727 -22.59 44.03 -10.32
CA GLN B 727 -22.39 44.97 -9.22
C GLN B 727 -22.37 44.19 -7.92
N VAL B 728 -21.31 44.39 -7.12
CA VAL B 728 -21.12 43.65 -5.88
C VAL B 728 -21.30 44.51 -4.64
N GLY B 729 -21.47 45.81 -4.80
CA GLY B 729 -21.61 46.69 -3.65
C GLY B 729 -21.32 48.13 -4.04
N PHE B 730 -20.87 48.89 -3.04
CA PHE B 730 -20.59 50.31 -3.22
C PHE B 730 -19.18 50.60 -2.73
N THR B 731 -18.47 51.47 -3.46
CA THR B 731 -17.11 51.84 -3.11
C THR B 731 -17.12 52.69 -1.85
N PRO B 732 -16.01 52.70 -1.11
CA PRO B 732 -15.98 53.50 0.14
C PRO B 732 -16.24 54.97 -0.10
N ASP B 733 -15.80 55.52 -1.23
CA ASP B 733 -16.02 56.93 -1.56
C ASP B 733 -17.23 57.13 -2.46
N GLY B 734 -17.29 56.42 -3.58
CA GLY B 734 -18.39 56.56 -4.51
C GLY B 734 -19.45 55.48 -4.33
N LYS B 735 -19.67 54.68 -5.35
CA LYS B 735 -20.68 53.63 -5.31
C LYS B 735 -20.53 52.79 -6.58
N ASP B 736 -21.41 51.78 -6.71
CA ASP B 736 -21.51 50.95 -7.90
C ASP B 736 -20.17 50.24 -8.19
N ASP B 737 -19.84 49.33 -7.27
CA ASP B 737 -18.65 48.50 -7.41
C ASP B 737 -18.92 47.43 -8.46
N TYR B 738 -18.53 47.71 -9.70
CA TYR B 738 -18.77 46.82 -10.82
C TYR B 738 -17.49 46.04 -11.15
N ARG B 739 -17.64 44.74 -11.37
CA ARG B 739 -16.50 43.89 -11.69
C ARG B 739 -16.96 42.67 -12.47
N TRP B 740 -16.01 42.05 -13.17
CA TRP B 740 -16.29 40.91 -14.05
C TRP B 740 -16.22 39.63 -13.22
N CYS B 741 -17.36 39.21 -12.70
CA CYS B 741 -17.43 38.10 -11.76
C CYS B 741 -17.70 36.78 -12.47
N PHE B 742 -17.39 35.69 -11.77
CA PHE B 742 -17.56 34.33 -12.28
C PHE B 742 -18.36 33.54 -11.25
N ARG B 743 -19.66 33.41 -11.47
CA ARG B 743 -20.56 32.81 -10.50
C ARG B 743 -20.35 31.30 -10.41
N VAL B 744 -20.49 30.78 -9.20
CA VAL B 744 -20.50 29.33 -8.96
C VAL B 744 -21.45 29.04 -7.82
N ASP B 745 -22.14 27.91 -7.91
CA ASP B 745 -23.11 27.50 -6.90
C ASP B 745 -22.45 26.54 -5.90
N GLU B 746 -23.13 26.36 -4.76
CA GLU B 746 -22.64 25.46 -3.73
C GLU B 746 -23.81 25.00 -2.89
N VAL B 747 -23.69 23.80 -2.32
CA VAL B 747 -24.72 23.19 -1.49
C VAL B 747 -24.06 22.65 -0.23
N ASN B 748 -24.60 22.96 0.95
CA ASN B 748 -24.01 22.54 2.22
C ASN B 748 -25.01 22.28 3.34
N TRP B 749 -25.31 21.02 3.63
CA TRP B 749 -26.26 20.67 4.67
C TRP B 749 -25.91 21.03 6.11
N THR B 750 -24.70 20.66 6.52
CA THR B 750 -24.22 20.83 7.89
C THR B 750 -24.45 22.20 8.49
N THR B 751 -23.78 23.23 8.00
CA THR B 751 -23.97 24.56 8.50
C THR B 751 -25.33 24.93 8.09
N TRP B 752 -26.10 25.58 8.94
CA TRP B 752 -27.44 25.86 8.53
C TRP B 752 -27.79 27.32 8.41
N ASN B 753 -27.40 27.89 7.28
CA ASN B 753 -27.73 29.23 6.79
C ASN B 753 -27.24 30.42 7.56
N THR B 754 -26.33 30.22 8.49
CA THR B 754 -25.97 31.30 9.37
C THR B 754 -24.91 32.28 8.86
N ASN B 755 -25.35 33.27 8.10
CA ASN B 755 -24.47 34.34 7.61
C ASN B 755 -25.31 35.51 7.13
N VAL B 756 -24.65 36.59 6.74
CA VAL B 756 -25.30 37.79 6.22
C VAL B 756 -24.43 38.38 5.12
N GLY B 757 -24.98 39.33 4.40
CA GLY B 757 -24.29 39.96 3.29
C GLY B 757 -24.66 39.46 1.91
N ILE B 758 -25.80 38.79 1.76
CA ILE B 758 -26.24 38.31 0.46
C ILE B 758 -26.51 39.52 -0.43
N ILE B 759 -25.73 39.65 -1.51
CA ILE B 759 -25.78 40.83 -2.35
C ILE B 759 -27.21 41.11 -2.83
N ASN B 760 -27.91 40.08 -3.28
CA ASN B 760 -29.23 40.24 -3.88
C ASN B 760 -30.32 39.74 -2.94
N GLU B 761 -31.43 40.48 -2.90
CA GLU B 761 -32.52 40.14 -2.00
C GLU B 761 -33.16 38.82 -2.37
N ASP B 762 -33.39 38.58 -3.66
CA ASP B 762 -34.14 37.42 -4.12
C ASP B 762 -33.23 36.46 -4.86
N PRO B 763 -33.28 35.15 -4.56
CA PRO B 763 -32.43 34.19 -5.27
C PRO B 763 -32.73 34.15 -6.77
N ARG C 114 -46.56 53.64 -2.47
CA ARG C 114 -45.94 52.31 -2.51
C ARG C 114 -44.45 52.39 -2.24
N ARG C 115 -43.78 53.32 -2.93
CA ARG C 115 -42.34 53.48 -2.73
C ARG C 115 -42.01 53.87 -1.30
N SER C 116 -42.78 54.81 -0.74
CA SER C 116 -42.54 55.23 0.65
C SER C 116 -42.80 54.08 1.62
N ILE C 117 -43.85 53.30 1.38
CA ILE C 117 -44.15 52.18 2.26
C ILE C 117 -43.01 51.15 2.20
N PHE C 118 -42.53 50.85 0.99
CA PHE C 118 -41.44 49.90 0.85
C PHE C 118 -40.17 50.40 1.53
N ASP C 119 -39.88 51.70 1.38
CA ASP C 119 -38.69 52.28 2.02
C ASP C 119 -38.81 52.19 3.54
N ALA C 120 -39.99 52.49 4.08
CA ALA C 120 -40.19 52.40 5.53
C ALA C 120 -40.04 50.97 6.01
N VAL C 121 -40.59 50.01 5.25
CA VAL C 121 -40.48 48.60 5.63
C VAL C 121 -39.01 48.18 5.65
N ALA C 122 -38.27 48.56 4.61
CA ALA C 122 -36.85 48.20 4.55
C ALA C 122 -36.07 48.84 5.70
N GLN C 123 -36.37 50.11 6.00
CA GLN C 123 -35.68 50.81 7.08
C GLN C 123 -36.10 50.32 8.46
N SER C 124 -37.14 49.49 8.56
CA SER C 124 -37.60 48.96 9.84
C SER C 124 -38.05 50.09 10.78
N ASN C 125 -38.60 51.15 10.21
CA ASN C 125 -39.12 52.29 10.96
C ASN C 125 -40.63 52.34 10.80
N CYS C 126 -41.35 52.31 11.92
CA CYS C 126 -42.80 52.32 11.92
C CYS C 126 -43.38 53.73 12.06
N GLN C 127 -42.54 54.75 12.21
CA GLN C 127 -43.04 56.11 12.34
C GLN C 127 -43.74 56.56 11.06
N GLU C 128 -43.09 56.39 9.92
CA GLU C 128 -43.70 56.78 8.65
C GLU C 128 -44.95 55.96 8.37
N LEU C 129 -44.90 54.65 8.65
CA LEU C 129 -46.08 53.81 8.45
C LEU C 129 -47.22 54.24 9.37
N GLU C 130 -46.90 54.56 10.62
CA GLU C 130 -47.93 55.03 11.54
C GLU C 130 -48.56 56.33 11.06
N SER C 131 -47.73 57.25 10.57
CA SER C 131 -48.25 58.51 10.06
C SER C 131 -49.13 58.29 8.83
N LEU C 132 -48.73 57.38 7.95
CA LEU C 132 -49.46 57.15 6.70
C LEU C 132 -50.72 56.32 6.89
N LEU C 133 -50.80 55.54 7.97
CA LEU C 133 -51.96 54.67 8.16
C LEU C 133 -53.27 55.45 8.21
N PRO C 134 -53.39 56.54 9.00
CA PRO C 134 -54.64 57.32 8.94
C PRO C 134 -54.94 57.87 7.55
N PHE C 135 -53.91 58.28 6.81
CA PHE C 135 -54.14 58.76 5.45
C PHE C 135 -54.72 57.66 4.56
N LEU C 136 -54.17 56.45 4.67
CA LEU C 136 -54.72 55.34 3.91
C LEU C 136 -56.16 55.04 4.31
N GLN C 137 -56.43 55.09 5.62
CA GLN C 137 -57.79 54.84 6.09
C GLN C 137 -58.77 55.87 5.51
N ARG C 138 -58.38 57.14 5.52
CA ARG C 138 -59.24 58.17 4.94
C ARG C 138 -59.41 57.97 3.44
N SER C 139 -58.33 57.64 2.74
CA SER C 139 -58.37 57.43 1.30
C SER C 139 -58.98 56.07 0.96
N GLU C 152 -45.15 43.47 -11.81
CA GLU C 152 -44.66 42.27 -12.49
C GLU C 152 -44.36 41.17 -11.49
N THR C 153 -43.80 41.54 -10.34
CA THR C 153 -43.46 40.56 -9.31
C THR C 153 -44.69 40.19 -8.48
N GLY C 154 -45.34 41.19 -7.88
CA GLY C 154 -46.50 40.97 -7.06
C GLY C 154 -46.23 40.84 -5.58
N LYS C 155 -45.03 41.19 -5.12
CA LYS C 155 -44.72 41.09 -3.70
C LYS C 155 -45.61 42.02 -2.88
N THR C 156 -46.13 41.50 -1.78
CA THR C 156 -46.99 42.27 -0.88
C THR C 156 -46.15 42.93 0.21
N CYS C 157 -46.79 43.83 0.95
CA CYS C 157 -46.09 44.53 2.03
C CYS C 157 -45.62 43.56 3.10
N LEU C 158 -46.46 42.59 3.47
CA LEU C 158 -46.05 41.61 4.46
C LEU C 158 -44.86 40.78 3.98
N LEU C 159 -44.89 40.36 2.71
CA LEU C 159 -43.78 39.60 2.17
C LEU C 159 -42.50 40.43 2.15
N LYS C 160 -42.60 41.70 1.75
CA LYS C 160 -41.43 42.56 1.73
C LYS C 160 -40.87 42.75 3.14
N ALA C 161 -41.74 42.96 4.12
CA ALA C 161 -41.28 43.11 5.49
C ALA C 161 -40.59 41.84 5.99
N MET C 162 -41.18 40.68 5.68
CA MET C 162 -40.57 39.41 6.11
C MET C 162 -39.21 39.21 5.46
N LEU C 163 -39.09 39.52 4.17
CA LEU C 163 -37.81 39.36 3.49
C LEU C 163 -36.76 40.30 4.05
N ASN C 164 -37.13 41.56 4.30
CA ASN C 164 -36.19 42.57 4.79
C ASN C 164 -36.24 42.64 6.32
N LEU C 165 -35.90 41.51 6.95
CA LEU C 165 -35.88 41.38 8.40
C LEU C 165 -34.51 40.91 8.83
N HIS C 166 -33.95 41.56 9.85
CA HIS C 166 -32.64 41.22 10.39
C HIS C 166 -32.76 40.98 11.89
N ASN C 167 -32.41 39.78 12.32
CA ASN C 167 -32.45 39.41 13.74
C ASN C 167 -33.84 39.69 14.33
N GLY C 168 -34.87 39.39 13.56
CA GLY C 168 -36.23 39.62 14.01
C GLY C 168 -36.52 41.07 14.30
N GLN C 169 -35.95 41.98 13.52
CA GLN C 169 -36.14 43.42 13.71
C GLN C 169 -37.32 43.96 12.93
N ASN C 170 -38.02 43.12 12.17
CA ASN C 170 -39.17 43.56 11.39
C ASN C 170 -40.38 43.61 12.32
N ASP C 171 -40.70 44.82 12.79
CA ASP C 171 -41.85 45.01 13.68
C ASP C 171 -43.09 45.50 12.97
N THR C 172 -42.95 46.03 11.75
CA THR C 172 -44.11 46.52 11.01
C THR C 172 -45.03 45.41 10.54
N ILE C 173 -44.61 44.15 10.62
CA ILE C 173 -45.45 43.05 10.16
C ILE C 173 -46.73 42.97 10.98
N ALA C 174 -46.60 43.06 12.30
CA ALA C 174 -47.77 42.97 13.17
C ALA C 174 -48.73 44.13 12.92
N LEU C 175 -48.20 45.34 12.81
CA LEU C 175 -49.05 46.50 12.54
C LEU C 175 -49.76 46.37 11.21
N LEU C 176 -49.04 45.93 10.18
CA LEU C 176 -49.65 45.75 8.86
C LEU C 176 -50.76 44.71 8.91
N LEU C 177 -50.51 43.59 9.60
CA LEU C 177 -51.54 42.55 9.71
C LEU C 177 -52.76 43.08 10.46
N ASP C 178 -52.54 43.82 11.53
CA ASP C 178 -53.67 44.39 12.28
C ASP C 178 -54.47 45.36 11.42
N VAL C 179 -53.77 46.21 10.65
CA VAL C 179 -54.47 47.15 9.78
C VAL C 179 -55.27 46.41 8.72
N ALA C 180 -54.68 45.37 8.13
CA ALA C 180 -55.38 44.59 7.11
C ALA C 180 -56.62 43.93 7.69
N ARG C 181 -56.50 43.38 8.90
CA ARG C 181 -57.67 42.78 9.56
C ARG C 181 -58.74 43.83 9.82
N LYS C 182 -58.34 45.02 10.27
CA LYS C 182 -59.31 46.08 10.55
C LYS C 182 -59.97 46.58 9.28
N THR C 183 -59.30 46.46 8.14
CA THR C 183 -59.85 46.91 6.87
C THR C 183 -60.48 45.75 6.11
N GLN C 188 -57.56 38.51 3.91
CA GLN C 188 -57.33 38.20 2.50
C GLN C 188 -55.90 38.55 2.09
N PHE C 189 -55.26 39.43 2.85
CA PHE C 189 -53.90 39.85 2.55
C PHE C 189 -52.86 38.84 3.01
N VAL C 190 -53.18 38.00 3.99
CA VAL C 190 -52.22 37.03 4.48
C VAL C 190 -51.88 36.01 3.40
N ASN C 191 -52.87 35.64 2.59
CA ASN C 191 -52.68 34.64 1.55
C ASN C 191 -52.07 35.20 0.27
N ALA C 192 -51.82 36.50 0.21
CA ALA C 192 -51.21 37.09 -0.99
C ALA C 192 -49.88 36.43 -1.27
N SER C 193 -49.66 36.07 -2.54
CA SER C 193 -48.47 35.34 -2.95
C SER C 193 -47.93 35.94 -4.24
N TYR C 194 -46.62 35.78 -4.44
CA TYR C 194 -46.00 36.26 -5.66
C TYR C 194 -46.60 35.55 -6.86
N THR C 195 -46.94 36.33 -7.90
CA THR C 195 -47.57 35.80 -9.09
C THR C 195 -46.56 35.48 -10.20
N ASP C 196 -45.29 35.80 -10.01
CA ASP C 196 -44.29 35.51 -11.03
C ASP C 196 -44.11 34.01 -11.21
N SER C 197 -43.96 33.59 -12.46
CA SER C 197 -43.78 32.16 -12.73
C SER C 197 -42.55 31.62 -12.03
N TYR C 198 -41.50 32.43 -11.88
CA TYR C 198 -40.30 31.98 -11.20
C TYR C 198 -40.56 31.72 -9.72
N TYR C 199 -41.37 32.58 -9.08
CA TYR C 199 -41.64 32.49 -7.65
C TYR C 199 -43.12 32.26 -7.36
N LYS C 200 -43.86 31.70 -8.32
CA LYS C 200 -45.29 31.51 -8.13
C LYS C 200 -45.57 30.66 -6.90
N GLY C 201 -46.54 31.10 -6.10
CA GLY C 201 -47.02 30.35 -4.96
C GLY C 201 -46.39 30.71 -3.63
N GLN C 202 -45.25 31.38 -3.64
CA GLN C 202 -44.60 31.73 -2.38
C GLN C 202 -45.48 32.68 -1.57
N THR C 203 -45.56 32.43 -0.26
CA THR C 203 -46.36 33.23 0.65
C THR C 203 -45.52 33.59 1.87
N ALA C 204 -46.13 34.31 2.80
CA ALA C 204 -45.42 34.69 4.02
C ALA C 204 -45.03 33.48 4.84
N LEU C 205 -45.87 32.44 4.85
CA LEU C 205 -45.56 31.25 5.64
C LEU C 205 -44.28 30.58 5.15
N HIS C 206 -44.10 30.50 3.83
CA HIS C 206 -42.88 29.89 3.30
C HIS C 206 -41.64 30.68 3.71
N ILE C 207 -41.73 32.01 3.62
CA ILE C 207 -40.59 32.85 4.01
C ILE C 207 -40.28 32.68 5.48
N ALA C 208 -41.31 32.64 6.32
CA ALA C 208 -41.10 32.44 7.75
C ALA C 208 -40.47 31.08 8.02
N ILE C 209 -40.94 30.04 7.34
CA ILE C 209 -40.41 28.70 7.57
C ILE C 209 -38.95 28.62 7.16
N GLU C 210 -38.62 29.19 6.00
CA GLU C 210 -37.24 29.16 5.53
C GLU C 210 -36.31 29.91 6.48
N ARG C 211 -36.79 31.03 7.02
CA ARG C 211 -35.98 31.86 7.91
C ARG C 211 -35.73 31.23 9.26
N ARG C 212 -36.41 30.11 9.57
CA ARG C 212 -36.25 29.42 10.86
C ARG C 212 -36.77 30.28 12.01
N ASN C 213 -37.87 30.97 11.78
CA ASN C 213 -38.53 31.79 12.80
C ASN C 213 -39.74 31.02 13.30
N MET C 214 -39.60 30.39 14.47
CA MET C 214 -40.72 29.66 15.06
C MET C 214 -41.82 30.63 15.49
N THR C 215 -41.45 31.71 16.18
CA THR C 215 -42.44 32.67 16.64
C THR C 215 -43.14 33.34 15.47
N LEU C 216 -42.37 33.77 14.46
CA LEU C 216 -42.98 34.40 13.30
C LEU C 216 -43.87 33.43 12.54
N VAL C 217 -43.45 32.17 12.43
CA VAL C 217 -44.27 31.17 11.76
C VAL C 217 -45.58 30.98 12.49
N THR C 218 -45.52 30.86 13.82
CA THR C 218 -46.74 30.69 14.61
C THR C 218 -47.65 31.90 14.46
N LEU C 219 -47.09 33.11 14.52
CA LEU C 219 -47.90 34.31 14.39
C LEU C 219 -48.58 34.37 13.03
N LEU C 220 -47.83 34.07 11.96
CA LEU C 220 -48.41 34.11 10.62
C LEU C 220 -49.50 33.04 10.48
N VAL C 221 -49.27 31.85 11.01
CA VAL C 221 -50.27 30.78 10.88
C VAL C 221 -51.53 31.14 11.64
N GLU C 222 -51.39 31.68 12.85
CA GLU C 222 -52.56 31.97 13.68
C GLU C 222 -53.47 32.97 13.00
N ASN C 223 -52.90 34.04 12.43
CA ASN C 223 -53.67 35.08 11.78
C ASN C 223 -53.88 34.75 10.30
N ALA C 229 -50.74 26.68 0.98
CA ALA C 229 -50.58 26.80 -0.46
C ALA C 229 -49.39 25.98 -0.94
N ALA C 230 -49.07 26.11 -2.23
CA ALA C 230 -47.97 25.37 -2.84
C ALA C 230 -47.11 26.33 -3.65
N ALA C 231 -45.79 26.20 -3.51
CA ALA C 231 -44.85 27.05 -4.23
C ALA C 231 -44.60 26.42 -5.60
N ASN C 232 -45.45 26.78 -6.55
CA ASN C 232 -45.40 26.20 -7.89
C ASN C 232 -44.37 26.86 -8.79
N GLY C 233 -43.67 27.88 -8.30
CA GLY C 233 -42.75 28.62 -9.16
C GLY C 233 -41.62 27.76 -9.67
N ASP C 234 -41.07 28.17 -10.80
CA ASP C 234 -39.98 27.43 -11.44
C ASP C 234 -38.77 27.29 -10.52
N PHE C 235 -38.59 28.21 -9.57
CA PHE C 235 -37.51 28.07 -8.61
C PHE C 235 -37.67 26.81 -7.78
N PHE C 236 -38.91 26.38 -7.55
CA PHE C 236 -39.22 25.24 -6.69
C PHE C 236 -39.60 23.99 -7.48
N LYS C 237 -39.36 24.00 -8.79
CA LYS C 237 -39.62 22.82 -9.61
C LYS C 237 -38.42 21.87 -9.56
N LYS C 238 -38.65 20.64 -10.02
CA LYS C 238 -37.61 19.62 -10.02
C LYS C 238 -36.38 20.09 -10.78
N PRO C 243 -30.33 26.67 -11.15
CA PRO C 243 -30.24 27.15 -9.76
C PRO C 243 -31.58 27.15 -9.05
N GLY C 244 -31.76 26.24 -8.10
CA GLY C 244 -33.01 26.16 -7.36
C GLY C 244 -32.90 25.14 -6.25
N PHE C 245 -33.95 25.12 -5.42
CA PHE C 245 -34.04 24.20 -4.30
C PHE C 245 -35.39 23.51 -4.36
N TYR C 246 -35.38 22.18 -4.29
CA TYR C 246 -36.60 21.38 -4.32
C TYR C 246 -36.81 20.74 -2.95
N PHE C 247 -38.00 20.98 -2.38
CA PHE C 247 -38.34 20.44 -1.07
C PHE C 247 -39.78 19.94 -1.03
N GLY C 248 -40.39 19.69 -2.18
CA GLY C 248 -41.83 19.61 -2.27
C GLY C 248 -42.41 20.99 -2.49
N GLU C 249 -43.73 21.06 -2.45
CA GLU C 249 -44.46 22.30 -2.68
C GLU C 249 -45.54 22.48 -1.62
N LEU C 250 -45.17 22.29 -0.36
CA LEU C 250 -46.07 22.53 0.76
C LEU C 250 -45.26 23.03 1.94
N PRO C 251 -45.85 23.84 2.83
CA PRO C 251 -45.11 24.26 4.02
C PRO C 251 -44.62 23.10 4.86
N LEU C 252 -45.42 22.04 4.97
CA LEU C 252 -45.03 20.87 5.75
C LEU C 252 -43.78 20.22 5.17
N SER C 253 -43.75 20.06 3.84
CA SER C 253 -42.58 19.46 3.19
C SER C 253 -41.36 20.35 3.36
N LEU C 254 -41.53 21.67 3.22
CA LEU C 254 -40.40 22.58 3.40
C LEU C 254 -39.84 22.48 4.81
N ALA C 255 -40.71 22.43 5.82
CA ALA C 255 -40.25 22.29 7.19
C ALA C 255 -39.53 20.95 7.39
N ALA C 256 -40.08 19.88 6.83
CA ALA C 256 -39.50 18.56 7.03
C ALA C 256 -38.11 18.46 6.39
N CYS C 257 -37.94 19.06 5.20
CA CYS C 257 -36.68 18.93 4.47
C CYS C 257 -35.58 19.85 4.98
N THR C 258 -35.86 20.70 5.98
CA THR C 258 -34.93 21.75 6.37
C THR C 258 -34.35 21.56 7.78
N ASN C 259 -34.74 20.51 8.51
CA ASN C 259 -34.30 20.26 9.89
C ASN C 259 -35.06 21.09 10.92
N GLN C 260 -36.23 21.63 10.58
CA GLN C 260 -37.06 22.37 11.52
C GLN C 260 -38.15 21.43 12.04
N LEU C 261 -37.74 20.49 12.89
CA LEU C 261 -38.66 19.47 13.38
C LEU C 261 -39.79 20.08 14.20
N ALA C 262 -39.47 21.08 15.03
CA ALA C 262 -40.49 21.69 15.87
C ALA C 262 -41.59 22.30 15.02
N ILE C 263 -41.22 22.95 13.91
CA ILE C 263 -42.22 23.52 13.02
C ILE C 263 -43.05 22.43 12.36
N VAL C 264 -42.43 21.29 12.04
CA VAL C 264 -43.19 20.16 11.50
C VAL C 264 -44.26 19.74 12.50
N LYS C 265 -43.86 19.55 13.76
CA LYS C 265 -44.82 19.13 14.78
C LYS C 265 -45.93 20.17 14.93
N PHE C 266 -45.56 21.45 15.03
CA PHE C 266 -46.56 22.48 15.23
C PHE C 266 -47.55 22.53 14.07
N LEU C 267 -47.05 22.44 12.83
CA LEU C 267 -47.94 22.44 11.67
C LEU C 267 -48.86 21.22 11.70
N LEU C 268 -48.32 20.05 12.08
CA LEU C 268 -49.13 18.84 12.09
C LEU C 268 -50.25 18.93 13.13
N GLN C 269 -49.95 19.47 14.31
CA GLN C 269 -50.92 19.54 15.40
C GLN C 269 -51.18 20.98 15.81
N ASN C 270 -51.24 21.89 14.84
CA ASN C 270 -51.58 23.29 15.13
C ASN C 270 -53.07 23.41 15.38
N SER C 271 -53.44 24.00 16.51
CA SER C 271 -54.85 24.11 16.87
C SER C 271 -55.60 24.99 15.87
N TRP C 272 -55.01 26.11 15.47
CA TRP C 272 -55.69 27.00 14.54
C TRP C 272 -55.95 26.30 13.20
N GLN C 273 -54.97 25.58 12.68
CA GLN C 273 -55.12 24.84 11.43
C GLN C 273 -54.08 23.73 11.36
N PRO C 274 -54.50 22.47 11.22
CA PRO C 274 -53.51 21.40 11.06
C PRO C 274 -53.21 21.10 9.60
N ALA C 275 -51.94 20.85 9.32
CA ALA C 275 -51.52 20.52 7.96
C ALA C 275 -51.93 19.10 7.60
N ASP C 276 -52.08 18.85 6.30
CA ASP C 276 -52.48 17.54 5.80
C ASP C 276 -51.21 16.72 5.57
N ILE C 277 -51.05 15.65 6.36
CA ILE C 277 -49.85 14.83 6.27
C ILE C 277 -49.80 14.09 4.94
N SER C 278 -50.95 13.66 4.41
CA SER C 278 -51.01 12.85 3.21
C SER C 278 -51.11 13.67 1.94
N ALA C 279 -51.05 14.99 2.02
CA ALA C 279 -51.15 15.82 0.82
C ALA C 279 -49.98 15.57 -0.12
N ARG C 280 -50.23 15.79 -1.41
CA ARG C 280 -49.23 15.56 -2.45
C ARG C 280 -49.12 16.79 -3.32
N ASP C 281 -47.90 17.09 -3.77
CA ASP C 281 -47.65 18.25 -4.59
C ASP C 281 -47.96 17.94 -6.05
N SER C 282 -47.53 18.82 -6.96
CA SER C 282 -47.87 18.64 -8.37
C SER C 282 -47.35 17.32 -8.90
N VAL C 283 -46.09 16.99 -8.61
CA VAL C 283 -45.53 15.73 -9.06
C VAL C 283 -46.09 14.54 -8.30
N GLY C 284 -46.82 14.78 -7.23
CA GLY C 284 -47.40 13.71 -6.43
C GLY C 284 -46.58 13.29 -5.23
N ASN C 285 -45.39 13.87 -5.04
CA ASN C 285 -44.57 13.52 -3.89
C ASN C 285 -45.24 13.99 -2.59
N THR C 286 -45.23 13.11 -1.59
CA THR C 286 -45.65 13.47 -0.25
C THR C 286 -44.42 13.95 0.53
N VAL C 287 -44.57 14.13 1.83
CA VAL C 287 -43.43 14.56 2.64
C VAL C 287 -42.35 13.48 2.65
N LEU C 288 -42.75 12.21 2.66
CA LEU C 288 -41.79 11.13 2.64
C LEU C 288 -41.06 11.05 1.31
N HIS C 289 -41.79 11.21 0.20
CA HIS C 289 -41.15 11.28 -1.11
C HIS C 289 -40.16 12.42 -1.16
N ALA C 290 -40.54 13.60 -0.65
CA ALA C 290 -39.65 14.74 -0.66
C ALA C 290 -38.40 14.47 0.17
N LEU C 291 -38.57 13.83 1.34
CA LEU C 291 -37.41 13.48 2.16
C LEU C 291 -36.48 12.55 1.41
N VAL C 292 -37.03 11.56 0.70
CA VAL C 292 -36.18 10.67 -0.09
C VAL C 292 -35.45 11.45 -1.17
N GLU C 293 -36.15 12.36 -1.85
CA GLU C 293 -35.52 13.12 -2.92
C GLU C 293 -34.36 13.95 -2.42
N VAL C 294 -34.47 14.49 -1.20
CA VAL C 294 -33.44 15.37 -0.66
C VAL C 294 -32.16 14.59 -0.39
N ALA C 295 -32.27 13.34 0.06
CA ALA C 295 -31.10 12.59 0.47
C ALA C 295 -30.07 12.53 -0.65
N ASP C 296 -28.80 12.72 -0.28
CA ASP C 296 -27.70 12.73 -1.24
C ASP C 296 -26.57 11.80 -0.83
N ASN C 297 -26.82 10.88 0.11
CA ASN C 297 -25.91 9.83 0.56
C ASN C 297 -24.81 10.36 1.46
N THR C 298 -24.77 11.65 1.78
CA THR C 298 -23.83 12.14 2.78
C THR C 298 -24.22 11.60 4.16
N VAL C 299 -23.20 11.34 4.98
CA VAL C 299 -23.44 10.67 6.26
C VAL C 299 -24.38 11.50 7.13
N ASP C 300 -24.08 12.79 7.29
CA ASP C 300 -24.96 13.66 8.06
C ASP C 300 -26.32 13.80 7.39
N ASN C 301 -26.32 13.96 6.06
CA ASN C 301 -27.57 14.05 5.32
C ASN C 301 -28.39 12.78 5.48
N THR C 302 -27.74 11.62 5.40
CA THR C 302 -28.45 10.36 5.60
C THR C 302 -29.04 10.26 7.00
N LYS C 303 -28.25 10.64 8.01
CA LYS C 303 -28.74 10.58 9.39
C LYS C 303 -29.99 11.45 9.56
N PHE C 304 -29.89 12.71 9.13
CA PHE C 304 -31.08 13.55 9.04
C PHE C 304 -32.26 12.89 8.35
N VAL C 305 -32.09 12.49 7.10
CA VAL C 305 -33.26 12.09 6.33
C VAL C 305 -33.92 10.89 6.97
N THR C 306 -33.12 9.93 7.45
CA THR C 306 -33.70 8.77 8.13
C THR C 306 -34.42 9.18 9.40
N SER C 307 -33.80 10.06 10.22
CA SER C 307 -34.41 10.44 11.48
C SER C 307 -35.75 11.15 11.26
N MET C 308 -35.77 12.12 10.33
CA MET C 308 -37.00 12.84 10.06
C MET C 308 -38.06 11.92 9.46
N TYR C 309 -37.65 11.00 8.60
CA TYR C 309 -38.58 10.02 8.04
C TYR C 309 -39.24 9.23 9.17
N ASN C 310 -38.43 8.76 10.13
CA ASN C 310 -38.98 8.00 11.25
C ASN C 310 -39.94 8.85 12.08
N GLU C 311 -39.54 10.10 12.38
CA GLU C 311 -40.39 10.95 13.20
C GLU C 311 -41.74 11.21 12.53
N ILE C 312 -41.71 11.56 11.24
CA ILE C 312 -42.95 11.84 10.54
C ILE C 312 -43.81 10.59 10.46
N LEU C 313 -43.18 9.43 10.25
CA LEU C 313 -43.93 8.18 10.20
C LEU C 313 -44.64 7.93 11.52
N ILE C 314 -43.93 8.09 12.64
CA ILE C 314 -44.53 7.84 13.94
C ILE C 314 -45.67 8.80 14.21
N LEU C 315 -45.46 10.09 13.94
CA LEU C 315 -46.52 11.06 14.18
C LEU C 315 -47.74 10.79 13.31
N GLY C 316 -47.52 10.48 12.03
CA GLY C 316 -48.64 10.16 11.16
C GLY C 316 -49.41 8.95 11.65
N ALA C 317 -48.69 7.93 12.13
CA ALA C 317 -49.39 6.77 12.70
C ALA C 317 -50.19 7.14 13.92
N LYS C 318 -49.63 7.98 14.80
CA LYS C 318 -50.36 8.38 16.00
C LYS C 318 -51.63 9.14 15.64
N LEU C 319 -51.54 10.06 14.69
CA LEU C 319 -52.73 10.85 14.34
C LEU C 319 -53.74 10.04 13.54
N HIS C 320 -53.29 9.27 12.56
CA HIS C 320 -54.17 8.57 11.62
C HIS C 320 -53.73 7.11 11.50
N PRO C 321 -54.05 6.27 12.49
CA PRO C 321 -53.62 4.87 12.42
C PRO C 321 -54.13 4.14 11.19
N THR C 322 -55.35 4.43 10.74
CA THR C 322 -55.92 3.67 9.62
C THR C 322 -55.12 3.86 8.34
N LEU C 323 -54.67 5.09 8.07
CA LEU C 323 -54.00 5.39 6.82
C LEU C 323 -52.63 4.73 6.77
N LYS C 324 -52.31 4.16 5.61
CA LYS C 324 -50.99 3.56 5.35
C LYS C 324 -50.20 4.57 4.52
N LEU C 325 -49.29 5.29 5.20
CA LEU C 325 -48.61 6.40 4.55
C LEU C 325 -47.64 5.92 3.47
N GLU C 326 -46.85 4.89 3.78
CA GLU C 326 -45.84 4.43 2.84
C GLU C 326 -46.43 3.88 1.55
N GLU C 327 -47.67 3.38 1.59
CA GLU C 327 -48.26 2.78 0.40
C GLU C 327 -48.52 3.81 -0.69
N ILE C 328 -48.61 5.10 -0.35
CA ILE C 328 -48.93 6.11 -1.33
C ILE C 328 -47.82 6.18 -2.37
N THR C 329 -48.18 6.60 -3.59
CA THR C 329 -47.25 6.69 -4.70
C THR C 329 -47.37 8.07 -5.34
N ASN C 330 -46.30 8.48 -6.01
CA ASN C 330 -46.29 9.73 -6.76
C ASN C 330 -46.84 9.47 -8.16
N ARG C 331 -46.74 10.47 -9.04
CA ARG C 331 -47.30 10.33 -10.38
C ARG C 331 -46.62 9.21 -11.15
N LYS C 332 -45.30 9.10 -11.04
CA LYS C 332 -44.58 8.04 -11.75
C LYS C 332 -45.00 6.66 -11.27
N GLY C 333 -45.52 6.54 -10.06
CA GLY C 333 -45.98 5.27 -9.54
C GLY C 333 -45.06 4.61 -8.54
N LEU C 334 -44.04 5.31 -8.06
CA LEU C 334 -43.08 4.75 -7.11
C LEU C 334 -43.44 5.15 -5.68
N THR C 335 -43.16 4.24 -4.75
CA THR C 335 -43.30 4.50 -3.33
C THR C 335 -41.99 5.03 -2.77
N PRO C 336 -42.00 5.54 -1.53
CA PRO C 336 -40.73 6.01 -0.94
C PRO C 336 -39.65 4.95 -0.95
N LEU C 337 -40.00 3.69 -0.66
CA LEU C 337 -39.01 2.62 -0.71
C LEU C 337 -38.56 2.34 -2.14
N ALA C 338 -39.54 2.22 -3.05
CA ALA C 338 -39.19 2.00 -4.46
C ALA C 338 -38.43 3.19 -5.01
N LEU C 339 -38.82 4.41 -4.63
CA LEU C 339 -38.11 5.60 -5.10
C LEU C 339 -36.68 5.60 -4.59
N ALA C 340 -36.47 5.26 -3.32
CA ALA C 340 -35.12 5.20 -2.78
C ALA C 340 -34.29 4.16 -3.50
N ALA C 341 -34.86 2.98 -3.76
CA ALA C 341 -34.13 1.95 -4.48
C ALA C 341 -33.78 2.39 -5.89
N SER C 342 -34.72 3.05 -6.56
CA SER C 342 -34.49 3.48 -7.95
C SER C 342 -33.44 4.57 -8.03
N SER C 343 -33.49 5.54 -7.12
CA SER C 343 -32.61 6.71 -7.21
C SER C 343 -31.20 6.44 -6.69
N GLY C 344 -30.94 5.27 -6.13
CA GLY C 344 -29.62 4.95 -5.64
C GLY C 344 -29.33 5.39 -4.23
N LYS C 345 -30.33 5.89 -3.50
CA LYS C 345 -30.12 6.30 -2.12
C LYS C 345 -29.95 5.08 -1.23
N ILE C 346 -28.69 4.67 -1.03
CA ILE C 346 -28.42 3.45 -0.29
C ILE C 346 -28.75 3.62 1.19
N GLY C 347 -28.50 4.81 1.74
CA GLY C 347 -28.74 5.01 3.16
C GLY C 347 -30.22 4.89 3.52
N VAL C 348 -31.08 5.54 2.74
CA VAL C 348 -32.50 5.49 3.01
C VAL C 348 -33.03 4.07 2.81
N LEU C 349 -32.54 3.39 1.78
CA LEU C 349 -32.94 2.00 1.54
C LEU C 349 -32.55 1.12 2.72
N ALA C 350 -31.31 1.27 3.19
CA ALA C 350 -30.84 0.45 4.32
C ALA C 350 -31.67 0.74 5.56
N TYR C 351 -32.01 2.00 5.81
CA TYR C 351 -32.85 2.33 6.95
C TYR C 351 -34.22 1.68 6.81
N ILE C 352 -34.87 1.86 5.67
CA ILE C 352 -36.24 1.37 5.51
C ILE C 352 -36.29 -0.15 5.61
N LEU C 353 -35.37 -0.84 4.93
CA LEU C 353 -35.47 -2.29 4.81
C LEU C 353 -35.42 -2.96 6.18
N GLN C 354 -34.54 -2.50 7.06
CA GLN C 354 -34.33 -3.09 8.38
C GLN C 354 -34.55 -1.99 9.42
N ARG C 355 -35.80 -1.80 9.82
CA ARG C 355 -36.16 -0.83 10.84
C ARG C 355 -37.14 -1.47 11.81
N GLU C 356 -36.91 -1.26 13.11
CA GLU C 356 -37.77 -1.79 14.16
C GLU C 356 -38.12 -0.66 15.12
N ILE C 357 -39.40 -0.48 15.36
CA ILE C 357 -39.89 0.50 16.34
C ILE C 357 -40.41 -0.30 17.53
N HIS C 358 -39.67 -0.24 18.64
CA HIS C 358 -40.01 -1.04 19.81
C HIS C 358 -41.21 -0.50 20.58
N GLU C 359 -41.63 0.72 20.30
CA GLU C 359 -42.74 1.31 21.04
C GLU C 359 -44.00 0.48 20.85
N PRO C 360 -44.63 -0.01 21.92
CA PRO C 360 -45.88 -0.77 21.73
C PRO C 360 -46.98 0.04 21.06
N GLU C 361 -46.97 1.37 21.21
CA GLU C 361 -48.01 2.20 20.60
C GLU C 361 -48.00 2.06 19.09
N CYS C 362 -46.81 2.11 18.48
CA CYS C 362 -46.64 1.98 17.03
C CYS C 362 -45.54 0.95 16.78
N ARG C 363 -45.91 -0.33 16.75
CA ARG C 363 -44.97 -1.41 16.48
C ARG C 363 -45.14 -2.02 15.10
N HIS C 364 -46.36 -1.98 14.55
CA HIS C 364 -46.59 -2.51 13.20
C HIS C 364 -45.82 -1.73 12.15
N LEU C 365 -45.33 -0.53 12.47
CA LEU C 365 -44.52 0.24 11.54
C LEU C 365 -43.08 -0.25 11.56
N SER C 366 -42.87 -1.55 11.45
CA SER C 366 -41.55 -2.14 11.50
C SER C 366 -41.46 -3.27 10.48
N ARG C 367 -40.23 -3.56 10.06
CA ARG C 367 -39.98 -4.60 9.08
C ARG C 367 -39.07 -5.70 9.57
N LYS C 368 -38.25 -5.46 10.59
CA LYS C 368 -37.34 -6.46 11.14
C LYS C 368 -37.75 -6.73 12.58
N PHE C 369 -38.25 -7.94 12.83
CA PHE C 369 -38.70 -8.34 14.14
C PHE C 369 -37.64 -9.23 14.81
N THR C 370 -37.99 -9.82 15.94
CA THR C 370 -37.10 -10.74 16.66
C THR C 370 -37.92 -11.97 17.04
N GLU C 371 -37.75 -13.06 16.28
CA GLU C 371 -38.55 -14.25 16.52
C GLU C 371 -38.33 -14.79 17.92
N TRP C 372 -37.06 -14.88 18.36
CA TRP C 372 -36.79 -15.36 19.71
C TRP C 372 -35.33 -15.12 20.05
N ALA C 373 -34.99 -15.39 21.32
CA ALA C 373 -33.64 -15.24 21.83
C ALA C 373 -33.56 -15.99 23.16
N TYR C 374 -32.49 -16.77 23.33
CA TYR C 374 -32.29 -17.54 24.55
C TYR C 374 -31.09 -17.04 25.36
N GLY C 375 -29.90 -17.02 24.75
CA GLY C 375 -28.72 -16.54 25.42
C GLY C 375 -28.06 -15.44 24.61
N PRO C 376 -26.85 -15.68 24.10
CA PRO C 376 -26.28 -14.80 23.08
C PRO C 376 -26.76 -15.10 21.67
N VAL C 377 -27.78 -15.94 21.52
CA VAL C 377 -28.29 -16.37 20.21
C VAL C 377 -29.71 -15.85 20.08
N HIS C 378 -30.03 -15.29 18.92
CA HIS C 378 -31.39 -14.82 18.67
C HIS C 378 -31.70 -14.87 17.18
N SER C 379 -32.93 -15.26 16.87
CA SER C 379 -33.40 -15.36 15.50
C SER C 379 -34.43 -14.27 15.25
N SER C 380 -34.27 -13.55 14.13
CA SER C 380 -35.09 -12.42 13.75
C SER C 380 -35.72 -12.67 12.39
N LEU C 381 -36.65 -11.78 12.02
CA LEU C 381 -37.39 -11.90 10.77
C LEU C 381 -37.30 -10.58 10.01
N TYR C 382 -37.52 -10.65 8.70
CA TYR C 382 -37.59 -9.48 7.83
C TYR C 382 -38.87 -9.54 7.01
N ASP C 383 -39.41 -8.37 6.68
CA ASP C 383 -40.77 -8.30 6.15
C ASP C 383 -40.88 -8.91 4.76
N LEU C 384 -39.98 -8.52 3.85
CA LEU C 384 -40.04 -8.98 2.46
C LEU C 384 -41.39 -8.68 1.81
N SER C 385 -42.04 -7.57 2.23
CA SER C 385 -43.36 -7.26 1.70
C SER C 385 -43.31 -7.04 0.19
N CYS C 386 -42.58 -6.00 -0.25
CA CYS C 386 -42.40 -5.70 -1.66
C CYS C 386 -40.92 -5.74 -2.03
N ILE C 387 -40.18 -6.65 -1.39
CA ILE C 387 -38.79 -6.88 -1.77
C ILE C 387 -38.67 -8.03 -2.76
N ASP C 388 -39.55 -9.03 -2.65
CA ASP C 388 -39.52 -10.20 -3.50
C ASP C 388 -40.51 -10.09 -4.66
N THR C 389 -41.78 -9.85 -4.36
CA THR C 389 -42.81 -9.68 -5.38
C THR C 389 -43.72 -8.55 -4.99
N CYS C 390 -43.82 -7.53 -5.85
CA CYS C 390 -44.71 -6.40 -5.63
C CYS C 390 -45.52 -6.16 -6.89
N GLU C 391 -46.73 -5.63 -6.72
CA GLU C 391 -47.63 -5.43 -7.85
C GLU C 391 -47.02 -4.47 -8.86
N LYS C 392 -46.48 -3.34 -8.39
CA LYS C 392 -45.92 -2.35 -9.30
C LYS C 392 -44.49 -2.71 -9.70
N ASN C 393 -43.58 -2.74 -8.73
CA ASN C 393 -42.19 -3.07 -9.00
C ASN C 393 -41.49 -3.38 -7.69
N SER C 394 -40.91 -4.57 -7.59
CA SER C 394 -40.18 -4.95 -6.39
C SER C 394 -38.83 -4.24 -6.33
N VAL C 395 -38.26 -4.22 -5.13
CA VAL C 395 -36.98 -3.54 -4.93
C VAL C 395 -35.87 -4.27 -5.67
N LEU C 396 -35.91 -5.60 -5.69
CA LEU C 396 -34.85 -6.37 -6.33
C LEU C 396 -34.76 -6.05 -7.82
N GLU C 397 -35.90 -6.05 -8.51
CA GLU C 397 -35.87 -5.81 -9.95
C GLU C 397 -35.60 -4.33 -10.26
N VAL C 398 -35.99 -3.43 -9.36
CA VAL C 398 -35.68 -2.02 -9.56
C VAL C 398 -34.19 -1.78 -9.43
N ILE C 399 -33.54 -2.45 -8.48
CA ILE C 399 -32.09 -2.32 -8.32
C ILE C 399 -31.36 -2.97 -9.49
N ALA C 400 -31.77 -4.19 -9.86
CA ALA C 400 -31.01 -4.95 -10.84
C ALA C 400 -31.19 -4.38 -12.25
N TYR C 401 -32.40 -4.00 -12.61
CA TYR C 401 -32.71 -3.53 -13.96
C TYR C 401 -32.47 -2.04 -14.14
N SER C 402 -31.76 -1.40 -13.23
CA SER C 402 -31.45 0.02 -13.38
C SER C 402 -30.44 0.20 -14.51
N SER C 403 -30.53 1.36 -15.19
CA SER C 403 -29.76 1.64 -16.38
C SER C 403 -28.34 2.13 -16.08
N SER C 404 -27.84 1.89 -14.86
CA SER C 404 -26.47 2.23 -14.49
C SER C 404 -26.28 3.73 -14.31
N GLU C 405 -27.30 4.53 -14.63
CA GLU C 405 -27.29 5.92 -14.23
C GLU C 405 -27.43 6.05 -12.72
N THR C 406 -28.06 5.06 -12.08
CA THR C 406 -28.13 5.03 -10.64
C THR C 406 -26.72 4.94 -10.06
N PRO C 407 -26.37 5.75 -9.05
CA PRO C 407 -24.98 5.81 -8.60
C PRO C 407 -24.35 4.47 -8.25
N ASN C 408 -24.97 3.70 -7.36
CA ASN C 408 -24.32 2.59 -6.68
C ASN C 408 -25.19 1.34 -6.69
N ARG C 409 -25.67 0.95 -7.88
CA ARG C 409 -26.39 -0.31 -8.01
C ARG C 409 -25.61 -1.47 -7.41
N HIS C 410 -24.30 -1.48 -7.63
CA HIS C 410 -23.49 -2.63 -7.23
C HIS C 410 -23.52 -2.85 -5.73
N ASP C 411 -23.49 -1.76 -4.95
CA ASP C 411 -23.45 -1.84 -3.49
C ASP C 411 -24.85 -1.87 -2.87
N MET C 412 -25.91 -1.73 -3.67
CA MET C 412 -27.26 -1.71 -3.13
C MET C 412 -27.80 -3.09 -2.82
N LEU C 413 -27.12 -4.15 -3.25
CA LEU C 413 -27.54 -5.52 -2.96
C LEU C 413 -26.85 -6.10 -1.74
N LEU C 414 -25.97 -5.33 -1.09
CA LEU C 414 -25.30 -5.80 0.13
C LEU C 414 -26.14 -5.58 1.37
N VAL C 415 -27.31 -4.96 1.25
CA VAL C 415 -28.13 -4.70 2.43
C VAL C 415 -28.55 -6.03 3.06
N GLU C 416 -28.97 -5.97 4.32
CA GLU C 416 -29.10 -7.18 5.13
C GLU C 416 -29.99 -8.25 4.50
N PRO C 417 -31.21 -7.94 4.06
CA PRO C 417 -32.09 -9.02 3.57
C PRO C 417 -31.75 -9.49 2.17
N LEU C 418 -31.27 -8.58 1.32
CA LEU C 418 -31.24 -8.84 -0.12
C LEU C 418 -30.19 -9.88 -0.48
N ASN C 419 -28.99 -9.79 0.09
CA ASN C 419 -27.93 -10.74 -0.25
C ASN C 419 -28.34 -12.16 0.14
N ARG C 420 -28.87 -12.32 1.35
CA ARG C 420 -29.30 -13.63 1.80
C ARG C 420 -30.48 -14.14 0.98
N LEU C 421 -31.38 -13.24 0.59
CA LEU C 421 -32.51 -13.65 -0.24
C LEU C 421 -32.04 -14.16 -1.60
N LEU C 422 -31.10 -13.46 -2.22
CA LEU C 422 -30.57 -13.88 -3.51
C LEU C 422 -29.84 -15.21 -3.38
N GLN C 423 -29.04 -15.38 -2.31
CA GLN C 423 -28.35 -16.65 -2.12
C GLN C 423 -29.34 -17.79 -1.90
N ASP C 424 -30.42 -17.52 -1.17
CA ASP C 424 -31.45 -18.54 -0.99
C ASP C 424 -32.07 -18.93 -2.32
N LYS C 425 -32.40 -17.94 -3.15
CA LYS C 425 -32.97 -18.26 -4.46
C LYS C 425 -32.00 -19.07 -5.31
N TRP C 426 -30.72 -18.69 -5.29
CA TRP C 426 -29.72 -19.44 -6.05
C TRP C 426 -29.65 -20.88 -5.59
N ASP C 427 -29.49 -21.10 -4.29
CA ASP C 427 -29.31 -22.45 -3.78
C ASP C 427 -30.55 -23.30 -3.95
N ARG C 428 -31.74 -22.70 -3.90
CA ARG C 428 -32.97 -23.49 -3.84
C ARG C 428 -33.33 -24.08 -5.20
N PHE C 429 -33.55 -23.23 -6.21
CA PHE C 429 -34.10 -23.70 -7.47
C PHE C 429 -33.46 -23.14 -8.74
N VAL C 430 -32.49 -22.23 -8.65
CA VAL C 430 -31.99 -21.57 -9.85
C VAL C 430 -30.70 -22.24 -10.31
N LYS C 431 -29.94 -22.81 -9.39
CA LYS C 431 -28.66 -23.40 -9.74
C LYS C 431 -28.84 -24.56 -10.72
N ARG C 432 -29.82 -25.42 -10.48
CA ARG C 432 -30.04 -26.56 -11.37
C ARG C 432 -30.44 -26.11 -12.77
N ILE C 433 -31.31 -25.11 -12.86
CA ILE C 433 -31.74 -24.62 -14.17
C ILE C 433 -30.57 -23.98 -14.90
N PHE C 434 -29.73 -23.23 -14.18
CA PHE C 434 -28.56 -22.63 -14.80
C PHE C 434 -27.64 -23.70 -15.36
N TYR C 435 -27.39 -24.77 -14.59
CA TYR C 435 -26.52 -25.84 -15.07
C TYR C 435 -27.14 -26.57 -16.25
N PHE C 436 -28.45 -26.78 -16.24
CA PHE C 436 -29.11 -27.41 -17.39
C PHE C 436 -28.96 -26.54 -18.63
N ASN C 437 -29.12 -25.23 -18.49
CA ASN C 437 -28.93 -24.33 -19.62
C ASN C 437 -27.50 -24.41 -20.14
N PHE C 438 -26.52 -24.44 -19.24
CA PHE C 438 -25.14 -24.56 -19.65
C PHE C 438 -24.90 -25.86 -20.43
N PHE C 439 -25.46 -26.96 -19.94
CA PHE C 439 -25.30 -28.25 -20.62
C PHE C 439 -25.93 -28.22 -22.01
N VAL C 440 -27.12 -27.63 -22.14
CA VAL C 440 -27.77 -27.59 -23.44
C VAL C 440 -26.98 -26.72 -24.41
N TYR C 441 -26.42 -25.61 -23.92
CA TYR C 441 -25.58 -24.79 -24.79
C TYR C 441 -24.34 -25.55 -25.23
N CYS C 442 -23.75 -26.33 -24.32
CA CYS C 442 -22.60 -27.14 -24.71
C CYS C 442 -22.97 -28.12 -25.81
N LEU C 443 -24.13 -28.77 -25.69
CA LEU C 443 -24.58 -29.70 -26.73
C LEU C 443 -24.79 -28.97 -28.06
N TYR C 444 -25.42 -27.80 -28.01
CA TYR C 444 -25.64 -27.03 -29.23
C TYR C 444 -24.32 -26.66 -29.90
N MET C 445 -23.34 -26.23 -29.11
CA MET C 445 -22.05 -25.85 -29.68
C MET C 445 -21.33 -27.04 -30.26
N ILE C 446 -21.41 -28.20 -29.60
CA ILE C 446 -20.76 -29.39 -30.14
C ILE C 446 -21.40 -29.80 -31.47
N ILE C 447 -22.73 -29.76 -31.53
CA ILE C 447 -23.41 -30.11 -32.78
C ILE C 447 -23.02 -29.13 -33.87
N PHE C 448 -22.99 -27.83 -33.55
CA PHE C 448 -22.61 -26.82 -34.54
C PHE C 448 -21.20 -27.05 -35.04
N THR C 449 -20.26 -27.33 -34.13
CA THR C 449 -18.88 -27.58 -34.54
C THR C 449 -18.77 -28.80 -35.44
N ALA C 450 -19.47 -29.88 -35.08
CA ALA C 450 -19.39 -31.10 -35.88
C ALA C 450 -20.01 -30.90 -37.26
N ALA C 451 -21.12 -30.17 -37.35
CA ALA C 451 -21.77 -29.96 -38.64
C ALA C 451 -21.01 -28.99 -39.52
N ALA C 452 -20.36 -27.98 -38.92
CA ALA C 452 -19.56 -27.05 -39.70
C ALA C 452 -18.24 -27.66 -40.16
N TYR C 453 -17.68 -28.57 -39.37
CA TYR C 453 -16.42 -29.21 -39.74
C TYR C 453 -16.58 -30.02 -41.02
N TYR C 454 -17.69 -30.74 -41.16
CA TYR C 454 -17.92 -31.64 -42.28
C TYR C 454 -18.75 -31.00 -43.39
N ARG C 455 -18.63 -29.70 -43.58
CA ARG C 455 -19.40 -29.02 -44.61
C ARG C 455 -18.99 -29.53 -46.00
N PRO C 456 -19.92 -29.61 -46.94
CA PRO C 456 -19.54 -29.97 -48.31
C PRO C 456 -18.55 -28.96 -48.88
N VAL C 457 -17.58 -29.48 -49.64
CA VAL C 457 -16.50 -28.66 -50.15
C VAL C 457 -16.53 -28.55 -51.67
N GLU C 458 -17.10 -29.52 -52.38
CA GLU C 458 -17.13 -29.54 -53.83
C GLU C 458 -18.49 -29.07 -54.32
N GLY C 459 -18.49 -28.04 -55.16
CA GLY C 459 -19.70 -27.52 -55.75
C GLY C 459 -20.00 -26.11 -55.30
N LEU C 460 -21.28 -25.74 -55.44
CA LEU C 460 -21.77 -24.42 -55.08
C LEU C 460 -23.07 -24.62 -54.30
N PRO C 461 -23.31 -23.85 -53.24
CA PRO C 461 -24.53 -24.03 -52.45
C PRO C 461 -25.75 -23.58 -53.24
N PRO C 462 -26.94 -24.09 -52.92
CA PRO C 462 -27.20 -25.12 -51.90
C PRO C 462 -26.70 -26.49 -52.34
N TYR C 463 -26.47 -27.38 -51.37
CA TYR C 463 -25.94 -28.71 -51.65
C TYR C 463 -27.06 -29.73 -51.55
N LYS C 464 -27.29 -30.46 -52.64
CA LYS C 464 -28.36 -31.43 -52.68
C LYS C 464 -28.11 -32.56 -51.68
N LEU C 465 -29.19 -33.06 -51.09
CA LEU C 465 -29.09 -34.11 -50.10
C LEU C 465 -28.69 -35.44 -50.75
N LYS C 466 -28.12 -36.32 -49.93
CA LYS C 466 -27.72 -37.64 -50.38
C LYS C 466 -28.32 -38.68 -49.44
N ASN C 467 -28.56 -39.89 -49.99
CA ASN C 467 -29.19 -40.95 -49.22
C ASN C 467 -28.30 -41.48 -48.10
N THR C 468 -27.01 -41.13 -48.09
CA THR C 468 -26.12 -41.62 -47.06
C THR C 468 -26.57 -41.15 -45.68
N VAL C 469 -26.34 -42.00 -44.67
CA VAL C 469 -26.71 -41.65 -43.31
C VAL C 469 -25.92 -40.44 -42.83
N GLY C 470 -24.65 -40.34 -43.25
CA GLY C 470 -23.85 -39.19 -42.88
C GLY C 470 -24.48 -37.88 -43.34
N ASP C 471 -25.05 -37.87 -44.54
CA ASP C 471 -25.73 -36.68 -45.03
C ASP C 471 -26.93 -36.33 -44.16
N TYR C 472 -27.70 -37.34 -43.76
CA TYR C 472 -28.85 -37.09 -42.89
C TYR C 472 -28.40 -36.48 -41.56
N PHE C 473 -27.35 -37.04 -40.96
CA PHE C 473 -26.87 -36.50 -39.69
C PHE C 473 -26.35 -35.08 -39.86
N ARG C 474 -25.63 -34.82 -40.95
CA ARG C 474 -25.11 -33.47 -41.19
C ARG C 474 -26.26 -32.48 -41.36
N VAL C 475 -27.29 -32.85 -42.11
CA VAL C 475 -28.41 -31.95 -42.32
C VAL C 475 -29.16 -31.71 -41.01
N THR C 476 -29.28 -32.73 -40.17
CA THR C 476 -29.86 -32.54 -38.85
C THR C 476 -29.05 -31.54 -38.04
N GLY C 477 -27.72 -31.66 -38.10
CA GLY C 477 -26.88 -30.70 -37.41
C GLY C 477 -27.07 -29.28 -37.90
N GLU C 478 -27.17 -29.10 -39.22
CA GLU C 478 -27.39 -27.77 -39.78
C GLU C 478 -28.74 -27.21 -39.32
N ILE C 479 -29.78 -28.04 -39.32
CA ILE C 479 -31.09 -27.57 -38.90
C ILE C 479 -31.05 -27.14 -37.44
N LEU C 480 -30.41 -27.94 -36.58
CA LEU C 480 -30.32 -27.58 -35.17
C LEU C 480 -29.54 -26.28 -34.98
N SER C 481 -28.45 -26.10 -35.73
CA SER C 481 -27.68 -24.87 -35.62
C SER C 481 -28.50 -23.66 -36.03
N VAL C 482 -29.24 -23.77 -37.14
CA VAL C 482 -30.06 -22.65 -37.60
C VAL C 482 -31.15 -22.34 -36.60
N SER C 483 -31.77 -23.38 -36.01
CA SER C 483 -32.80 -23.15 -35.01
C SER C 483 -32.24 -22.42 -33.80
N GLY C 484 -31.05 -22.82 -33.33
CA GLY C 484 -30.44 -22.12 -32.23
C GLY C 484 -30.14 -20.67 -32.57
N GLY C 485 -29.67 -20.41 -33.79
CA GLY C 485 -29.42 -19.04 -34.20
C GLY C 485 -30.68 -18.20 -34.19
N VAL C 486 -31.79 -18.75 -34.69
CA VAL C 486 -33.05 -18.03 -34.68
C VAL C 486 -33.51 -17.76 -33.25
N TYR C 487 -33.36 -18.76 -32.37
CA TYR C 487 -33.74 -18.58 -30.98
C TYR C 487 -32.98 -17.43 -30.34
N PHE C 488 -31.66 -17.40 -30.52
CA PHE C 488 -30.86 -16.32 -29.94
C PHE C 488 -31.19 -14.97 -30.57
N PHE C 489 -31.48 -14.95 -31.88
CA PHE C 489 -31.89 -13.71 -32.53
C PHE C 489 -33.15 -13.14 -31.87
N PHE C 490 -34.17 -13.97 -31.72
CA PHE C 490 -35.42 -13.50 -31.13
C PHE C 490 -35.23 -13.09 -29.68
N ARG C 491 -34.42 -13.84 -28.92
CA ARG C 491 -34.18 -13.46 -27.54
C ARG C 491 -33.49 -12.10 -27.45
N GLY C 492 -32.51 -11.86 -28.32
CA GLY C 492 -31.85 -10.56 -28.32
C GLY C 492 -32.79 -9.43 -28.67
N ILE C 493 -33.64 -9.64 -29.67
CA ILE C 493 -34.61 -8.60 -30.03
C ILE C 493 -35.56 -8.33 -28.86
N GLN C 494 -36.04 -9.40 -28.21
CA GLN C 494 -36.91 -9.24 -27.06
C GLN C 494 -36.24 -8.41 -25.97
N TYR C 495 -34.98 -8.74 -25.66
CA TYR C 495 -34.27 -8.00 -24.61
C TYR C 495 -34.13 -6.52 -24.98
N PHE C 496 -33.70 -6.25 -26.22
CA PHE C 496 -33.46 -4.87 -26.60
C PHE C 496 -34.75 -4.06 -26.66
N LEU C 497 -35.88 -4.70 -26.96
CA LEU C 497 -37.16 -3.98 -26.90
C LEU C 497 -37.57 -3.73 -25.46
N GLN C 498 -37.45 -4.75 -24.60
CA GLN C 498 -37.89 -4.59 -23.22
C GLN C 498 -37.08 -3.53 -22.48
N ARG C 499 -35.77 -3.50 -22.69
CA ARG C 499 -34.91 -2.63 -21.88
C ARG C 499 -34.71 -1.25 -22.50
N ARG C 500 -34.66 -1.16 -23.82
CA ARG C 500 -34.43 0.11 -24.52
C ARG C 500 -33.16 0.80 -23.98
N PRO C 501 -32.02 0.11 -24.00
CA PRO C 501 -30.80 0.73 -23.48
C PRO C 501 -30.34 1.90 -24.33
N SER C 502 -29.70 2.85 -23.68
CA SER C 502 -29.09 3.97 -24.39
C SER C 502 -27.75 3.53 -24.98
N LEU C 503 -27.25 4.34 -25.92
CA LEU C 503 -26.01 3.98 -26.61
C LEU C 503 -24.84 3.94 -25.64
N LYS C 504 -24.77 4.90 -24.71
CA LYS C 504 -23.64 4.95 -23.79
C LYS C 504 -23.58 3.70 -22.92
N SER C 505 -24.73 3.28 -22.38
CA SER C 505 -24.80 2.11 -21.52
C SER C 505 -24.97 0.81 -22.29
N LEU C 506 -25.10 0.86 -23.62
CA LEU C 506 -25.33 -0.35 -24.40
C LEU C 506 -24.17 -1.33 -24.23
N PHE C 507 -22.94 -0.82 -24.32
CA PHE C 507 -21.75 -1.65 -24.18
C PHE C 507 -21.23 -1.72 -22.75
N VAL C 508 -21.91 -1.09 -21.80
CA VAL C 508 -21.50 -1.11 -20.40
C VAL C 508 -22.43 -1.96 -19.54
N ASP C 509 -23.65 -2.23 -19.97
CA ASP C 509 -24.59 -3.03 -19.20
C ASP C 509 -25.08 -4.27 -19.94
N SER C 510 -24.89 -4.36 -21.25
CA SER C 510 -25.43 -5.44 -22.07
C SER C 510 -24.37 -6.00 -23.01
N TYR C 511 -23.17 -6.24 -22.46
CA TYR C 511 -22.09 -6.83 -23.25
C TYR C 511 -22.47 -8.23 -23.74
N SER C 512 -22.94 -9.08 -22.82
CA SER C 512 -23.26 -10.46 -23.18
C SER C 512 -24.41 -10.51 -24.19
N GLU C 513 -25.44 -9.69 -23.97
CA GLU C 513 -26.58 -9.68 -24.89
C GLU C 513 -26.13 -9.25 -26.28
N ILE C 514 -25.26 -8.24 -26.36
CA ILE C 514 -24.76 -7.79 -27.65
C ILE C 514 -23.99 -8.91 -28.33
N LEU C 515 -23.13 -9.61 -27.59
CA LEU C 515 -22.33 -10.65 -28.21
C LEU C 515 -23.19 -11.80 -28.73
N PHE C 516 -24.16 -12.24 -27.94
CA PHE C 516 -25.05 -13.31 -28.40
C PHE C 516 -25.85 -12.87 -29.61
N PHE C 517 -26.36 -11.63 -29.59
CA PHE C 517 -27.12 -11.12 -30.73
C PHE C 517 -26.24 -11.05 -31.99
N VAL C 518 -24.98 -10.66 -31.83
CA VAL C 518 -24.08 -10.56 -32.98
C VAL C 518 -23.79 -11.94 -33.55
N GLN C 519 -23.59 -12.94 -32.69
CA GLN C 519 -23.40 -14.29 -33.20
C GLN C 519 -24.63 -14.75 -33.98
N SER C 520 -25.82 -14.48 -33.45
CA SER C 520 -27.04 -14.86 -34.16
C SER C 520 -27.14 -14.12 -35.50
N LEU C 521 -26.74 -12.84 -35.53
CA LEU C 521 -26.75 -12.09 -36.77
C LEU C 521 -25.82 -12.71 -37.80
N PHE C 522 -24.63 -13.13 -37.37
CA PHE C 522 -23.71 -13.78 -38.29
C PHE C 522 -24.31 -15.07 -38.83
N MET C 523 -24.96 -15.85 -37.96
CA MET C 523 -25.59 -17.09 -38.43
C MET C 523 -26.67 -16.79 -39.47
N LEU C 524 -27.49 -15.78 -39.23
CA LEU C 524 -28.58 -15.48 -40.16
C LEU C 524 -28.04 -14.96 -41.49
N VAL C 525 -27.00 -14.13 -41.46
CA VAL C 525 -26.37 -13.69 -42.70
C VAL C 525 -25.79 -14.88 -43.45
N SER C 526 -25.21 -15.83 -42.71
CA SER C 526 -24.69 -17.04 -43.34
C SER C 526 -25.80 -17.81 -44.04
N VAL C 527 -26.96 -17.94 -43.40
CA VAL C 527 -28.09 -18.63 -44.02
C VAL C 527 -28.51 -17.90 -45.29
N VAL C 528 -28.63 -16.57 -45.21
CA VAL C 528 -29.09 -15.79 -46.35
C VAL C 528 -28.15 -15.97 -47.53
N LEU C 529 -26.84 -15.92 -47.27
CA LEU C 529 -25.87 -16.11 -48.34
C LEU C 529 -25.90 -17.54 -48.87
N TYR C 530 -26.05 -18.52 -47.98
CA TYR C 530 -26.04 -19.91 -48.40
C TYR C 530 -27.18 -20.21 -49.36
N PHE C 531 -28.38 -19.69 -49.07
CA PHE C 531 -29.50 -19.94 -49.96
C PHE C 531 -29.52 -18.99 -51.16
N SER C 532 -28.57 -18.05 -51.25
CA SER C 532 -28.43 -17.19 -52.41
C SER C 532 -27.35 -17.68 -53.37
N GLN C 533 -26.98 -18.96 -53.29
CA GLN C 533 -25.97 -19.55 -54.17
C GLN C 533 -24.67 -18.77 -54.10
N ARG C 534 -24.25 -18.41 -52.89
CA ARG C 534 -23.00 -17.71 -52.66
C ARG C 534 -22.08 -18.59 -51.81
N LYS C 535 -20.79 -18.52 -52.10
CA LYS C 535 -19.78 -19.26 -51.35
C LYS C 535 -19.21 -18.46 -50.19
N GLU C 536 -19.64 -17.22 -50.00
CA GLU C 536 -19.16 -16.41 -48.88
C GLU C 536 -19.85 -16.76 -47.57
N TYR C 537 -20.85 -17.64 -47.58
CA TYR C 537 -21.54 -17.98 -46.34
C TYR C 537 -20.56 -18.55 -45.32
N VAL C 538 -19.59 -19.34 -45.79
CA VAL C 538 -18.58 -19.88 -44.88
C VAL C 538 -17.83 -18.73 -44.20
N ALA C 539 -17.48 -17.70 -44.98
CA ALA C 539 -16.78 -16.56 -44.39
C ALA C 539 -17.57 -15.97 -43.22
N SER C 540 -18.90 -16.09 -43.26
CA SER C 540 -19.71 -15.69 -42.11
C SER C 540 -19.71 -16.80 -41.05
N MET C 541 -20.00 -18.03 -41.48
CA MET C 541 -20.22 -19.12 -40.53
C MET C 541 -19.07 -19.21 -39.53
N VAL C 542 -17.84 -19.26 -40.03
CA VAL C 542 -16.69 -19.45 -39.14
C VAL C 542 -16.69 -18.40 -38.06
N PHE C 543 -16.91 -17.13 -38.43
CA PHE C 543 -16.94 -16.09 -37.41
C PHE C 543 -17.93 -16.44 -36.32
N SER C 544 -19.17 -16.72 -36.72
CA SER C 544 -20.18 -17.13 -35.74
C SER C 544 -19.64 -18.27 -34.89
N LEU C 545 -19.11 -19.31 -35.54
CA LEU C 545 -18.59 -20.45 -34.81
C LEU C 545 -17.59 -20.00 -33.75
N ALA C 546 -16.62 -19.18 -34.17
CA ALA C 546 -15.65 -18.70 -33.19
C ALA C 546 -16.35 -18.03 -32.02
N MET C 547 -17.22 -17.07 -32.33
CA MET C 547 -17.96 -16.38 -31.28
C MET C 547 -18.61 -17.40 -30.35
N GLY C 548 -19.28 -18.40 -30.95
CA GLY C 548 -19.95 -19.40 -30.17
C GLY C 548 -19.11 -19.84 -28.99
N TRP C 549 -17.91 -20.35 -29.28
CA TRP C 549 -17.12 -20.94 -28.19
C TRP C 549 -16.71 -19.88 -27.17
N THR C 550 -16.31 -18.70 -27.65
CA THR C 550 -15.91 -17.66 -26.72
C THR C 550 -17.06 -17.12 -25.92
N ASN C 551 -18.31 -17.47 -26.27
CA ASN C 551 -19.46 -17.08 -25.47
C ASN C 551 -19.71 -18.03 -24.31
N MET C 552 -19.02 -19.17 -24.28
CA MET C 552 -19.13 -20.05 -23.11
C MET C 552 -18.71 -19.34 -21.85
N LEU C 553 -17.85 -18.32 -21.95
CA LEU C 553 -17.45 -17.56 -20.79
C LEU C 553 -18.64 -16.90 -20.10
N TYR C 554 -19.73 -16.64 -20.83
CA TYR C 554 -20.92 -16.11 -20.19
C TYR C 554 -21.35 -16.99 -19.02
N TYR C 555 -21.15 -18.30 -19.14
CA TYR C 555 -21.61 -19.24 -18.14
C TYR C 555 -20.61 -19.41 -17.00
N THR C 556 -19.52 -18.67 -17.00
CA THR C 556 -18.60 -18.69 -15.87
C THR C 556 -19.04 -17.78 -14.74
N ARG C 557 -20.22 -17.17 -14.85
CA ARG C 557 -20.76 -16.34 -13.77
C ARG C 557 -21.50 -17.16 -12.72
N GLY C 558 -21.71 -18.45 -12.96
CA GLY C 558 -22.22 -19.34 -11.94
C GLY C 558 -21.18 -19.74 -10.92
N PHE C 559 -19.94 -19.31 -11.12
CA PHE C 559 -18.83 -19.60 -10.22
C PHE C 559 -18.09 -18.30 -9.93
N GLN C 560 -17.78 -18.06 -8.66
CA GLN C 560 -17.23 -16.77 -8.25
C GLN C 560 -15.85 -16.54 -8.86
N GLN C 561 -14.95 -17.51 -8.71
CA GLN C 561 -13.55 -17.27 -9.04
C GLN C 561 -13.33 -17.14 -10.54
N MET C 562 -14.15 -17.80 -11.36
CA MET C 562 -14.08 -17.61 -12.80
C MET C 562 -14.98 -16.48 -13.28
N GLY C 563 -16.09 -16.23 -12.59
CA GLY C 563 -16.91 -15.08 -12.94
C GLY C 563 -16.13 -13.78 -12.83
N ILE C 564 -15.31 -13.65 -11.79
CA ILE C 564 -14.50 -12.46 -11.64
C ILE C 564 -13.48 -12.36 -12.78
N TYR C 565 -12.92 -13.50 -13.19
CA TYR C 565 -11.96 -13.49 -14.30
C TYR C 565 -12.61 -13.01 -15.59
N ALA C 566 -13.82 -13.50 -15.87
CA ALA C 566 -14.54 -13.07 -17.06
C ALA C 566 -14.89 -11.59 -16.97
N VAL C 567 -15.23 -11.12 -15.76
CA VAL C 567 -15.52 -9.70 -15.57
C VAL C 567 -14.30 -8.85 -15.92
N MET C 568 -13.13 -9.26 -15.45
CA MET C 568 -11.92 -8.49 -15.75
C MET C 568 -11.59 -8.54 -17.23
N ILE C 569 -11.78 -9.69 -17.88
CA ILE C 569 -11.56 -9.77 -19.33
C ILE C 569 -12.44 -8.75 -20.03
N GLU C 570 -13.74 -8.74 -19.70
CA GLU C 570 -14.67 -7.79 -20.30
C GLU C 570 -14.18 -6.36 -20.10
N LYS C 571 -13.88 -5.98 -18.87
CA LYS C 571 -13.55 -4.60 -18.57
C LYS C 571 -12.26 -4.16 -19.26
N MET C 572 -11.24 -5.03 -19.26
CA MET C 572 -10.00 -4.68 -19.93
C MET C 572 -10.20 -4.52 -21.43
N ILE C 573 -10.94 -5.44 -22.05
CA ILE C 573 -11.22 -5.31 -23.48
C ILE C 573 -11.92 -3.99 -23.75
N LEU C 574 -12.87 -3.62 -22.90
CA LEU C 574 -13.62 -2.39 -23.14
C LEU C 574 -12.74 -1.16 -23.02
N ARG C 575 -11.90 -1.10 -21.97
CA ARG C 575 -11.19 0.12 -21.63
C ARG C 575 -9.78 0.18 -22.20
N ASP C 576 -8.90 -0.76 -21.81
CA ASP C 576 -7.47 -0.55 -22.02
C ASP C 576 -7.08 -0.73 -23.49
N LEU C 577 -7.63 -1.75 -24.14
CA LEU C 577 -7.16 -2.10 -25.47
C LEU C 577 -7.46 -1.00 -26.48
N CYS C 578 -8.52 -0.23 -26.29
CA CYS C 578 -8.80 0.85 -27.23
C CYS C 578 -7.65 1.86 -27.27
N ARG C 579 -7.24 2.34 -26.10
CA ARG C 579 -6.14 3.29 -26.03
C ARG C 579 -4.85 2.66 -26.53
N PHE C 580 -4.54 1.45 -26.05
CA PHE C 580 -3.29 0.82 -26.44
C PHE C 580 -3.23 0.63 -27.94
N MET C 581 -4.34 0.23 -28.56
CA MET C 581 -4.35 -0.02 -30.00
C MET C 581 -4.31 1.26 -30.80
N PHE C 582 -4.94 2.34 -30.32
CA PHE C 582 -4.78 3.61 -31.03
C PHE C 582 -3.30 4.01 -31.07
N VAL C 583 -2.63 3.99 -29.93
CA VAL C 583 -1.22 4.40 -29.90
C VAL C 583 -0.37 3.45 -30.74
N TYR C 584 -0.61 2.15 -30.57
CA TYR C 584 0.15 1.15 -31.30
C TYR C 584 0.01 1.31 -32.81
N LEU C 585 -1.21 1.55 -33.27
CA LEU C 585 -1.45 1.70 -34.70
C LEU C 585 -0.85 2.99 -35.23
N VAL C 586 -0.89 4.07 -34.44
CA VAL C 586 -0.22 5.29 -34.87
C VAL C 586 1.27 5.02 -35.13
N PHE C 587 1.93 4.39 -34.16
CA PHE C 587 3.36 4.10 -34.33
C PHE C 587 3.60 3.16 -35.50
N LEU C 588 2.82 2.09 -35.59
CA LEU C 588 3.02 1.09 -36.63
C LEU C 588 2.82 1.69 -38.01
N PHE C 589 1.76 2.48 -38.20
CA PHE C 589 1.51 3.06 -39.52
C PHE C 589 2.58 4.08 -39.87
N GLY C 590 3.01 4.91 -38.91
CA GLY C 590 4.05 5.87 -39.22
C GLY C 590 5.33 5.18 -39.71
N PHE C 591 5.78 4.18 -38.96
CA PHE C 591 7.02 3.52 -39.35
C PHE C 591 6.87 2.64 -40.58
N SER C 592 5.69 2.06 -40.81
CA SER C 592 5.47 1.27 -42.01
C SER C 592 5.46 2.16 -43.25
N THR C 593 4.82 3.33 -43.16
CA THR C 593 4.87 4.27 -44.29
C THR C 593 6.29 4.71 -44.56
N ALA C 594 7.05 5.05 -43.52
CA ALA C 594 8.44 5.44 -43.72
C ALA C 594 9.24 4.32 -44.40
N VAL C 595 9.08 3.08 -43.92
CA VAL C 595 9.86 1.98 -44.45
C VAL C 595 9.49 1.71 -45.90
N VAL C 596 8.21 1.62 -46.21
CA VAL C 596 7.81 1.31 -47.57
C VAL C 596 8.18 2.45 -48.51
N THR C 597 8.21 3.68 -48.01
CA THR C 597 8.73 4.78 -48.83
C THR C 597 10.21 4.57 -49.13
N LEU C 598 10.99 4.16 -48.14
CA LEU C 598 12.42 3.94 -48.39
C LEU C 598 12.64 2.82 -49.41
N ILE C 599 11.88 1.74 -49.30
CA ILE C 599 12.08 0.60 -50.20
C ILE C 599 11.74 0.99 -51.63
N GLU C 600 12.48 0.42 -52.58
CA GLU C 600 12.28 0.70 -54.00
C GLU C 600 11.86 -0.52 -54.81
N ASP C 601 11.96 -1.73 -54.26
CA ASP C 601 11.58 -2.95 -54.97
C ASP C 601 12.35 -3.08 -56.28
N GLY C 602 13.67 -3.13 -56.15
CA GLY C 602 14.55 -3.25 -57.31
C GLY C 602 15.95 -2.77 -57.01
N GLY C 624 13.24 -8.44 -56.35
CA GLY C 624 12.82 -8.62 -54.97
C GLY C 624 11.55 -9.43 -54.84
N ASN C 625 11.00 -9.44 -53.62
CA ASN C 625 9.77 -10.18 -53.33
C ASN C 625 8.55 -9.27 -53.26
N SER C 626 8.55 -8.18 -54.03
CA SER C 626 7.44 -7.23 -54.04
C SER C 626 7.12 -6.74 -52.63
N TYR C 627 8.17 -6.49 -51.84
CA TYR C 627 7.98 -5.98 -50.50
C TYR C 627 7.53 -4.52 -50.49
N ASN C 628 7.55 -3.85 -51.64
CA ASN C 628 7.10 -2.46 -51.74
C ASN C 628 5.57 -2.40 -51.76
N SER C 629 4.98 -2.92 -50.69
CA SER C 629 3.55 -2.90 -50.49
C SER C 629 3.27 -2.49 -49.05
N LEU C 630 2.26 -1.65 -48.85
CA LEU C 630 1.96 -1.17 -47.51
C LEU C 630 1.47 -2.30 -46.62
N TYR C 631 0.65 -3.20 -47.17
CA TYR C 631 0.14 -4.32 -46.38
C TYR C 631 1.26 -5.25 -45.96
N SER C 632 2.16 -5.58 -46.89
CA SER C 632 3.26 -6.50 -46.57
C SER C 632 4.18 -5.90 -45.52
N THR C 633 4.52 -4.62 -45.67
CA THR C 633 5.38 -3.97 -44.69
C THR C 633 4.70 -3.88 -43.33
N CYS C 634 3.41 -3.60 -43.31
CA CYS C 634 2.68 -3.55 -42.05
C CYS C 634 2.70 -4.91 -41.35
N LEU C 635 2.47 -5.98 -42.12
CA LEU C 635 2.51 -7.32 -41.53
C LEU C 635 3.91 -7.67 -41.03
N GLU C 636 4.94 -7.32 -41.80
CA GLU C 636 6.31 -7.64 -41.39
C GLU C 636 6.72 -6.87 -40.15
N LEU C 637 6.23 -5.64 -39.99
CA LEU C 637 6.53 -4.88 -38.78
C LEU C 637 5.67 -5.32 -37.61
N PHE C 638 4.47 -5.85 -37.87
CA PHE C 638 3.67 -6.40 -36.78
C PHE C 638 4.27 -7.69 -36.25
N LYS C 639 4.90 -8.49 -37.12
CA LYS C 639 5.56 -9.70 -36.64
C LYS C 639 6.61 -9.40 -35.58
N PHE C 640 7.23 -8.21 -35.64
CA PHE C 640 8.22 -7.85 -34.62
C PHE C 640 7.61 -7.89 -33.22
N THR C 641 6.32 -7.58 -33.13
CA THR C 641 5.62 -7.53 -31.85
C THR C 641 5.39 -8.89 -31.19
N ILE C 642 5.25 -9.92 -32.00
CA ILE C 642 4.95 -11.27 -31.52
C ILE C 642 6.22 -12.13 -31.50
N GLY C 643 7.38 -11.53 -31.48
CA GLY C 643 8.63 -12.27 -31.37
C GLY C 643 8.96 -13.12 -32.58
N MET C 644 8.63 -12.64 -33.78
CA MET C 644 8.93 -13.37 -35.01
C MET C 644 9.40 -12.43 -36.11
N GLY C 645 10.07 -11.33 -35.74
CA GLY C 645 10.43 -10.30 -36.68
C GLY C 645 11.84 -10.47 -37.22
N ASP C 646 11.94 -10.52 -38.54
CA ASP C 646 13.22 -10.60 -39.22
C ASP C 646 13.80 -9.21 -39.40
N LEU C 647 15.02 -8.98 -38.91
CA LEU C 647 15.60 -7.64 -39.00
C LEU C 647 15.93 -7.28 -40.44
N GLU C 648 16.40 -8.25 -41.22
CA GLU C 648 16.68 -8.04 -42.64
C GLU C 648 15.73 -8.91 -43.45
N PHE C 649 14.53 -8.37 -43.70
CA PHE C 649 13.53 -9.05 -44.51
C PHE C 649 13.50 -8.53 -45.94
N THR C 650 14.38 -7.60 -46.29
CA THR C 650 14.47 -7.09 -47.66
C THR C 650 15.82 -6.42 -47.85
N GLU C 651 16.19 -6.23 -49.11
CA GLU C 651 17.43 -5.54 -49.45
C GLU C 651 17.23 -4.56 -50.61
N ASN C 652 15.99 -4.16 -50.88
CA ASN C 652 15.69 -3.22 -51.97
C ASN C 652 15.70 -1.78 -51.48
N TYR C 653 16.78 -1.37 -50.83
CA TYR C 653 16.94 -0.02 -50.32
C TYR C 653 18.30 0.52 -50.74
N ASP C 654 18.34 1.82 -51.03
CA ASP C 654 19.60 2.45 -51.40
C ASP C 654 20.49 2.72 -50.19
N PHE C 655 19.89 2.94 -49.02
CA PHE C 655 20.61 3.30 -47.81
C PHE C 655 20.29 2.28 -46.73
N LYS C 656 21.29 1.47 -46.35
CA LYS C 656 21.08 0.45 -45.32
C LYS C 656 21.05 1.05 -43.92
N ALA C 657 21.85 2.09 -43.67
CA ALA C 657 21.88 2.69 -42.35
C ALA C 657 20.52 3.25 -41.97
N VAL C 658 19.85 3.92 -42.91
CA VAL C 658 18.52 4.46 -42.62
C VAL C 658 17.54 3.34 -42.31
N PHE C 659 17.59 2.27 -43.10
CA PHE C 659 16.67 1.15 -42.89
C PHE C 659 16.86 0.52 -41.51
N ILE C 660 18.11 0.22 -41.16
CA ILE C 660 18.36 -0.44 -39.87
C ILE C 660 18.05 0.51 -38.72
N ILE C 661 18.33 1.80 -38.88
CA ILE C 661 18.00 2.77 -37.83
C ILE C 661 16.49 2.81 -37.61
N LEU C 662 15.72 2.84 -38.70
CA LEU C 662 14.27 2.86 -38.57
C LEU C 662 13.76 1.60 -37.89
N LEU C 663 14.28 0.44 -38.27
CA LEU C 663 13.83 -0.80 -37.66
C LEU C 663 14.17 -0.85 -36.18
N LEU C 664 15.38 -0.45 -35.81
CA LEU C 664 15.76 -0.45 -34.40
C LEU C 664 14.92 0.53 -33.59
N ALA C 665 14.68 1.72 -34.14
CA ALA C 665 13.84 2.69 -33.44
C ALA C 665 12.44 2.12 -33.22
N TYR C 666 11.86 1.52 -34.25
CA TYR C 666 10.53 0.92 -34.10
C TYR C 666 10.53 -0.18 -33.05
N VAL C 667 11.55 -1.05 -33.08
CA VAL C 667 11.60 -2.17 -32.13
C VAL C 667 11.70 -1.65 -30.71
N ILE C 668 12.57 -0.67 -30.47
CA ILE C 668 12.76 -0.16 -29.12
C ILE C 668 11.51 0.58 -28.66
N LEU C 669 10.84 1.30 -29.56
CA LEU C 669 9.70 2.11 -29.16
C LEU C 669 8.44 1.28 -28.92
N THR C 670 8.24 0.20 -29.67
CA THR C 670 7.03 -0.62 -29.51
C THR C 670 7.31 -1.89 -28.70
N TYR C 671 8.25 -2.72 -29.16
CA TYR C 671 8.45 -4.02 -28.53
C TYR C 671 8.91 -3.87 -27.09
N ILE C 672 9.79 -2.91 -26.82
CA ILE C 672 10.37 -2.77 -25.48
C ILE C 672 9.59 -1.78 -24.64
N LEU C 673 9.13 -0.67 -25.21
CA LEU C 673 8.53 0.40 -24.41
C LEU C 673 7.02 0.24 -24.29
N LEU C 674 6.31 0.21 -25.42
CA LEU C 674 4.85 0.21 -25.38
C LEU C 674 4.32 -1.05 -24.71
N LEU C 675 4.87 -2.21 -25.06
CA LEU C 675 4.33 -3.47 -24.54
C LEU C 675 4.56 -3.59 -23.03
N ASN C 676 5.76 -3.23 -22.57
CA ASN C 676 6.03 -3.29 -21.13
C ASN C 676 5.20 -2.27 -20.37
N MET C 677 4.95 -1.10 -20.96
CA MET C 677 4.06 -0.13 -20.35
C MET C 677 2.65 -0.68 -20.24
N LEU C 678 2.20 -1.41 -21.27
CA LEU C 678 0.89 -2.04 -21.21
C LEU C 678 0.84 -3.08 -20.10
N ILE C 679 1.92 -3.85 -19.94
CA ILE C 679 1.99 -4.80 -18.84
C ILE C 679 1.82 -4.07 -17.51
N ALA C 680 2.55 -2.98 -17.34
CA ALA C 680 2.47 -2.22 -16.08
C ALA C 680 1.06 -1.69 -15.84
N LEU C 681 0.43 -1.17 -16.88
CA LEU C 681 -0.91 -0.61 -16.73
C LEU C 681 -1.93 -1.70 -16.42
N MET C 682 -1.78 -2.88 -17.03
CA MET C 682 -2.65 -4.00 -16.69
C MET C 682 -2.49 -4.41 -15.24
N GLY C 683 -1.24 -4.43 -14.76
CA GLY C 683 -1.03 -4.74 -13.35
C GLY C 683 -1.69 -3.73 -12.43
N GLU C 684 -1.52 -2.44 -12.73
CA GLU C 684 -2.16 -1.42 -11.91
C GLU C 684 -3.68 -1.56 -11.94
N THR C 685 -4.25 -1.81 -13.12
CA THR C 685 -5.70 -1.97 -13.20
C THR C 685 -6.17 -3.18 -12.40
N VAL C 686 -5.46 -4.27 -12.43
CA VAL C 686 -5.84 -5.47 -11.66
C VAL C 686 -5.97 -5.10 -10.17
N ASN C 687 -5.05 -4.30 -9.64
CA ASN C 687 -5.12 -3.86 -8.26
C ASN C 687 -6.22 -2.94 -7.93
N LYS C 688 -6.50 -2.03 -8.82
CA LYS C 688 -7.60 -1.16 -8.58
C LYS C 688 -8.91 -1.87 -8.54
N ILE C 689 -9.15 -2.88 -9.36
CA ILE C 689 -10.51 -3.39 -9.44
C ILE C 689 -10.60 -4.79 -8.84
N ALA C 690 -9.75 -5.08 -7.86
CA ALA C 690 -9.81 -6.38 -7.20
C ALA C 690 -11.16 -6.59 -6.51
N GLN C 691 -11.69 -5.54 -5.88
CA GLN C 691 -12.96 -5.64 -5.16
C GLN C 691 -14.17 -5.27 -6.01
N GLU C 692 -14.00 -4.35 -6.97
CA GLU C 692 -15.12 -3.94 -7.80
C GLU C 692 -15.63 -5.11 -8.66
N SER C 693 -14.71 -5.95 -9.14
CA SER C 693 -15.11 -7.08 -9.98
C SER C 693 -16.03 -8.02 -9.22
N LYS C 694 -15.82 -8.18 -7.91
CA LYS C 694 -16.70 -9.03 -7.12
C LYS C 694 -18.12 -8.47 -7.11
N ASN C 695 -18.26 -7.15 -6.93
CA ASN C 695 -19.59 -6.55 -6.94
C ASN C 695 -20.25 -6.67 -8.30
N ILE C 696 -19.48 -6.50 -9.37
CA ILE C 696 -20.05 -6.65 -10.71
C ILE C 696 -20.52 -8.08 -10.94
N TRP C 697 -19.72 -9.06 -10.50
CA TRP C 697 -20.14 -10.45 -10.63
C TRP C 697 -21.41 -10.73 -9.83
N LYS C 698 -21.50 -10.17 -8.63
CA LYS C 698 -22.71 -10.35 -7.83
C LYS C 698 -23.93 -9.77 -8.54
N LEU C 699 -23.78 -8.59 -9.14
CA LEU C 699 -24.89 -8.01 -9.89
C LEU C 699 -25.28 -8.88 -11.07
N GLN C 700 -24.28 -9.43 -11.78
CA GLN C 700 -24.57 -10.30 -12.91
C GLN C 700 -25.33 -11.55 -12.47
N ARG C 701 -24.92 -12.15 -11.36
CA ARG C 701 -25.61 -13.33 -10.86
C ARG C 701 -27.02 -12.98 -10.41
N ALA C 702 -27.21 -11.79 -9.81
CA ALA C 702 -28.55 -11.38 -9.41
C ALA C 702 -29.46 -11.23 -10.63
N ILE C 703 -28.94 -10.63 -11.70
CA ILE C 703 -29.74 -10.51 -12.93
C ILE C 703 -30.06 -11.88 -13.48
N THR C 704 -29.11 -12.82 -13.40
CA THR C 704 -29.37 -14.19 -13.83
C THR C 704 -30.49 -14.81 -13.03
N ILE C 705 -30.47 -14.62 -11.70
CA ILE C 705 -31.51 -15.18 -10.85
C ILE C 705 -32.87 -14.60 -11.21
N LEU C 706 -32.93 -13.28 -11.42
CA LEU C 706 -34.21 -12.66 -11.76
C LEU C 706 -34.72 -13.17 -13.09
N ASP C 707 -33.85 -13.27 -14.10
CA ASP C 707 -34.28 -13.77 -15.40
C ASP C 707 -34.77 -15.20 -15.31
N THR C 708 -34.05 -16.06 -14.58
CA THR C 708 -34.47 -17.44 -14.45
C THR C 708 -35.81 -17.54 -13.73
N GLU C 709 -36.00 -16.77 -12.67
CA GLU C 709 -37.27 -16.82 -11.95
C GLU C 709 -38.42 -16.34 -12.82
N LYS C 710 -38.21 -15.25 -13.57
CA LYS C 710 -39.26 -14.76 -14.45
C LYS C 710 -39.60 -15.77 -15.53
N SER C 711 -38.59 -16.42 -16.10
CA SER C 711 -38.85 -17.45 -17.11
C SER C 711 -39.60 -18.63 -16.54
N PHE C 712 -39.23 -19.07 -15.34
CA PHE C 712 -39.87 -20.22 -14.71
C PHE C 712 -41.22 -19.88 -14.09
N LEU C 713 -41.59 -18.59 -14.03
CA LEU C 713 -42.89 -18.23 -13.49
C LEU C 713 -44.03 -18.95 -14.21
N LYS C 714 -43.86 -19.21 -15.52
CA LYS C 714 -44.91 -19.90 -16.27
C LYS C 714 -45.12 -21.31 -15.73
N CYS C 715 -44.02 -22.04 -15.48
CA CYS C 715 -44.15 -23.39 -14.95
C CYS C 715 -44.77 -23.39 -13.55
N MET C 716 -44.32 -22.48 -12.70
CA MET C 716 -44.88 -22.36 -11.35
C MET C 716 -44.69 -20.91 -10.90
N ARG C 717 -45.74 -20.11 -11.03
CA ARG C 717 -45.63 -18.68 -10.74
C ARG C 717 -45.35 -18.43 -9.26
N LYS C 718 -46.16 -19.02 -8.38
CA LYS C 718 -46.07 -18.77 -6.95
C LYS C 718 -45.56 -19.97 -6.15
N ALA C 719 -45.29 -21.10 -6.81
CA ALA C 719 -44.83 -22.27 -6.08
C ALA C 719 -43.47 -22.01 -5.43
N PHE C 720 -42.57 -21.32 -6.15
CA PHE C 720 -41.23 -21.04 -5.65
C PHE C 720 -41.22 -19.61 -5.10
N ARG C 721 -41.70 -19.48 -3.86
CA ARG C 721 -41.71 -18.21 -3.15
C ARG C 721 -40.76 -18.29 -1.96
N SER C 722 -40.06 -17.19 -1.69
CA SER C 722 -39.06 -17.15 -0.64
C SER C 722 -39.72 -16.75 0.69
N GLY C 723 -39.10 -17.21 1.78
CA GLY C 723 -39.60 -16.90 3.11
C GLY C 723 -40.92 -17.59 3.42
N LYS C 724 -41.29 -17.60 4.68
CA LYS C 724 -42.51 -18.28 5.14
C LYS C 724 -43.48 -17.25 5.72
N LEU C 725 -44.77 -17.55 5.59
CA LEU C 725 -45.79 -16.68 6.15
C LEU C 725 -45.84 -16.86 7.65
N LEU C 726 -45.76 -15.76 8.39
CA LEU C 726 -45.70 -15.79 9.84
C LEU C 726 -46.51 -14.63 10.40
N GLN C 727 -46.92 -14.78 11.66
CA GLN C 727 -47.60 -13.74 12.41
C GLN C 727 -46.59 -13.00 13.28
N VAL C 728 -46.54 -11.68 13.14
CA VAL C 728 -45.56 -10.87 13.85
C VAL C 728 -46.18 -10.02 14.95
N GLY C 729 -47.51 -9.98 15.06
CA GLY C 729 -48.15 -9.17 16.07
C GLY C 729 -49.61 -8.94 15.72
N PHE C 730 -50.13 -7.80 16.19
CA PHE C 730 -51.52 -7.44 15.99
C PHE C 730 -51.60 -6.04 15.40
N THR C 731 -52.52 -5.85 14.47
CA THR C 731 -52.70 -4.57 13.83
C THR C 731 -53.30 -3.56 14.81
N PRO C 732 -53.07 -2.26 14.61
CA PRO C 732 -53.61 -1.27 15.55
C PRO C 732 -55.12 -1.33 15.69
N ASP C 733 -55.84 -1.65 14.62
CA ASP C 733 -57.29 -1.76 14.65
C ASP C 733 -57.77 -3.19 14.83
N GLY C 734 -57.29 -4.11 13.99
CA GLY C 734 -57.69 -5.51 14.08
C GLY C 734 -56.70 -6.35 14.85
N LYS C 735 -56.12 -7.34 14.18
CA LYS C 735 -55.17 -8.26 14.81
C LYS C 735 -54.59 -9.15 13.73
N ASP C 736 -53.70 -10.06 14.15
CA ASP C 736 -53.13 -11.08 13.27
C ASP C 736 -52.37 -10.44 12.10
N ASP C 737 -51.29 -9.76 12.46
CA ASP C 737 -50.39 -9.15 11.47
C ASP C 737 -49.58 -10.25 10.80
N TYR C 738 -50.06 -10.72 9.66
CA TYR C 738 -49.42 -11.81 8.92
C TYR C 738 -48.61 -11.26 7.76
N ARG C 739 -47.40 -11.76 7.59
CA ARG C 739 -46.53 -11.30 6.51
C ARG C 739 -45.53 -12.38 6.16
N TRP C 740 -44.98 -12.28 4.94
CA TRP C 740 -44.07 -13.28 4.40
C TRP C 740 -42.64 -12.92 4.84
N CYS C 741 -42.23 -13.50 5.97
CA CYS C 741 -40.97 -13.13 6.60
C CYS C 741 -39.84 -14.05 6.15
N PHE C 742 -38.61 -13.57 6.36
CA PHE C 742 -37.39 -14.29 5.99
C PHE C 742 -36.49 -14.34 7.22
N ARG C 743 -36.51 -15.47 7.94
CA ARG C 743 -35.81 -15.59 9.20
C ARG C 743 -34.30 -15.66 8.99
N VAL C 744 -33.56 -15.07 9.93
CA VAL C 744 -32.11 -15.19 9.97
C VAL C 744 -31.68 -15.19 11.44
N ASP C 745 -30.65 -15.97 11.75
CA ASP C 745 -30.13 -16.08 13.10
C ASP C 745 -28.96 -15.13 13.30
N GLU C 746 -28.61 -14.90 14.57
CA GLU C 746 -27.49 -14.04 14.90
C GLU C 746 -26.98 -14.41 16.29
N VAL C 747 -25.69 -14.19 16.50
CA VAL C 747 -25.02 -14.51 17.76
C VAL C 747 -24.19 -13.30 18.18
N ASN C 748 -24.32 -12.85 19.44
CA ASN C 748 -23.61 -11.67 19.91
C ASN C 748 -23.23 -11.71 21.39
N TRP C 749 -21.96 -11.97 21.70
CA TRP C 749 -21.50 -12.04 23.08
C TRP C 749 -21.55 -10.76 23.91
N THR C 750 -21.01 -9.69 23.35
CA THR C 750 -20.86 -8.41 24.03
C THR C 750 -22.11 -7.92 24.74
N THR C 751 -23.14 -7.55 24.02
CA THR C 751 -24.36 -7.11 24.62
C THR C 751 -24.91 -8.29 25.28
N TRP C 752 -25.45 -8.16 26.47
CA TRP C 752 -25.92 -9.36 27.12
C TRP C 752 -27.40 -9.41 27.41
N ASN C 753 -28.14 -9.76 26.35
CA ASN C 753 -29.58 -10.07 26.34
C ASN C 753 -30.55 -8.98 26.66
N THR C 754 -30.10 -7.74 26.70
CA THR C 754 -30.96 -6.69 27.18
C THR C 754 -31.92 -6.06 26.19
N ASN C 755 -33.09 -6.70 26.01
CA ASN C 755 -34.14 -6.18 25.14
C ASN C 755 -35.45 -6.89 25.46
N VAL C 756 -36.53 -6.45 24.84
CA VAL C 756 -37.86 -7.04 25.00
C VAL C 756 -38.56 -7.02 23.66
N GLY C 757 -39.69 -7.72 23.59
CA GLY C 757 -40.45 -7.82 22.36
C GLY C 757 -40.26 -9.10 21.57
N ILE C 758 -39.74 -10.15 22.18
CA ILE C 758 -39.55 -11.43 21.50
C ILE C 758 -40.93 -11.98 21.13
N ILE C 759 -41.19 -12.10 19.83
CA ILE C 759 -42.53 -12.47 19.36
C ILE C 759 -43.00 -13.76 20.01
N ASN C 760 -42.14 -14.77 20.07
CA ASN C 760 -42.52 -16.10 20.54
C ASN C 760 -41.95 -16.35 21.93
N GLU C 761 -42.76 -16.98 22.79
CA GLU C 761 -42.34 -17.25 24.16
C GLU C 761 -41.17 -18.22 24.22
N ASP C 762 -41.20 -19.28 23.41
CA ASP C 762 -40.22 -20.35 23.49
C ASP C 762 -39.34 -20.37 22.26
N PRO C 763 -38.01 -20.45 22.40
CA PRO C 763 -37.14 -20.49 21.21
C PRO C 763 -37.41 -21.71 20.32
N ARG D 114 26.57 -23.21 61.71
CA ARG D 114 26.41 -22.59 60.40
C ARG D 114 25.00 -22.81 59.86
N ARG D 115 24.54 -24.06 59.90
CA ARG D 115 23.21 -24.37 59.40
C ARG D 115 22.14 -23.62 60.19
N SER D 116 22.26 -23.60 61.52
CA SER D 116 21.28 -22.89 62.33
C SER D 116 21.30 -21.39 62.04
N ILE D 117 22.50 -20.81 61.87
CA ILE D 117 22.59 -19.39 61.57
C ILE D 117 21.94 -19.09 60.23
N PHE D 118 22.21 -19.93 59.22
CA PHE D 118 21.60 -19.72 57.91
C PHE D 118 20.08 -19.85 57.98
N ASP D 119 19.59 -20.84 58.73
CA ASP D 119 18.15 -21.01 58.87
C ASP D 119 17.52 -19.79 59.55
N ALA D 120 18.15 -19.28 60.59
CA ALA D 120 17.63 -18.10 61.28
C ALA D 120 17.64 -16.89 60.36
N VAL D 121 18.71 -16.72 59.57
CA VAL D 121 18.78 -15.60 58.64
C VAL D 121 17.67 -15.70 57.60
N ALA D 122 17.45 -16.90 57.05
CA ALA D 122 16.39 -17.07 56.07
C ALA D 122 15.02 -16.81 56.69
N GLN D 123 14.79 -17.29 57.91
CA GLN D 123 13.51 -17.09 58.58
C GLN D 123 13.31 -15.65 59.04
N SER D 124 14.33 -14.81 58.98
CA SER D 124 14.23 -13.41 59.39
C SER D 124 13.87 -13.29 60.87
N ASN D 125 14.33 -14.23 61.68
CA ASN D 125 14.10 -14.24 63.12
C ASN D 125 15.43 -14.02 63.83
N CYS D 126 15.49 -12.97 64.66
CA CYS D 126 16.71 -12.63 65.39
C CYS D 126 16.77 -13.25 66.78
N GLN D 127 15.72 -13.97 67.20
CA GLN D 127 15.74 -14.59 68.52
C GLN D 127 16.84 -15.64 68.62
N GLU D 128 16.90 -16.55 67.65
CA GLU D 128 17.94 -17.58 67.67
C GLU D 128 19.33 -16.96 67.55
N LEU D 129 19.48 -15.97 66.67
CA LEU D 129 20.77 -15.30 66.54
C LEU D 129 21.15 -14.60 67.82
N GLU D 130 20.20 -13.94 68.48
CA GLU D 130 20.49 -13.28 69.75
C GLU D 130 20.92 -14.28 70.80
N SER D 131 20.24 -15.43 70.87
CA SER D 131 20.61 -16.45 71.83
C SER D 131 22.00 -17.02 71.54
N LEU D 132 22.33 -17.21 70.27
CA LEU D 132 23.60 -17.82 69.90
C LEU D 132 24.76 -16.84 69.97
N LEU D 133 24.50 -15.53 69.92
CA LEU D 133 25.60 -14.55 69.94
C LEU D 133 26.47 -14.69 71.18
N PRO D 134 25.92 -14.73 72.40
CA PRO D 134 26.79 -14.94 73.57
C PRO D 134 27.58 -16.23 73.50
N PHE D 135 26.98 -17.30 72.96
CA PHE D 135 27.72 -18.56 72.82
C PHE D 135 28.91 -18.39 71.89
N LEU D 136 28.71 -17.71 70.77
CA LEU D 136 29.82 -17.45 69.86
C LEU D 136 30.89 -16.59 70.52
N GLN D 137 30.47 -15.58 71.29
CA GLN D 137 31.44 -14.74 71.98
C GLN D 137 32.28 -15.55 72.97
N ARG D 138 31.63 -16.44 73.73
CA ARG D 138 32.36 -17.29 74.66
C ARG D 138 33.30 -18.24 73.91
N SER D 139 32.83 -18.83 72.81
CA SER D 139 33.62 -19.77 72.04
C SER D 139 34.64 -19.02 71.16
N GLU D 152 32.53 -24.25 49.23
CA GLU D 152 32.76 -24.15 47.78
C GLU D 152 32.30 -22.79 47.27
N THR D 153 31.16 -22.31 47.79
CA THR D 153 30.63 -21.02 47.35
C THR D 153 31.33 -19.86 48.05
N GLY D 154 31.33 -19.88 49.39
CA GLY D 154 31.96 -18.82 50.16
C GLY D 154 31.04 -17.71 50.60
N LYS D 155 29.73 -17.89 50.49
CA LYS D 155 28.79 -16.84 50.90
C LYS D 155 28.90 -16.59 52.39
N THR D 156 28.92 -15.32 52.77
CA THR D 156 29.01 -14.91 54.16
C THR D 156 27.60 -14.70 54.74
N CYS D 157 27.54 -14.55 56.06
CA CYS D 157 26.27 -14.35 56.73
C CYS D 157 25.59 -13.09 56.26
N LEU D 158 26.34 -12.00 56.10
CA LEU D 158 25.76 -10.75 55.62
C LEU D 158 25.22 -10.91 54.21
N LEU D 159 25.97 -11.58 53.34
CA LEU D 159 25.50 -11.80 51.97
C LEU D 159 24.24 -12.64 51.96
N LYS D 160 24.19 -13.70 52.78
CA LYS D 160 23.01 -14.54 52.84
C LYS D 160 21.80 -13.75 53.33
N ALA D 161 22.00 -12.93 54.36
CA ALA D 161 20.90 -12.11 54.86
C ALA D 161 20.41 -11.13 53.81
N MET D 162 21.33 -10.50 53.08
CA MET D 162 20.94 -9.56 52.05
C MET D 162 20.17 -10.25 50.93
N LEU D 163 20.63 -11.43 50.52
CA LEU D 163 19.94 -12.17 49.46
C LEU D 163 18.55 -12.61 49.91
N ASN D 164 18.42 -13.10 51.13
CA ASN D 164 17.14 -13.58 51.66
C ASN D 164 16.41 -12.47 52.42
N LEU D 165 16.11 -11.40 51.70
CA LEU D 165 15.41 -10.24 52.25
C LEU D 165 14.16 -9.97 51.41
N HIS D 166 13.04 -9.75 52.09
CA HIS D 166 11.77 -9.48 51.43
C HIS D 166 11.20 -8.19 51.99
N ASN D 167 10.98 -7.20 51.12
CA ASN D 167 10.41 -5.92 51.51
C ASN D 167 11.21 -5.30 52.66
N GLY D 168 12.54 -5.42 52.60
CA GLY D 168 13.39 -4.88 53.64
C GLY D 168 13.13 -5.49 54.99
N GLN D 169 12.79 -6.78 55.04
CA GLN D 169 12.50 -7.48 56.28
C GLN D 169 13.73 -8.09 56.92
N ASN D 170 14.91 -7.96 56.29
CA ASN D 170 16.14 -8.52 56.83
C ASN D 170 16.68 -7.56 57.88
N ASP D 171 16.41 -7.87 59.16
CA ASP D 171 16.88 -7.04 60.26
C ASP D 171 18.15 -7.57 60.92
N THR D 172 18.50 -8.83 60.69
CA THR D 172 19.70 -9.40 61.29
C THR D 172 20.97 -8.82 60.71
N ILE D 173 20.90 -8.09 59.60
CA ILE D 173 22.11 -7.55 58.97
C ILE D 173 22.79 -6.56 59.91
N ALA D 174 22.01 -5.65 60.51
CA ALA D 174 22.59 -4.66 61.41
C ALA D 174 23.22 -5.33 62.63
N LEU D 175 22.53 -6.29 63.22
CA LEU D 175 23.07 -6.98 64.40
C LEU D 175 24.35 -7.72 64.04
N LEU D 176 24.37 -8.40 62.89
CA LEU D 176 25.56 -9.12 62.46
C LEU D 176 26.73 -8.16 62.25
N LEU D 177 26.47 -7.02 61.61
CA LEU D 177 27.53 -6.04 61.39
C LEU D 177 28.05 -5.50 62.71
N ASP D 178 27.15 -5.21 63.65
CA ASP D 178 27.59 -4.72 64.96
C ASP D 178 28.43 -5.75 65.68
N VAL D 179 28.01 -7.02 65.63
CA VAL D 179 28.79 -8.08 66.29
C VAL D 179 30.16 -8.21 65.64
N ALA D 180 30.21 -8.16 64.31
CA ALA D 180 31.50 -8.26 63.62
C ALA D 180 32.41 -7.11 63.99
N ARG D 181 31.86 -5.89 64.07
CA ARG D 181 32.66 -4.75 64.49
C ARG D 181 33.16 -4.93 65.92
N LYS D 182 32.31 -5.42 66.81
CA LYS D 182 32.71 -5.62 68.20
C LYS D 182 33.77 -6.72 68.32
N THR D 183 33.79 -7.66 67.39
CA THR D 183 34.76 -8.75 67.43
C THR D 183 35.96 -8.44 66.52
N GLN D 188 36.42 -6.35 58.71
CA GLN D 188 37.00 -7.26 57.73
C GLN D 188 35.92 -8.14 57.10
N PHE D 189 34.79 -8.28 57.79
CA PHE D 189 33.70 -9.11 57.30
C PHE D 189 32.85 -8.41 56.25
N VAL D 190 32.85 -7.08 56.22
CA VAL D 190 32.05 -6.35 55.25
C VAL D 190 32.57 -6.61 53.83
N ASN D 191 33.88 -6.75 53.67
CA ASN D 191 34.48 -6.95 52.36
C ASN D 191 34.46 -8.40 51.91
N ALA D 192 33.95 -9.31 52.73
CA ALA D 192 33.88 -10.72 52.33
C ALA D 192 33.07 -10.86 51.04
N SER D 193 33.60 -11.64 50.11
CA SER D 193 33.00 -11.79 48.80
C SER D 193 33.03 -13.26 48.39
N TYR D 194 32.07 -13.64 47.54
CA TYR D 194 32.03 -15.01 47.04
C TYR D 194 33.30 -15.32 46.26
N THR D 195 33.90 -16.48 46.55
CA THR D 195 35.14 -16.90 45.91
C THR D 195 34.92 -17.77 44.69
N ASP D 196 33.69 -18.14 44.38
CA ASP D 196 33.43 -18.98 43.22
C ASP D 196 33.75 -18.23 41.94
N SER D 197 34.35 -18.94 40.97
CA SER D 197 34.68 -18.30 39.71
C SER D 197 33.45 -17.76 39.01
N TYR D 198 32.30 -18.41 39.17
CA TYR D 198 31.07 -17.93 38.55
C TYR D 198 30.63 -16.60 39.16
N TYR D 199 30.78 -16.45 40.48
CA TYR D 199 30.32 -15.26 41.19
C TYR D 199 31.47 -14.53 41.88
N LYS D 200 32.70 -14.71 41.39
CA LYS D 200 33.85 -14.10 42.04
C LYS D 200 33.69 -12.58 42.09
N GLY D 201 34.00 -12.01 43.26
CA GLY D 201 34.03 -10.58 43.45
C GLY D 201 32.76 -9.97 44.01
N GLN D 202 31.64 -10.67 43.94
CA GLN D 202 30.39 -10.12 44.46
C GLN D 202 30.50 -9.88 45.95
N THR D 203 29.98 -8.74 46.40
CA THR D 203 30.01 -8.35 47.81
C THR D 203 28.61 -7.87 48.21
N ALA D 204 28.48 -7.47 49.47
CA ALA D 204 27.19 -6.98 49.96
C ALA D 204 26.77 -5.71 49.23
N LEU D 205 27.73 -4.85 48.87
CA LEU D 205 27.39 -3.61 48.19
C LEU D 205 26.73 -3.88 46.84
N HIS D 206 27.25 -4.86 46.10
CA HIS D 206 26.64 -5.18 44.80
C HIS D 206 25.21 -5.68 44.98
N ILE D 207 24.99 -6.55 45.97
CA ILE D 207 23.64 -7.06 46.20
C ILE D 207 22.70 -5.93 46.59
N ALA D 208 23.16 -5.02 47.45
CA ALA D 208 22.32 -3.88 47.84
C ALA D 208 22.00 -3.01 46.65
N ILE D 209 22.99 -2.75 45.79
CA ILE D 209 22.78 -1.88 44.63
C ILE D 209 21.78 -2.52 43.68
N GLU D 210 21.94 -3.82 43.42
CA GLU D 210 21.02 -4.49 42.50
C GLU D 210 19.60 -4.49 43.04
N ARG D 211 19.44 -4.66 44.35
CA ARG D 211 18.12 -4.72 44.97
C ARG D 211 17.42 -3.37 44.99
N ARG D 212 18.10 -2.28 44.63
CA ARG D 212 17.51 -0.94 44.62
C ARG D 212 17.16 -0.47 46.03
N ASN D 213 18.04 -0.80 46.99
CA ASN D 213 17.87 -0.38 48.38
C ASN D 213 18.83 0.79 48.64
N MET D 214 18.29 2.01 48.60
CA MET D 214 19.12 3.18 48.89
C MET D 214 19.59 3.18 50.34
N THR D 215 18.67 2.93 51.27
CA THR D 215 19.03 2.93 52.69
C THR D 215 20.01 1.81 53.01
N LEU D 216 19.76 0.61 52.49
CA LEU D 216 20.69 -0.49 52.73
C LEU D 216 22.05 -0.23 52.11
N VAL D 217 22.06 0.35 50.90
CA VAL D 217 23.33 0.67 50.25
C VAL D 217 24.11 1.68 51.09
N THR D 218 23.43 2.72 51.57
CA THR D 218 24.11 3.72 52.40
C THR D 218 24.63 3.10 53.68
N LEU D 219 23.83 2.25 54.33
CA LEU D 219 24.27 1.62 55.57
C LEU D 219 25.49 0.74 55.33
N LEU D 220 25.47 -0.06 54.27
CA LEU D 220 26.60 -0.93 53.97
C LEU D 220 27.85 -0.12 53.65
N VAL D 221 27.70 0.97 52.87
CA VAL D 221 28.85 1.78 52.51
C VAL D 221 29.45 2.45 53.75
N GLU D 222 28.60 2.99 54.63
CA GLU D 222 29.09 3.71 55.79
C GLU D 222 29.95 2.81 56.68
N ASN D 223 29.47 1.59 56.93
CA ASN D 223 30.18 0.66 57.79
C ASN D 223 31.16 -0.19 56.98
N ALA D 229 35.14 -2.95 45.22
CA ALA D 229 35.69 -4.14 44.58
C ALA D 229 35.14 -4.29 43.17
N ALA D 230 35.46 -5.40 42.52
CA ALA D 230 35.04 -5.69 41.16
C ALA D 230 34.48 -7.10 41.08
N ALA D 231 33.34 -7.25 40.41
CA ALA D 231 32.68 -8.55 40.25
C ALA D 231 33.31 -9.24 39.05
N ASN D 232 34.41 -9.96 39.30
CA ASN D 232 35.16 -10.61 38.24
C ASN D 232 34.57 -11.95 37.82
N GLY D 233 33.50 -12.39 38.46
CA GLY D 233 32.96 -13.71 38.18
C GLY D 233 32.49 -13.85 36.74
N ASP D 234 32.47 -15.10 36.28
CA ASP D 234 32.07 -15.38 34.90
C ASP D 234 30.64 -14.92 34.61
N PHE D 235 29.80 -14.82 35.65
CA PHE D 235 28.46 -14.29 35.44
C PHE D 235 28.50 -12.85 34.96
N PHE D 236 29.53 -12.10 35.34
CA PHE D 236 29.65 -10.69 35.03
C PHE D 236 30.66 -10.41 33.93
N LYS D 237 31.12 -11.44 33.23
CA LYS D 237 32.03 -11.26 32.11
C LYS D 237 31.24 -10.94 30.83
N LYS D 238 31.96 -10.46 29.83
CA LYS D 238 31.35 -10.10 28.55
C LYS D 238 30.59 -11.27 27.96
N PRO D 243 24.06 -17.12 29.72
CA PRO D 243 23.19 -16.42 30.67
C PRO D 243 23.96 -15.54 31.65
N GLY D 244 23.87 -14.24 31.49
CA GLY D 244 24.56 -13.32 32.38
C GLY D 244 24.19 -11.89 32.07
N PHE D 245 24.66 -11.00 32.94
CA PHE D 245 24.43 -9.56 32.80
C PHE D 245 25.76 -8.84 32.92
N TYR D 246 26.05 -7.97 31.96
CA TYR D 246 27.27 -7.19 31.95
C TYR D 246 26.95 -5.73 32.19
N PHE D 247 27.60 -5.15 33.20
CA PHE D 247 27.37 -3.75 33.57
C PHE D 247 28.68 -3.05 33.92
N GLY D 248 29.81 -3.60 33.51
CA GLY D 248 31.08 -3.25 34.11
C GLY D 248 31.32 -4.12 35.33
N GLU D 249 32.40 -3.80 36.04
CA GLU D 249 32.79 -4.56 37.23
C GLU D 249 33.12 -3.61 38.36
N LEU D 250 32.25 -2.64 38.60
CA LEU D 250 32.40 -1.73 39.74
C LEU D 250 31.01 -1.37 40.24
N PRO D 251 30.87 -1.06 41.54
CA PRO D 251 29.55 -0.61 42.03
C PRO D 251 29.04 0.61 41.29
N LEU D 252 29.92 1.55 40.95
CA LEU D 252 29.49 2.75 40.24
C LEU D 252 28.91 2.39 38.88
N SER D 253 29.57 1.51 38.15
CA SER D 253 29.06 1.09 36.84
C SER D 253 27.74 0.37 36.97
N LEU D 254 27.61 -0.50 37.98
CA LEU D 254 26.37 -1.23 38.19
C LEU D 254 25.22 -0.26 38.48
N ALA D 255 25.47 0.75 39.32
CA ALA D 255 24.44 1.75 39.60
C ALA D 255 24.09 2.53 38.35
N ALA D 256 25.09 2.92 37.56
CA ALA D 256 24.84 3.72 36.38
C ALA D 256 24.02 2.96 35.34
N CYS D 257 24.30 1.67 35.16
CA CYS D 257 23.65 0.89 34.12
C CYS D 257 22.25 0.42 34.50
N THR D 258 21.78 0.72 35.72
CA THR D 258 20.55 0.13 36.23
C THR D 258 19.42 1.14 36.44
N ASN D 259 19.66 2.44 36.17
CA ASN D 259 18.67 3.50 36.40
C ASN D 259 18.59 3.95 37.86
N GLN D 260 19.59 3.65 38.67
CA GLN D 260 19.64 4.12 40.05
C GLN D 260 20.52 5.35 40.13
N LEU D 261 20.00 6.47 39.60
CA LEU D 261 20.79 7.70 39.52
C LEU D 261 21.17 8.21 40.90
N ALA D 262 20.26 8.14 41.86
CA ALA D 262 20.54 8.65 43.20
C ALA D 262 21.72 7.91 43.80
N ILE D 263 21.79 6.59 43.61
CA ILE D 263 22.92 5.83 44.13
C ILE D 263 24.21 6.22 43.42
N VAL D 264 24.14 6.51 42.12
CA VAL D 264 25.31 7.02 41.41
C VAL D 264 25.82 8.29 42.07
N LYS D 265 24.91 9.25 42.30
CA LYS D 265 25.32 10.50 42.92
C LYS D 265 25.92 10.26 44.31
N PHE D 266 25.24 9.45 45.11
CA PHE D 266 25.72 9.20 46.48
C PHE D 266 27.10 8.56 46.47
N LEU D 267 27.31 7.57 45.60
CA LEU D 267 28.62 6.94 45.51
C LEU D 267 29.68 7.94 45.06
N LEU D 268 29.34 8.79 44.10
CA LEU D 268 30.32 9.76 43.61
C LEU D 268 30.71 10.75 44.68
N GLN D 269 29.76 11.23 45.48
CA GLN D 269 30.01 12.25 46.49
C GLN D 269 29.66 11.73 47.89
N ASN D 270 29.96 10.47 48.16
CA ASN D 270 29.75 9.90 49.48
C ASN D 270 30.86 10.39 50.43
N SER D 271 30.44 10.97 51.55
CA SER D 271 31.42 11.51 52.49
C SER D 271 32.32 10.43 53.05
N TRP D 272 31.74 9.28 53.42
CA TRP D 272 32.54 8.20 54.00
C TRP D 272 33.58 7.70 53.02
N GLN D 273 33.20 7.52 51.76
CA GLN D 273 34.13 7.08 50.72
C GLN D 273 33.58 7.45 49.35
N PRO D 274 34.31 8.24 48.55
CA PRO D 274 33.83 8.52 47.18
C PRO D 274 34.39 7.54 46.16
N ALA D 275 33.52 7.17 45.23
CA ALA D 275 33.91 6.25 44.16
C ALA D 275 34.80 6.97 43.14
N ASP D 276 35.62 6.19 42.44
CA ASP D 276 36.52 6.72 41.43
C ASP D 276 35.78 6.74 40.09
N ILE D 277 35.53 7.95 39.58
CA ILE D 277 34.78 8.08 38.34
C ILE D 277 35.58 7.54 37.15
N SER D 278 36.90 7.69 37.17
CA SER D 278 37.75 7.32 36.05
C SER D 278 38.25 5.88 36.13
N ALA D 279 37.82 5.11 37.12
CA ALA D 279 38.29 3.74 37.26
C ALA D 279 37.84 2.90 36.07
N ARG D 280 38.62 1.87 35.76
CA ARG D 280 38.36 0.98 34.64
C ARG D 280 38.39 -0.47 35.11
N ASP D 281 37.51 -1.29 34.53
CA ASP D 281 37.41 -2.69 34.91
C ASP D 281 38.47 -3.50 34.16
N SER D 282 38.34 -4.82 34.20
CA SER D 282 39.35 -5.69 33.60
C SER D 282 39.52 -5.39 32.11
N VAL D 283 38.41 -5.29 31.39
CA VAL D 283 38.47 -4.99 29.96
C VAL D 283 38.86 -3.55 29.69
N GLY D 284 38.89 -2.70 30.72
CA GLY D 284 39.25 -1.31 30.57
C GLY D 284 38.08 -0.37 30.40
N ASN D 285 36.85 -0.87 30.32
CA ASN D 285 35.70 -0.01 30.18
C ASN D 285 35.49 0.83 31.44
N THR D 286 35.22 2.12 31.24
CA THR D 286 34.82 3.00 32.33
C THR D 286 33.29 2.97 32.43
N VAL D 287 32.73 3.87 33.23
CA VAL D 287 31.27 3.93 33.34
C VAL D 287 30.64 4.33 32.02
N LEU D 288 31.29 5.22 31.27
CA LEU D 288 30.77 5.64 29.98
C LEU D 288 30.84 4.49 28.97
N HIS D 289 31.95 3.75 28.95
CA HIS D 289 32.03 2.58 28.09
C HIS D 289 30.95 1.57 28.43
N ALA D 290 30.72 1.34 29.73
CA ALA D 290 29.69 0.40 30.15
C ALA D 290 28.31 0.88 29.70
N LEU D 291 28.04 2.17 29.83
CA LEU D 291 26.76 2.71 29.38
C LEU D 291 26.58 2.49 27.89
N VAL D 292 27.63 2.71 27.10
CA VAL D 292 27.55 2.47 25.66
C VAL D 292 27.27 0.99 25.39
N GLU D 293 27.95 0.10 26.11
CA GLU D 293 27.77 -1.33 25.89
C GLU D 293 26.34 -1.75 26.16
N VAL D 294 25.71 -1.16 27.17
CA VAL D 294 24.35 -1.55 27.56
C VAL D 294 23.36 -1.21 26.47
N ALA D 295 23.54 -0.06 25.80
CA ALA D 295 22.55 0.41 24.85
C ALA D 295 22.25 -0.64 23.80
N ASP D 296 20.97 -0.81 23.48
CA ASP D 296 20.51 -1.81 22.52
C ASP D 296 19.61 -1.21 21.46
N ASN D 297 19.58 0.12 21.33
CA ASN D 297 18.87 0.87 20.30
C ASN D 297 17.37 0.95 20.55
N THR D 298 16.86 0.37 21.64
CA THR D 298 15.46 0.58 22.00
C THR D 298 15.25 2.03 22.41
N VAL D 299 14.06 2.55 22.08
CA VAL D 299 13.80 3.97 22.29
C VAL D 299 13.95 4.35 23.75
N ASP D 300 13.29 3.60 24.65
CA ASP D 300 13.43 3.86 26.07
C ASP D 300 14.87 3.61 26.53
N ASN D 301 15.47 2.53 26.06
CA ASN D 301 16.86 2.24 26.41
C ASN D 301 17.78 3.35 25.93
N THR D 302 17.57 3.84 24.71
CA THR D 302 18.38 4.94 24.21
C THR D 302 18.20 6.19 25.06
N LYS D 303 16.96 6.52 25.42
CA LYS D 303 16.71 7.70 26.23
C LYS D 303 17.44 7.60 27.56
N PHE D 304 17.27 6.49 28.26
CA PHE D 304 18.09 6.20 29.44
C PHE D 304 19.57 6.39 29.21
N VAL D 305 20.15 5.66 28.26
CA VAL D 305 21.60 5.62 28.19
C VAL D 305 22.14 7.02 27.91
N THR D 306 21.48 7.76 27.01
CA THR D 306 21.92 9.13 26.74
C THR D 306 21.78 10.02 27.97
N SER D 307 20.66 9.92 28.69
CA SER D 307 20.45 10.79 29.85
C SER D 307 21.49 10.51 30.93
N MET D 308 21.72 9.23 31.24
CA MET D 308 22.71 8.89 32.27
C MET D 308 24.11 9.28 31.83
N TYR D 309 24.43 9.10 30.55
CA TYR D 309 25.71 9.53 30.02
C TYR D 309 25.91 11.02 30.27
N ASN D 310 24.90 11.82 29.95
CA ASN D 310 24.99 13.27 30.17
C ASN D 310 25.16 13.60 31.64
N GLU D 311 24.38 12.96 32.51
CA GLU D 311 24.47 13.26 33.94
C GLU D 311 25.85 12.93 34.48
N ILE D 312 26.38 11.75 34.15
CA ILE D 312 27.69 11.37 34.65
C ILE D 312 28.75 12.30 34.10
N LEU D 313 28.62 12.70 32.83
CA LEU D 313 29.58 13.61 32.25
C LEU D 313 29.60 14.94 33.00
N ILE D 314 28.42 15.49 33.28
CA ILE D 314 28.34 16.78 33.97
C ILE D 314 28.91 16.67 35.38
N LEU D 315 28.55 15.62 36.11
CA LEU D 315 29.06 15.46 37.47
C LEU D 315 30.58 15.30 37.46
N GLY D 316 31.11 14.48 36.55
CA GLY D 316 32.55 14.31 36.46
C GLY D 316 33.26 15.62 36.16
N ALA D 317 32.68 16.42 35.28
CA ALA D 317 33.27 17.73 34.99
C ALA D 317 33.24 18.62 36.23
N LYS D 318 32.14 18.61 36.97
CA LYS D 318 32.06 19.44 38.18
C LYS D 318 33.10 19.04 39.19
N LEU D 319 33.27 17.73 39.42
CA LEU D 319 34.22 17.27 40.41
C LEU D 319 35.67 17.45 39.95
N HIS D 320 35.96 17.07 38.71
CA HIS D 320 37.33 17.02 38.20
C HIS D 320 37.39 17.72 36.84
N PRO D 321 37.39 19.06 36.82
CA PRO D 321 37.42 19.77 35.54
C PRO D 321 38.63 19.43 34.67
N THR D 322 39.80 19.21 35.29
CA THR D 322 41.01 18.99 34.51
C THR D 322 40.91 17.71 33.68
N LEU D 323 40.38 16.64 34.26
CA LEU D 323 40.35 15.36 33.58
C LEU D 323 39.40 15.39 32.39
N LYS D 324 39.83 14.80 31.28
CA LYS D 324 39.02 14.63 30.07
C LYS D 324 38.51 13.20 30.07
N LEU D 325 37.24 13.03 30.47
CA LEU D 325 36.72 11.68 30.66
C LEU D 325 36.55 10.94 29.34
N GLU D 326 36.00 11.61 28.32
CA GLU D 326 35.73 10.93 27.06
C GLU D 326 37.00 10.47 26.36
N GLU D 327 38.13 11.12 26.60
CA GLU D 327 39.36 10.74 25.92
C GLU D 327 39.86 9.35 26.32
N ILE D 328 39.44 8.84 27.49
CA ILE D 328 39.93 7.56 27.95
C ILE D 328 39.50 6.46 26.99
N THR D 329 40.30 5.40 26.92
CA THR D 329 40.04 4.27 26.04
C THR D 329 40.11 2.98 26.84
N ASN D 330 39.44 1.95 26.32
CA ASN D 330 39.48 0.62 26.90
C ASN D 330 40.70 -0.12 26.36
N ARG D 331 40.80 -1.43 26.65
CA ARG D 331 41.95 -2.20 26.22
C ARG D 331 42.05 -2.25 24.70
N LYS D 332 40.92 -2.43 24.01
CA LYS D 332 40.94 -2.49 22.56
C LYS D 332 41.41 -1.17 21.94
N GLY D 333 41.27 -0.06 22.66
CA GLY D 333 41.71 1.23 22.17
C GLY D 333 40.62 2.14 21.68
N LEU D 334 39.35 1.81 21.92
CA LEU D 334 38.24 2.62 21.47
C LEU D 334 37.73 3.54 22.57
N THR D 335 37.27 4.72 22.18
CA THR D 335 36.62 5.65 23.09
C THR D 335 35.12 5.41 23.10
N PRO D 336 34.39 6.02 24.04
CA PRO D 336 32.93 5.84 24.03
C PRO D 336 32.29 6.23 22.70
N LEU D 337 32.76 7.31 22.07
CA LEU D 337 32.23 7.69 20.77
C LEU D 337 32.63 6.68 19.70
N ALA D 338 33.92 6.31 19.67
CA ALA D 338 34.38 5.32 18.71
C ALA D 338 33.71 3.97 18.97
N LEU D 339 33.55 3.61 20.24
CA LEU D 339 32.89 2.34 20.56
C LEU D 339 31.43 2.36 20.10
N ALA D 340 30.73 3.47 20.31
CA ALA D 340 29.36 3.57 19.85
C ALA D 340 29.27 3.46 18.33
N ALA D 341 30.18 4.14 17.63
CA ALA D 341 30.18 4.06 16.17
C ALA D 341 30.47 2.64 15.69
N SER D 342 31.41 1.97 16.35
CA SER D 342 31.80 0.62 15.92
C SER D 342 30.69 -0.39 16.19
N SER D 343 30.03 -0.30 17.35
CA SER D 343 29.05 -1.30 17.74
C SER D 343 27.70 -1.11 17.08
N GLY D 344 27.50 -0.03 16.34
CA GLY D 344 26.22 0.20 15.68
C GLY D 344 25.19 0.91 16.50
N LYS D 345 25.54 1.39 17.69
CA LYS D 345 24.59 2.11 18.52
C LYS D 345 24.30 3.49 17.91
N ILE D 346 23.27 3.57 17.09
CA ILE D 346 22.98 4.81 16.38
C ILE D 346 22.49 5.89 17.35
N GLY D 347 21.70 5.50 18.35
CA GLY D 347 21.17 6.50 19.26
C GLY D 347 22.25 7.21 20.06
N VAL D 348 23.18 6.44 20.62
CA VAL D 348 24.26 7.04 21.40
C VAL D 348 25.15 7.90 20.51
N LEU D 349 25.43 7.43 19.28
CA LEU D 349 26.23 8.21 18.35
C LEU D 349 25.53 9.53 18.03
N ALA D 350 24.24 9.49 17.75
CA ALA D 350 23.51 10.70 17.42
C ALA D 350 23.50 11.67 18.60
N TYR D 351 23.35 11.15 19.81
CA TYR D 351 23.41 12.01 20.99
C TYR D 351 24.78 12.67 21.11
N ILE D 352 25.84 11.86 21.04
CA ILE D 352 27.18 12.39 21.29
C ILE D 352 27.57 13.41 20.23
N LEU D 353 27.29 13.10 18.96
CA LEU D 353 27.81 13.93 17.87
C LEU D 353 27.26 15.35 17.96
N GLN D 354 25.97 15.50 18.26
CA GLN D 354 25.30 16.79 18.32
C GLN D 354 24.70 16.95 19.72
N ARG D 355 25.50 17.44 20.65
CA ARG D 355 25.05 17.70 22.01
C ARG D 355 25.57 19.07 22.45
N GLU D 356 24.68 19.84 23.08
CA GLU D 356 25.01 21.16 23.58
C GLU D 356 24.55 21.27 25.03
N ILE D 357 25.45 21.67 25.91
CA ILE D 357 25.14 21.92 27.31
C ILE D 357 25.18 23.43 27.51
N HIS D 358 24.01 24.04 27.69
CA HIS D 358 23.92 25.49 27.79
C HIS D 358 24.41 26.04 29.13
N GLU D 359 24.59 25.18 30.13
CA GLU D 359 25.00 25.64 31.44
C GLU D 359 26.36 26.33 31.35
N PRO D 360 26.49 27.59 31.78
CA PRO D 360 27.81 28.23 31.74
C PRO D 360 28.85 27.51 32.58
N GLU D 361 28.43 26.80 33.63
CA GLU D 361 29.39 26.10 34.48
C GLU D 361 30.16 25.05 33.69
N CYS D 362 29.46 24.27 32.87
CA CYS D 362 30.06 23.23 32.04
C CYS D 362 29.51 23.39 30.62
N ARG D 363 30.16 24.25 29.83
CA ARG D 363 29.79 24.48 28.45
C ARG D 363 30.76 23.86 27.45
N HIS D 364 32.04 23.74 27.83
CA HIS D 364 33.02 23.13 26.94
C HIS D 364 32.70 21.66 26.67
N LEU D 365 31.83 21.05 27.46
CA LEU D 365 31.41 19.68 27.22
C LEU D 365 30.32 19.62 26.16
N SER D 366 30.55 20.29 25.04
CA SER D 366 29.56 20.36 23.97
C SER D 366 30.27 20.27 22.63
N ARG D 367 29.52 19.83 21.63
CA ARG D 367 30.06 19.67 20.28
C ARG D 367 29.33 20.50 19.23
N LYS D 368 28.09 20.89 19.48
CA LYS D 368 27.31 21.69 18.53
C LYS D 368 27.02 23.03 19.18
N PHE D 369 27.61 24.10 18.64
CA PHE D 369 27.44 25.45 19.15
C PHE D 369 26.47 26.21 18.26
N THR D 370 26.34 27.51 18.51
CA THR D 370 25.48 28.39 17.71
C THR D 370 26.27 29.64 17.37
N GLU D 371 26.78 29.70 16.13
CA GLU D 371 27.63 30.81 15.74
C GLU D 371 26.89 32.14 15.85
N TRP D 372 25.66 32.20 15.37
CA TRP D 372 24.88 33.43 15.48
C TRP D 372 23.43 33.17 15.11
N ALA D 373 22.61 34.19 15.32
CA ALA D 373 21.19 34.14 15.00
C ALA D 373 20.66 35.58 14.98
N TYR D 374 19.88 35.92 13.97
CA TYR D 374 19.30 37.26 13.84
C TYR D 374 17.78 37.25 13.98
N GLY D 375 17.08 36.49 13.15
CA GLY D 375 15.65 36.38 13.23
C GLY D 375 15.21 34.93 13.37
N PRO D 376 14.52 34.41 12.36
CA PRO D 376 14.32 32.94 12.28
C PRO D 376 15.49 32.21 11.66
N VAL D 377 16.62 32.87 11.45
CA VAL D 377 17.80 32.30 10.79
C VAL D 377 18.93 32.23 11.82
N HIS D 378 19.62 31.10 11.88
CA HIS D 378 20.75 30.96 12.77
C HIS D 378 21.75 29.97 12.21
N SER D 379 23.03 30.29 12.39
CA SER D 379 24.12 29.44 11.93
C SER D 379 24.83 28.84 13.13
N SER D 380 25.06 27.53 13.09
CA SER D 380 25.65 26.75 14.16
C SER D 380 26.91 26.05 13.66
N LEU D 381 27.64 25.46 14.61
CA LEU D 381 28.90 24.78 14.33
C LEU D 381 28.87 23.38 14.92
N TYR D 382 29.71 22.51 14.39
CA TYR D 382 29.90 21.16 14.90
C TYR D 382 31.38 20.90 15.11
N ASP D 383 31.71 20.07 16.10
CA ASP D 383 33.08 19.99 16.58
C ASP D 383 34.01 19.34 15.56
N LEU D 384 33.61 18.20 14.99
CA LEU D 384 34.45 17.46 14.05
C LEU D 384 35.82 17.13 14.66
N SER D 385 35.89 16.93 15.97
CA SER D 385 37.16 16.66 16.62
C SER D 385 37.80 15.39 16.08
N CYS D 386 37.16 14.26 16.30
CA CYS D 386 37.61 12.96 15.79
C CYS D 386 36.57 12.34 14.88
N ILE D 387 35.87 13.19 14.12
CA ILE D 387 34.95 12.69 13.10
C ILE D 387 35.63 12.64 11.74
N ASP D 388 36.56 13.56 11.47
CA ASP D 388 37.25 13.64 10.20
C ASP D 388 38.61 12.96 10.24
N THR D 389 39.47 13.35 11.18
CA THR D 389 40.79 12.75 11.34
C THR D 389 41.06 12.57 12.83
N CYS D 390 41.32 11.33 13.24
CA CYS D 390 41.67 11.01 14.62
C CYS D 390 42.91 10.13 14.62
N GLU D 391 43.70 10.25 15.69
CA GLU D 391 44.95 9.50 15.77
C GLU D 391 44.70 8.00 15.72
N LYS D 392 43.74 7.52 16.52
CA LYS D 392 43.46 6.09 16.58
C LYS D 392 42.55 5.64 15.43
N ASN D 393 41.33 6.17 15.39
CA ASN D 393 40.38 5.80 14.34
C ASN D 393 39.24 6.80 14.36
N SER D 394 39.00 7.47 13.22
CA SER D 394 37.91 8.42 13.13
C SER D 394 36.57 7.68 13.04
N VAL D 395 35.49 8.42 13.30
CA VAL D 395 34.17 7.82 13.27
C VAL D 395 33.77 7.44 11.85
N LEU D 396 34.15 8.27 10.87
CA LEU D 396 33.78 7.99 9.49
C LEU D 396 34.35 6.66 9.01
N GLU D 397 35.64 6.43 9.26
CA GLU D 397 36.26 5.20 8.78
C GLU D 397 35.83 4.00 9.59
N VAL D 398 35.49 4.20 10.87
CA VAL D 398 34.97 3.10 11.68
C VAL D 398 33.59 2.68 11.17
N ILE D 399 32.75 3.64 10.79
CA ILE D 399 31.43 3.31 10.26
C ILE D 399 31.57 2.65 8.89
N ALA D 400 32.38 3.24 8.01
CA ALA D 400 32.43 2.78 6.63
C ALA D 400 33.13 1.42 6.51
N TYR D 401 34.23 1.23 7.23
CA TYR D 401 35.03 0.02 7.11
C TYR D 401 34.54 -1.10 8.02
N SER D 402 33.33 -1.00 8.56
CA SER D 402 32.79 -2.07 9.40
C SER D 402 32.46 -3.28 8.54
N SER D 403 32.58 -4.46 9.14
CA SER D 403 32.45 -5.73 8.42
C SER D 403 31.00 -6.16 8.24
N SER D 404 30.04 -5.24 8.36
CA SER D 404 28.63 -5.51 8.10
C SER D 404 28.00 -6.35 9.22
N GLU D 405 28.81 -6.83 10.16
CA GLU D 405 28.25 -7.39 11.38
C GLU D 405 27.60 -6.31 12.23
N THR D 406 28.06 -5.07 12.08
CA THR D 406 27.42 -3.95 12.75
C THR D 406 25.99 -3.82 12.25
N PRO D 407 25.00 -3.66 13.14
CA PRO D 407 23.60 -3.71 12.71
C PRO D 407 23.24 -2.78 11.56
N ASN D 408 23.51 -1.48 11.69
CA ASN D 408 22.91 -0.46 10.84
C ASN D 408 23.97 0.53 10.33
N ARG D 409 25.04 0.00 9.75
CA ARG D 409 26.03 0.86 9.10
C ARG D 409 25.36 1.83 8.12
N HIS D 410 24.38 1.34 7.37
CA HIS D 410 23.80 2.15 6.29
C HIS D 410 23.15 3.41 6.84
N ASP D 411 22.46 3.30 7.98
CA ASP D 411 21.75 4.44 8.55
C ASP D 411 22.61 5.27 9.50
N MET D 412 23.85 4.85 9.76
CA MET D 412 24.71 5.58 10.69
C MET D 412 25.35 6.81 10.06
N LEU D 413 25.26 6.97 8.74
CA LEU D 413 25.82 8.13 8.06
C LEU D 413 24.79 9.23 7.84
N LEU D 414 23.55 9.02 8.27
CA LEU D 414 22.51 10.04 8.15
C LEU D 414 22.53 11.05 9.28
N VAL D 415 23.41 10.87 10.28
CA VAL D 415 23.45 11.79 11.39
C VAL D 415 23.84 13.19 10.88
N GLU D 416 23.55 14.20 11.71
CA GLU D 416 23.57 15.58 11.23
C GLU D 416 24.88 15.99 10.59
N PRO D 417 26.04 15.79 11.22
CA PRO D 417 27.29 16.31 10.63
C PRO D 417 27.81 15.47 9.47
N LEU D 418 27.60 14.15 9.54
CA LEU D 418 28.34 13.23 8.67
C LEU D 418 27.91 13.34 7.22
N ASN D 419 26.60 13.41 6.96
CA ASN D 419 26.13 13.47 5.58
C ASN D 419 26.63 14.74 4.90
N ARG D 420 26.52 15.88 5.59
CA ARG D 420 26.99 17.13 5.01
C ARG D 420 28.50 17.12 4.86
N LEU D 421 29.22 16.51 5.79
CA LEU D 421 30.68 16.43 5.67
C LEU D 421 31.08 15.62 4.44
N LEU D 422 30.41 14.47 4.22
CA LEU D 422 30.72 13.65 3.06
C LEU D 422 30.37 14.38 1.77
N GLN D 423 29.24 15.08 1.74
CA GLN D 423 28.88 15.83 0.53
C GLN D 423 29.88 16.95 0.27
N ASP D 424 30.36 17.60 1.33
CA ASP D 424 31.39 18.62 1.16
C ASP D 424 32.66 18.03 0.57
N LYS D 425 33.09 16.88 1.10
CA LYS D 425 34.28 16.24 0.55
C LYS D 425 34.10 15.86 -0.92
N TRP D 426 32.92 15.33 -1.25
CA TRP D 426 32.65 14.97 -2.65
C TRP D 426 32.73 16.18 -3.55
N ASP D 427 32.00 17.25 -3.19
CA ASP D 427 31.94 18.42 -4.07
C ASP D 427 33.29 19.13 -4.16
N ARG D 428 34.10 19.09 -3.10
CA ARG D 428 35.29 19.94 -3.08
C ARG D 428 36.41 19.37 -3.95
N PHE D 429 36.87 18.15 -3.67
CA PHE D 429 38.08 17.65 -4.32
C PHE D 429 38.02 16.20 -4.78
N VAL D 430 36.94 15.46 -4.54
CA VAL D 430 36.94 14.03 -4.84
C VAL D 430 36.27 13.76 -6.17
N LYS D 431 35.32 14.62 -6.56
CA LYS D 431 34.58 14.40 -7.79
C LYS D 431 35.49 14.42 -9.00
N ARG D 432 36.42 15.38 -9.06
CA ARG D 432 37.31 15.48 -10.21
C ARG D 432 38.22 14.26 -10.30
N ILE D 433 38.75 13.79 -9.17
CA ILE D 433 39.62 12.63 -9.19
C ILE D 433 38.84 11.39 -9.60
N PHE D 434 37.60 11.26 -9.13
CA PHE D 434 36.78 10.13 -9.54
C PHE D 434 36.55 10.13 -11.05
N TYR D 435 36.24 11.31 -11.61
CA TYR D 435 36.01 11.39 -13.06
C TYR D 435 37.29 11.11 -13.84
N PHE D 436 38.44 11.58 -13.34
CA PHE D 436 39.69 11.28 -14.00
C PHE D 436 39.98 9.78 -14.00
N ASN D 437 39.71 9.12 -12.87
CA ASN D 437 39.88 7.67 -12.81
C ASN D 437 38.96 6.97 -13.80
N PHE D 438 37.71 7.42 -13.89
CA PHE D 438 36.78 6.83 -14.86
C PHE D 438 37.30 7.00 -16.28
N PHE D 439 37.80 8.19 -16.61
CA PHE D 439 38.33 8.43 -17.95
C PHE D 439 39.52 7.54 -18.25
N VAL D 440 40.43 7.38 -17.29
CA VAL D 440 41.60 6.55 -17.52
C VAL D 440 41.21 5.10 -17.69
N TYR D 441 40.22 4.62 -16.93
CA TYR D 441 39.74 3.25 -17.12
C TYR D 441 39.11 3.08 -18.49
N CYS D 442 38.37 4.09 -18.96
CA CYS D 442 37.80 4.02 -20.30
C CYS D 442 38.90 3.89 -21.35
N LEU D 443 39.97 4.69 -21.21
CA LEU D 443 41.08 4.59 -22.15
C LEU D 443 41.72 3.21 -22.10
N TYR D 444 41.93 2.67 -20.90
CA TYR D 444 42.53 1.35 -20.76
C TYR D 444 41.67 0.30 -21.44
N MET D 445 40.35 0.37 -21.25
CA MET D 445 39.47 -0.63 -21.84
C MET D 445 39.44 -0.50 -23.36
N ILE D 446 39.47 0.72 -23.89
CA ILE D 446 39.49 0.89 -25.34
C ILE D 446 40.79 0.32 -25.93
N ILE D 447 41.92 0.59 -25.28
CA ILE D 447 43.19 0.03 -25.76
C ILE D 447 43.16 -1.48 -25.71
N PHE D 448 42.63 -2.04 -24.62
CA PHE D 448 42.56 -3.49 -24.49
C PHE D 448 41.68 -4.09 -25.59
N THR D 449 40.52 -3.48 -25.85
CA THR D 449 39.63 -3.98 -26.88
C THR D 449 40.30 -3.92 -28.25
N ALA D 450 40.96 -2.81 -28.56
CA ALA D 450 41.60 -2.67 -29.86
C ALA D 450 42.74 -3.67 -30.03
N ALA D 451 43.52 -3.91 -28.99
CA ALA D 451 44.65 -4.82 -29.10
C ALA D 451 44.20 -6.28 -29.13
N ALA D 452 43.11 -6.61 -28.45
CA ALA D 452 42.60 -7.99 -28.49
C ALA D 452 41.87 -8.27 -29.80
N TYR D 453 41.25 -7.26 -30.40
CA TYR D 453 40.54 -7.47 -31.66
C TYR D 453 41.50 -7.89 -32.77
N TYR D 454 42.68 -7.26 -32.82
CA TYR D 454 43.64 -7.49 -33.88
C TYR D 454 44.73 -8.49 -33.49
N ARG D 455 44.38 -9.47 -32.67
CA ARG D 455 45.37 -10.46 -32.26
C ARG D 455 45.83 -11.28 -33.47
N PRO D 456 47.10 -11.70 -33.49
CA PRO D 456 47.54 -12.60 -34.56
C PRO D 456 46.75 -13.90 -34.56
N VAL D 457 46.43 -14.38 -35.75
CA VAL D 457 45.58 -15.54 -35.91
C VAL D 457 46.32 -16.74 -36.50
N GLU D 458 47.39 -16.52 -37.26
CA GLU D 458 48.12 -17.59 -37.92
C GLU D 458 49.39 -17.90 -37.13
N GLY D 459 49.54 -19.15 -36.73
CA GLY D 459 50.71 -19.62 -36.02
C GLY D 459 50.38 -20.07 -34.61
N LEU D 460 51.42 -20.08 -33.77
CA LEU D 460 51.33 -20.50 -32.39
C LEU D 460 52.08 -19.48 -31.55
N PRO D 461 51.56 -19.10 -30.38
CA PRO D 461 52.24 -18.10 -29.56
C PRO D 461 53.53 -18.65 -28.98
N PRO D 462 54.50 -17.79 -28.64
CA PRO D 462 54.47 -16.34 -28.82
C PRO D 462 54.62 -15.93 -30.28
N TYR D 463 54.18 -14.73 -30.62
CA TYR D 463 54.20 -14.24 -32.00
C TYR D 463 55.35 -13.26 -32.17
N LYS D 464 56.25 -13.56 -33.09
CA LYS D 464 57.41 -12.72 -33.30
C LYS D 464 56.99 -11.35 -33.81
N LEU D 465 57.73 -10.33 -33.40
CA LEU D 465 57.43 -8.96 -33.78
C LEU D 465 57.75 -8.73 -35.26
N LYS D 466 57.10 -7.72 -35.83
CA LYS D 466 57.31 -7.34 -37.21
C LYS D 466 57.61 -5.84 -37.27
N ASN D 467 58.38 -5.46 -38.29
CA ASN D 467 58.80 -4.06 -38.43
C ASN D 467 57.64 -3.13 -38.77
N THR D 468 56.48 -3.66 -39.11
CA THR D 468 55.34 -2.81 -39.46
C THR D 468 54.92 -1.96 -38.27
N VAL D 469 54.44 -0.75 -38.57
CA VAL D 469 53.99 0.15 -37.51
C VAL D 469 52.80 -0.44 -36.77
N GLY D 470 51.93 -1.13 -37.51
CA GLY D 470 50.79 -1.77 -36.87
C GLY D 470 51.21 -2.76 -35.80
N ASP D 471 52.27 -3.51 -36.06
CA ASP D 471 52.78 -4.45 -35.06
C ASP D 471 53.27 -3.72 -33.82
N TYR D 472 53.96 -2.59 -34.00
CA TYR D 472 54.43 -1.81 -32.86
C TYR D 472 53.26 -1.32 -32.03
N PHE D 473 52.23 -0.79 -32.69
CA PHE D 473 51.07 -0.30 -31.96
C PHE D 473 50.36 -1.44 -31.22
N ARG D 474 50.22 -2.58 -31.88
CA ARG D 474 49.58 -3.72 -31.23
C ARG D 474 50.36 -4.18 -30.00
N VAL D 475 51.69 -4.24 -30.12
CA VAL D 475 52.51 -4.67 -28.98
C VAL D 475 52.42 -3.66 -27.84
N THR D 476 52.36 -2.36 -28.18
CA THR D 476 52.16 -1.36 -27.14
C THR D 476 50.83 -1.59 -26.44
N GLY D 477 49.78 -1.89 -27.20
CA GLY D 477 48.49 -2.18 -26.59
C GLY D 477 48.55 -3.37 -25.66
N GLU D 478 49.23 -4.44 -26.08
CA GLU D 478 49.35 -5.61 -25.22
C GLU D 478 50.10 -5.29 -23.94
N ILE D 479 51.18 -4.51 -24.04
CA ILE D 479 51.95 -4.14 -22.87
C ILE D 479 51.10 -3.33 -21.90
N LEU D 480 50.34 -2.36 -22.42
CA LEU D 480 49.48 -1.56 -21.57
C LEU D 480 48.42 -2.42 -20.88
N SER D 481 47.83 -3.37 -21.63
CA SER D 481 46.82 -4.23 -21.05
C SER D 481 47.41 -5.07 -19.92
N VAL D 482 48.59 -5.65 -20.14
CA VAL D 482 49.22 -6.48 -19.12
C VAL D 482 49.56 -5.64 -17.89
N SER D 483 50.05 -4.42 -18.10
CA SER D 483 50.36 -3.55 -16.97
C SER D 483 49.12 -3.24 -16.15
N GLY D 484 48.01 -2.94 -16.83
CA GLY D 484 46.76 -2.71 -16.10
C GLY D 484 46.32 -3.93 -15.32
N GLY D 485 46.46 -5.11 -15.92
CA GLY D 485 46.11 -6.33 -15.20
C GLY D 485 46.95 -6.52 -13.95
N VAL D 486 48.25 -6.28 -14.06
CA VAL D 486 49.12 -6.39 -12.88
C VAL D 486 48.73 -5.39 -11.82
N TYR D 487 48.42 -4.16 -12.24
CA TYR D 487 48.02 -3.13 -11.28
C TYR D 487 46.78 -3.55 -10.51
N PHE D 488 45.76 -4.04 -11.23
CA PHE D 488 44.54 -4.47 -10.54
C PHE D 488 44.79 -5.69 -9.66
N PHE D 489 45.65 -6.60 -10.10
CA PHE D 489 46.01 -7.76 -9.26
C PHE D 489 46.59 -7.30 -7.93
N PHE D 490 47.59 -6.41 -7.98
CA PHE D 490 48.22 -5.95 -6.74
C PHE D 490 47.25 -5.17 -5.88
N ARG D 491 46.39 -4.35 -6.49
CA ARG D 491 45.41 -3.61 -5.69
C ARG D 491 44.45 -4.56 -4.99
N GLY D 492 44.00 -5.61 -5.68
CA GLY D 492 43.12 -6.57 -5.04
C GLY D 492 43.79 -7.29 -3.88
N ILE D 493 45.05 -7.70 -4.07
CA ILE D 493 45.77 -8.35 -2.99
C ILE D 493 45.92 -7.42 -1.80
N GLN D 494 46.27 -6.16 -2.06
CA GLN D 494 46.40 -5.17 -1.00
C GLN D 494 45.09 -5.04 -0.21
N TYR D 495 43.96 -4.92 -0.94
CA TYR D 495 42.68 -4.78 -0.26
C TYR D 495 42.37 -6.00 0.59
N PHE D 496 42.55 -7.19 0.04
CA PHE D 496 42.19 -8.40 0.77
C PHE D 496 43.09 -8.61 1.98
N LEU D 497 44.34 -8.16 1.92
CA LEU D 497 45.20 -8.23 3.11
C LEU D 497 44.78 -7.21 4.16
N GLN D 498 44.50 -5.97 3.73
CA GLN D 498 44.15 -4.93 4.68
C GLN D 498 42.85 -5.23 5.41
N ARG D 499 41.85 -5.74 4.70
CA ARG D 499 40.52 -5.90 5.28
C ARG D 499 40.31 -7.26 5.94
N ARG D 500 40.89 -8.32 5.38
CA ARG D 500 40.72 -9.66 5.90
C ARG D 500 39.23 -10.02 6.03
N PRO D 501 38.46 -9.89 4.96
CA PRO D 501 37.03 -10.19 5.05
C PRO D 501 36.77 -11.67 5.31
N SER D 502 35.68 -11.94 6.01
CA SER D 502 35.24 -13.30 6.22
C SER D 502 34.52 -13.82 4.97
N LEU D 503 34.36 -15.14 4.90
CA LEU D 503 33.76 -15.74 3.72
C LEU D 503 32.31 -15.29 3.55
N LYS D 504 31.56 -15.21 4.65
CA LYS D 504 30.15 -14.84 4.56
C LYS D 504 30.00 -13.43 3.99
N SER D 505 30.79 -12.49 4.47
CA SER D 505 30.72 -11.10 4.02
C SER D 505 31.56 -10.82 2.79
N LEU D 506 32.31 -11.81 2.30
CA LEU D 506 33.18 -11.60 1.15
C LEU D 506 32.37 -11.16 -0.06
N PHE D 507 31.27 -11.84 -0.33
CA PHE D 507 30.42 -11.54 -1.48
C PHE D 507 29.31 -10.55 -1.14
N VAL D 508 29.25 -10.06 0.10
CA VAL D 508 28.23 -9.11 0.50
C VAL D 508 28.78 -7.71 0.72
N ASP D 509 30.09 -7.56 0.93
CA ASP D 509 30.70 -6.25 1.13
C ASP D 509 31.78 -5.91 0.13
N SER D 510 32.29 -6.88 -0.64
CA SER D 510 33.41 -6.68 -1.55
C SER D 510 33.12 -7.32 -2.90
N TYR D 511 31.92 -7.06 -3.43
CA TYR D 511 31.56 -7.56 -4.75
C TYR D 511 32.46 -6.96 -5.83
N SER D 512 32.61 -5.64 -5.82
CA SER D 512 33.41 -4.97 -6.84
C SER D 512 34.87 -5.40 -6.78
N GLU D 513 35.42 -5.48 -5.57
CA GLU D 513 36.81 -5.89 -5.42
C GLU D 513 37.02 -7.30 -5.94
N ILE D 514 36.08 -8.20 -5.64
CA ILE D 514 36.19 -9.57 -6.15
C ILE D 514 36.16 -9.58 -7.66
N LEU D 515 35.25 -8.81 -8.26
CA LEU D 515 35.14 -8.84 -9.72
C LEU D 515 36.40 -8.30 -10.39
N PHE D 516 36.94 -7.19 -9.87
CA PHE D 516 38.17 -6.65 -10.45
C PHE D 516 39.34 -7.62 -10.27
N PHE D 517 39.43 -8.25 -9.10
CA PHE D 517 40.49 -9.22 -8.86
C PHE D 517 40.36 -10.41 -9.80
N VAL D 518 39.13 -10.86 -10.06
CA VAL D 518 38.92 -12.01 -10.94
C VAL D 518 39.31 -11.66 -12.37
N GLN D 519 38.98 -10.44 -12.82
CA GLN D 519 39.40 -10.04 -14.15
C GLN D 519 40.93 -10.02 -14.26
N SER D 520 41.59 -9.49 -13.22
CA SER D 520 43.06 -9.49 -13.23
C SER D 520 43.61 -10.92 -13.24
N LEU D 521 42.97 -11.82 -12.50
CA LEU D 521 43.40 -13.22 -12.48
C LEU D 521 43.29 -13.83 -13.87
N PHE D 522 42.18 -13.56 -14.57
CA PHE D 522 42.03 -14.07 -15.92
C PHE D 522 43.11 -13.52 -16.83
N MET D 523 43.44 -12.23 -16.71
CA MET D 523 44.50 -11.66 -17.54
C MET D 523 45.84 -12.34 -17.25
N LEU D 524 46.15 -12.59 -15.98
CA LEU D 524 47.43 -13.19 -15.65
C LEU D 524 47.51 -14.64 -16.13
N VAL D 525 46.41 -15.39 -16.00
CA VAL D 525 46.38 -16.74 -16.54
C VAL D 525 46.57 -16.70 -18.06
N SER D 526 45.97 -15.72 -18.72
CA SER D 526 46.15 -15.57 -20.16
C SER D 526 47.61 -15.34 -20.50
N VAL D 527 48.28 -14.49 -19.73
CA VAL D 527 49.71 -14.25 -19.99
C VAL D 527 50.51 -15.53 -19.81
N VAL D 528 50.23 -16.26 -18.71
CA VAL D 528 50.98 -17.48 -18.42
C VAL D 528 50.82 -18.49 -19.55
N LEU D 529 49.58 -18.65 -20.04
CA LEU D 529 49.35 -19.58 -21.14
C LEU D 529 49.99 -19.08 -22.43
N TYR D 530 49.93 -17.78 -22.69
CA TYR D 530 50.48 -17.23 -23.92
C TYR D 530 51.98 -17.48 -24.01
N PHE D 531 52.70 -17.28 -22.92
CA PHE D 531 54.14 -17.51 -22.95
C PHE D 531 54.50 -18.98 -22.78
N SER D 532 53.53 -19.86 -22.58
CA SER D 532 53.75 -21.29 -22.53
C SER D 532 53.44 -21.98 -23.86
N GLN D 533 53.42 -21.22 -24.95
CA GLN D 533 53.16 -21.77 -26.28
C GLN D 533 51.84 -22.53 -26.32
N ARG D 534 50.81 -21.95 -25.70
CA ARG D 534 49.47 -22.53 -25.69
C ARG D 534 48.51 -21.59 -26.40
N LYS D 535 47.56 -22.18 -27.12
CA LYS D 535 46.54 -21.41 -27.83
C LYS D 535 45.29 -21.18 -27.00
N GLU D 536 45.24 -21.70 -25.78
CA GLU D 536 44.10 -21.49 -24.90
C GLU D 536 44.11 -20.12 -24.23
N TYR D 537 45.18 -19.33 -24.40
CA TYR D 537 45.23 -18.03 -23.76
C TYR D 537 44.06 -17.16 -24.20
N VAL D 538 43.67 -17.26 -25.47
CA VAL D 538 42.51 -16.51 -25.95
C VAL D 538 41.27 -16.90 -25.16
N ALA D 539 41.10 -18.20 -24.92
CA ALA D 539 39.95 -18.65 -24.15
C ALA D 539 39.88 -17.94 -22.80
N SER D 540 41.03 -17.56 -22.25
CA SER D 540 41.04 -16.75 -21.04
C SER D 540 40.81 -15.28 -21.38
N MET D 541 41.56 -14.76 -22.35
CA MET D 541 41.55 -13.33 -22.63
C MET D 541 40.14 -12.81 -22.81
N VAL D 542 39.36 -13.47 -23.69
CA VAL D 542 38.02 -12.97 -23.98
C VAL D 542 37.22 -12.82 -22.70
N PHE D 543 37.27 -13.81 -21.82
CA PHE D 543 36.53 -13.70 -20.57
C PHE D 543 36.91 -12.42 -19.85
N SER D 544 38.22 -12.22 -19.63
CA SER D 544 38.67 -10.99 -19.01
C SER D 544 38.10 -9.79 -19.74
N LEU D 545 38.23 -9.77 -21.06
CA LEU D 545 37.73 -8.65 -21.83
C LEU D 545 36.26 -8.40 -21.52
N ALA D 546 35.44 -9.45 -21.56
CA ALA D 546 34.03 -9.27 -21.25
C ALA D 546 33.89 -8.64 -19.87
N MET D 547 34.53 -9.24 -18.86
CA MET D 547 34.45 -8.69 -17.52
C MET D 547 34.80 -7.21 -17.54
N GLY D 548 35.89 -6.87 -18.22
CA GLY D 548 36.32 -5.50 -18.30
C GLY D 548 35.15 -4.56 -18.50
N TRP D 549 34.42 -4.76 -19.60
CA TRP D 549 33.38 -3.78 -19.94
C TRP D 549 32.28 -3.79 -18.89
N THR D 550 31.88 -4.96 -18.42
CA THR D 550 30.82 -5.03 -17.42
C THR D 550 31.26 -4.47 -16.09
N ASN D 551 32.55 -4.20 -15.89
CA ASN D 551 33.03 -3.55 -14.68
C ASN D 551 32.90 -2.04 -14.75
N MET D 552 32.61 -1.48 -15.92
CA MET D 552 32.34 -0.05 -16.00
C MET D 552 31.19 0.36 -15.10
N LEU D 553 30.28 -0.58 -14.80
CA LEU D 553 29.17 -0.27 -13.90
C LEU D 553 29.66 0.13 -12.53
N TYR D 554 30.86 -0.30 -12.13
CA TYR D 554 31.42 0.16 -10.86
C TYR D 554 31.41 1.67 -10.79
N TYR D 555 31.64 2.35 -11.90
CA TYR D 555 31.76 3.79 -11.93
C TYR D 555 30.42 4.50 -12.04
N THR D 556 29.32 3.76 -12.02
CA THR D 556 28.00 4.39 -11.98
C THR D 556 27.58 4.77 -10.57
N ARG D 557 28.47 4.61 -9.58
CA ARG D 557 28.19 5.03 -8.22
C ARG D 557 28.49 6.52 -7.99
N GLY D 558 29.11 7.18 -8.95
CA GLY D 558 29.25 8.63 -8.90
C GLY D 558 27.99 9.37 -9.26
N PHE D 559 26.94 8.64 -9.64
CA PHE D 559 25.64 9.22 -9.99
C PHE D 559 24.57 8.44 -9.24
N GLN D 560 23.62 9.17 -8.65
CA GLN D 560 22.64 8.53 -7.77
C GLN D 560 21.73 7.59 -8.55
N GLN D 561 21.15 8.07 -9.65
CA GLN D 561 20.08 7.33 -10.31
C GLN D 561 20.60 6.07 -10.99
N MET D 562 21.85 6.08 -11.45
CA MET D 562 22.46 4.86 -11.99
C MET D 562 23.16 4.04 -10.93
N GLY D 563 23.68 4.67 -9.88
CA GLY D 563 24.25 3.91 -8.79
C GLY D 563 23.22 3.00 -8.15
N ILE D 564 22.00 3.49 -7.99
CA ILE D 564 20.94 2.65 -7.44
C ILE D 564 20.62 1.49 -8.36
N TYR D 565 20.64 1.74 -9.67
CA TYR D 565 20.38 0.67 -10.63
C TYR D 565 21.44 -0.42 -10.54
N ALA D 566 22.71 -0.02 -10.45
CA ALA D 566 23.79 -1.00 -10.30
C ALA D 566 23.67 -1.75 -8.99
N VAL D 567 23.23 -1.06 -7.93
CA VAL D 567 23.02 -1.72 -6.64
C VAL D 567 21.97 -2.82 -6.76
N MET D 568 20.85 -2.50 -7.43
CA MET D 568 19.81 -3.50 -7.59
C MET D 568 20.27 -4.67 -8.46
N ILE D 569 21.03 -4.39 -9.51
CA ILE D 569 21.58 -5.47 -10.33
C ILE D 569 22.41 -6.41 -9.46
N GLU D 570 23.32 -5.84 -8.67
CA GLU D 570 24.15 -6.64 -7.77
C GLU D 570 23.29 -7.50 -6.85
N LYS D 571 22.34 -6.88 -6.16
CA LYS D 571 21.56 -7.60 -5.15
C LYS D 571 20.73 -8.70 -5.78
N MET D 572 20.10 -8.43 -6.92
CA MET D 572 19.29 -9.46 -7.57
C MET D 572 20.16 -10.62 -8.03
N ILE D 573 21.32 -10.33 -8.64
CA ILE D 573 22.22 -11.40 -9.05
C ILE D 573 22.60 -12.24 -7.85
N LEU D 574 22.89 -11.61 -6.72
CA LEU D 574 23.32 -12.36 -5.54
C LEU D 574 22.20 -13.24 -5.01
N ARG D 575 20.98 -12.70 -4.89
CA ARG D 575 19.91 -13.39 -4.18
C ARG D 575 19.00 -14.21 -5.08
N ASP D 576 18.32 -13.57 -6.03
CA ASP D 576 17.18 -14.20 -6.68
C ASP D 576 17.61 -15.28 -7.66
N LEU D 577 18.65 -15.00 -8.46
CA LEU D 577 19.00 -15.89 -9.55
C LEU D 577 19.45 -17.25 -9.04
N CYS D 578 20.06 -17.33 -7.85
CA CYS D 578 20.49 -18.62 -7.34
C CYS D 578 19.29 -19.56 -7.16
N ARG D 579 18.25 -19.09 -6.46
CA ARG D 579 17.06 -19.90 -6.27
C ARG D 579 16.39 -20.21 -7.61
N PHE D 580 16.20 -19.18 -8.44
CA PHE D 580 15.51 -19.39 -9.70
C PHE D 580 16.24 -20.42 -10.56
N MET D 581 17.57 -20.35 -10.59
CA MET D 581 18.34 -21.25 -11.41
C MET D 581 18.38 -22.66 -10.84
N PHE D 582 18.41 -22.82 -9.52
CA PHE D 582 18.30 -24.17 -8.97
C PHE D 582 16.99 -24.82 -9.41
N VAL D 583 15.87 -24.12 -9.24
CA VAL D 583 14.58 -24.72 -9.61
C VAL D 583 14.52 -24.97 -11.11
N TYR D 584 14.96 -23.98 -11.88
CA TYR D 584 14.94 -24.10 -13.33
C TYR D 584 15.75 -25.28 -13.83
N LEU D 585 16.94 -25.46 -13.26
CA LEU D 585 17.81 -26.56 -13.68
C LEU D 585 17.25 -27.90 -13.24
N VAL D 586 16.61 -27.97 -12.07
CA VAL D 586 15.95 -29.22 -11.68
C VAL D 586 14.92 -29.61 -12.73
N PHE D 587 14.05 -28.67 -13.09
CA PHE D 587 13.01 -28.98 -14.08
C PHE D 587 13.62 -29.34 -15.43
N LEU D 588 14.59 -28.54 -15.89
CA LEU D 588 15.18 -28.75 -17.20
C LEU D 588 15.87 -30.10 -17.27
N PHE D 589 16.64 -30.46 -16.26
CA PHE D 589 17.35 -31.73 -16.28
C PHE D 589 16.37 -32.90 -16.21
N GLY D 590 15.33 -32.80 -15.37
CA GLY D 590 14.38 -33.89 -15.32
C GLY D 590 13.74 -34.15 -16.65
N PHE D 591 13.25 -33.09 -17.30
CA PHE D 591 12.55 -33.29 -18.57
C PHE D 591 13.52 -33.62 -19.70
N SER D 592 14.75 -33.13 -19.66
CA SER D 592 15.73 -33.50 -20.69
C SER D 592 16.12 -34.96 -20.58
N THR D 593 16.31 -35.46 -19.35
CA THR D 593 16.59 -36.88 -19.18
C THR D 593 15.42 -37.73 -19.68
N ALA D 594 14.20 -37.34 -19.32
CA ALA D 594 13.04 -38.09 -19.81
C ALA D 594 12.99 -38.11 -21.33
N VAL D 595 13.20 -36.95 -21.96
CA VAL D 595 13.08 -36.86 -23.41
C VAL D 595 14.16 -37.68 -24.09
N VAL D 596 15.42 -37.52 -23.66
CA VAL D 596 16.50 -38.25 -24.32
C VAL D 596 16.37 -39.75 -24.07
N THR D 597 15.77 -40.15 -22.95
CA THR D 597 15.47 -41.55 -22.75
C THR D 597 14.44 -42.03 -23.75
N LEU D 598 13.41 -41.23 -24.01
CA LEU D 598 12.39 -41.63 -24.98
C LEU D 598 12.99 -41.77 -26.38
N ILE D 599 13.85 -40.83 -26.78
CA ILE D 599 14.40 -40.84 -28.13
C ILE D 599 15.29 -42.07 -28.31
N GLU D 600 15.28 -42.63 -29.53
CA GLU D 600 16.07 -43.79 -29.87
C GLU D 600 17.13 -43.54 -30.93
N ASP D 601 17.08 -42.41 -31.64
CA ASP D 601 18.05 -42.08 -32.68
C ASP D 601 18.09 -43.17 -33.75
N GLY D 602 16.93 -43.39 -34.37
CA GLY D 602 16.80 -44.39 -35.41
C GLY D 602 15.35 -44.82 -35.61
N GLY D 624 18.72 -40.15 -38.21
CA GLY D 624 18.44 -38.91 -37.52
C GLY D 624 19.63 -37.98 -37.44
N ASN D 625 19.51 -36.93 -36.62
CA ASN D 625 20.57 -35.95 -36.44
C ASN D 625 21.32 -36.15 -35.13
N SER D 626 21.42 -37.40 -34.67
CA SER D 626 22.12 -37.70 -33.43
C SER D 626 21.57 -36.88 -32.26
N TYR D 627 20.25 -36.71 -32.24
CA TYR D 627 19.62 -35.98 -31.14
C TYR D 627 19.63 -36.76 -29.85
N ASN D 628 20.00 -38.04 -29.87
CA ASN D 628 20.08 -38.86 -28.66
C ASN D 628 21.35 -38.51 -27.88
N SER D 629 21.45 -37.25 -27.49
CA SER D 629 22.54 -36.76 -26.68
C SER D 629 21.96 -35.87 -25.59
N LEU D 630 22.50 -35.99 -24.38
CA LEU D 630 21.97 -35.20 -23.27
C LEU D 630 22.22 -33.71 -23.48
N TYR D 631 23.41 -33.35 -23.98
CA TYR D 631 23.73 -31.95 -24.21
C TYR D 631 22.81 -31.34 -25.27
N SER D 632 22.61 -32.07 -26.38
CA SER D 632 21.76 -31.54 -27.45
C SER D 632 20.32 -31.36 -26.99
N THR D 633 19.79 -32.35 -26.26
CA THR D 633 18.43 -32.23 -25.76
C THR D 633 18.31 -31.10 -24.75
N CYS D 634 19.31 -30.93 -23.89
CA CYS D 634 19.28 -29.84 -22.93
C CYS D 634 19.27 -28.49 -23.64
N LEU D 635 20.10 -28.33 -24.67
CA LEU D 635 20.12 -27.09 -25.42
C LEU D 635 18.80 -26.85 -26.14
N GLU D 636 18.22 -27.90 -26.73
CA GLU D 636 16.97 -27.74 -27.46
C GLU D 636 15.82 -27.39 -26.53
N LEU D 637 15.84 -27.91 -25.30
CA LEU D 637 14.81 -27.56 -24.34
C LEU D 637 15.06 -26.19 -23.73
N PHE D 638 16.31 -25.76 -23.64
CA PHE D 638 16.58 -24.40 -23.17
C PHE D 638 16.16 -23.37 -24.19
N LYS D 639 16.26 -23.67 -25.47
CA LYS D 639 15.78 -22.74 -26.49
C LYS D 639 14.31 -22.41 -26.29
N PHE D 640 13.51 -23.33 -25.75
CA PHE D 640 12.11 -23.04 -25.50
C PHE D 640 11.93 -21.83 -24.61
N THR D 641 12.89 -21.63 -23.70
CA THR D 641 12.83 -20.53 -22.73
C THR D 641 13.04 -19.14 -23.34
N ILE D 642 13.82 -19.07 -24.41
CA ILE D 642 14.16 -17.81 -25.04
C ILE D 642 13.32 -17.57 -26.31
N GLY D 643 12.18 -18.23 -26.42
CA GLY D 643 11.28 -18.00 -27.53
C GLY D 643 11.80 -18.46 -28.87
N MET D 644 12.54 -19.57 -28.89
CA MET D 644 13.08 -20.11 -30.14
C MET D 644 13.00 -21.64 -30.16
N GLY D 645 11.99 -22.20 -29.51
CA GLY D 645 11.89 -23.63 -29.34
C GLY D 645 11.02 -24.29 -30.39
N ASP D 646 11.60 -25.27 -31.09
CA ASP D 646 10.86 -26.03 -32.08
C ASP D 646 10.14 -27.18 -31.40
N LEU D 647 8.82 -27.27 -31.61
CA LEU D 647 8.04 -28.30 -30.93
C LEU D 647 8.37 -29.68 -31.49
N GLU D 648 8.61 -29.78 -32.78
CA GLU D 648 9.01 -31.04 -33.41
C GLU D 648 10.44 -30.88 -33.95
N PHE D 649 11.42 -31.08 -33.08
CA PHE D 649 12.82 -31.02 -33.46
C PHE D 649 13.41 -32.40 -33.71
N THR D 650 12.62 -33.46 -33.60
CA THR D 650 13.09 -34.81 -33.88
C THR D 650 11.89 -35.71 -34.12
N GLU D 651 12.15 -36.86 -34.75
CA GLU D 651 11.12 -37.85 -34.98
C GLU D 651 11.60 -39.26 -34.68
N ASN D 652 12.66 -39.40 -33.90
CA ASN D 652 13.21 -40.71 -33.54
C ASN D 652 12.61 -41.25 -32.25
N TYR D 653 11.27 -41.28 -32.19
CA TYR D 653 10.56 -41.79 -31.02
C TYR D 653 9.50 -42.77 -31.47
N ASP D 654 9.27 -43.80 -30.66
CA ASP D 654 8.24 -44.79 -30.97
C ASP D 654 6.84 -44.27 -30.67
N PHE D 655 6.71 -43.38 -29.68
CA PHE D 655 5.42 -42.88 -29.22
C PHE D 655 5.42 -41.37 -29.33
N LYS D 656 4.61 -40.84 -30.24
CA LYS D 656 4.53 -39.40 -30.45
C LYS D 656 3.72 -38.71 -29.36
N ALA D 657 2.67 -39.37 -28.86
CA ALA D 657 1.84 -38.76 -27.82
C ALA D 657 2.66 -38.47 -26.57
N VAL D 658 3.50 -39.42 -26.17
CA VAL D 658 4.34 -39.21 -24.98
C VAL D 658 5.28 -38.04 -25.20
N PHE D 659 5.90 -37.97 -26.37
CA PHE D 659 6.84 -36.89 -26.67
C PHE D 659 6.17 -35.53 -26.60
N ILE D 660 5.03 -35.39 -27.28
CA ILE D 660 4.36 -34.09 -27.31
C ILE D 660 3.81 -33.74 -25.93
N ILE D 661 3.32 -34.73 -25.18
CA ILE D 661 2.85 -34.45 -23.83
C ILE D 661 3.99 -33.94 -22.95
N LEU D 662 5.16 -34.58 -23.04
CA LEU D 662 6.30 -34.13 -22.26
C LEU D 662 6.70 -32.71 -22.64
N LEU D 663 6.75 -32.42 -23.94
CA LEU D 663 7.14 -31.08 -24.37
C LEU D 663 6.14 -30.03 -23.90
N LEU D 664 4.85 -30.32 -24.02
CA LEU D 664 3.84 -29.35 -23.59
C LEU D 664 3.90 -29.15 -22.08
N ALA D 665 4.07 -30.22 -21.32
CA ALA D 665 4.18 -30.09 -19.86
C ALA D 665 5.38 -29.22 -19.50
N TYR D 666 6.53 -29.47 -20.13
CA TYR D 666 7.71 -28.65 -19.86
C TYR D 666 7.47 -27.18 -20.20
N VAL D 667 6.86 -26.94 -21.36
CA VAL D 667 6.63 -25.55 -21.80
C VAL D 667 5.71 -24.84 -20.82
N ILE D 668 4.63 -25.49 -20.40
CA ILE D 668 3.68 -24.84 -19.51
C ILE D 668 4.31 -24.64 -18.13
N LEU D 669 5.13 -25.58 -17.69
CA LEU D 669 5.68 -25.50 -16.33
C LEU D 669 6.82 -24.49 -16.23
N THR D 670 7.63 -24.33 -17.27
CA THR D 670 8.76 -23.39 -17.22
C THR D 670 8.46 -22.09 -17.94
N TYR D 671 8.11 -22.15 -19.23
CA TYR D 671 7.96 -20.93 -20.02
C TYR D 671 6.82 -20.06 -19.48
N ILE D 672 5.72 -20.69 -19.07
CA ILE D 672 4.55 -19.92 -18.64
C ILE D 672 4.54 -19.70 -17.13
N LEU D 673 4.91 -20.69 -16.34
CA LEU D 673 4.76 -20.62 -14.89
C LEU D 673 6.00 -20.04 -14.22
N LEU D 674 7.16 -20.69 -14.39
CA LEU D 674 8.35 -20.28 -13.66
C LEU D 674 8.78 -18.87 -14.03
N LEU D 675 8.79 -18.55 -15.33
CA LEU D 675 9.30 -17.25 -15.77
C LEU D 675 8.40 -16.11 -15.31
N ASN D 676 7.07 -16.29 -15.41
CA ASN D 676 6.16 -15.26 -14.93
C ASN D 676 6.23 -15.11 -13.43
N MET D 677 6.42 -16.21 -12.71
CA MET D 677 6.63 -16.13 -11.26
C MET D 677 7.90 -15.36 -10.93
N LEU D 678 8.96 -15.55 -11.72
CA LEU D 678 10.18 -14.79 -11.51
C LEU D 678 9.93 -13.30 -11.77
N ILE D 679 9.15 -12.99 -12.80
CA ILE D 679 8.80 -11.59 -13.05
C ILE D 679 8.10 -11.01 -11.83
N ALA D 680 7.12 -11.74 -11.29
CA ALA D 680 6.38 -11.25 -10.12
C ALA D 680 7.30 -11.05 -8.92
N LEU D 681 8.22 -11.99 -8.70
CA LEU D 681 9.12 -11.87 -7.55
C LEU D 681 10.09 -10.72 -7.72
N MET D 682 10.57 -10.48 -8.95
CA MET D 682 11.41 -9.32 -9.20
C MET D 682 10.65 -8.02 -8.93
N GLY D 683 9.38 -7.97 -9.34
CA GLY D 683 8.59 -6.78 -9.05
C GLY D 683 8.45 -6.54 -7.55
N GLU D 684 8.12 -7.60 -6.81
CA GLU D 684 8.00 -7.47 -5.37
C GLU D 684 9.31 -7.02 -4.75
N THR D 685 10.44 -7.60 -5.17
CA THR D 685 11.73 -7.20 -4.62
C THR D 685 12.02 -5.75 -4.93
N VAL D 686 11.73 -5.26 -6.10
CA VAL D 686 11.98 -3.85 -6.46
C VAL D 686 11.25 -2.95 -5.46
N ASN D 687 10.02 -3.28 -5.07
CA ASN D 687 9.29 -2.50 -4.08
C ASN D 687 9.83 -2.54 -2.72
N LYS D 688 10.26 -3.70 -2.29
CA LYS D 688 10.84 -3.78 -1.01
C LYS D 688 12.10 -2.98 -0.88
N ILE D 689 12.94 -2.91 -1.87
CA ILE D 689 14.25 -2.31 -1.63
C ILE D 689 14.39 -0.97 -2.36
N ALA D 690 13.26 -0.27 -2.55
CA ALA D 690 13.32 1.04 -3.18
C ALA D 690 14.16 2.01 -2.37
N GLN D 691 14.03 1.96 -1.04
CA GLN D 691 14.75 2.88 -0.17
C GLN D 691 16.09 2.33 0.32
N GLU D 692 16.19 1.01 0.48
CA GLU D 692 17.44 0.42 0.96
C GLU D 692 18.57 0.63 -0.04
N SER D 693 18.26 0.55 -1.34
CA SER D 693 19.27 0.73 -2.37
C SER D 693 19.91 2.11 -2.27
N LYS D 694 19.13 3.13 -1.90
CA LYS D 694 19.69 4.46 -1.74
C LYS D 694 20.74 4.49 -0.63
N ASN D 695 20.44 3.84 0.50
CA ASN D 695 21.39 3.79 1.60
C ASN D 695 22.65 3.03 1.22
N ILE D 696 22.48 1.92 0.48
CA ILE D 696 23.66 1.16 0.05
C ILE D 696 24.51 1.99 -0.89
N TRP D 697 23.88 2.73 -1.82
CA TRP D 697 24.64 3.59 -2.71
C TRP D 697 25.38 4.67 -1.93
N LYS D 698 24.73 5.25 -0.91
CA LYS D 698 25.39 6.26 -0.11
C LYS D 698 26.60 5.69 0.60
N LEU D 699 26.49 4.47 1.14
CA LEU D 699 27.64 3.84 1.78
C LEU D 699 28.75 3.59 0.77
N GLN D 700 28.40 3.14 -0.43
CA GLN D 700 29.42 2.92 -1.46
C GLN D 700 30.15 4.21 -1.80
N ARG D 701 29.41 5.30 -1.96
CA ARG D 701 30.05 6.58 -2.27
C ARG D 701 30.91 7.06 -1.12
N ALA D 702 30.48 6.81 0.12
CA ALA D 702 31.30 7.19 1.28
C ALA D 702 32.61 6.42 1.28
N ILE D 703 32.57 5.12 0.99
CA ILE D 703 33.79 4.34 0.92
C ILE D 703 34.69 4.86 -0.21
N THR D 704 34.08 5.24 -1.33
CA THR D 704 34.85 5.83 -2.41
C THR D 704 35.55 7.11 -1.97
N ILE D 705 34.84 7.97 -1.24
CA ILE D 705 35.43 9.22 -0.76
C ILE D 705 36.60 8.92 0.18
N LEU D 706 36.41 7.98 1.10
CA LEU D 706 37.49 7.66 2.03
C LEU D 706 38.71 7.11 1.31
N ASP D 707 38.49 6.20 0.35
CA ASP D 707 39.63 5.65 -0.40
C ASP D 707 40.35 6.73 -1.18
N THR D 708 39.59 7.61 -1.86
CA THR D 708 40.22 8.69 -2.62
C THR D 708 41.02 9.61 -1.72
N GLU D 709 40.46 9.98 -0.56
CA GLU D 709 41.18 10.87 0.35
C GLU D 709 42.45 10.20 0.86
N LYS D 710 42.37 8.92 1.24
CA LYS D 710 43.55 8.23 1.73
C LYS D 710 44.62 8.14 0.65
N SER D 711 44.22 7.86 -0.59
CA SER D 711 45.19 7.79 -1.68
C SER D 711 45.84 9.15 -1.92
N PHE D 712 45.04 10.22 -1.91
CA PHE D 712 45.56 11.56 -2.15
C PHE D 712 46.30 12.15 -0.96
N LEU D 713 46.26 11.49 0.20
CA LEU D 713 46.99 11.99 1.36
C LEU D 713 48.47 12.19 1.04
N LYS D 714 49.03 11.34 0.19
CA LYS D 714 50.45 11.47 -0.16
C LYS D 714 50.71 12.79 -0.87
N CYS D 715 49.86 13.15 -1.82
CA CYS D 715 50.05 14.42 -2.54
C CYS D 715 49.88 15.61 -1.60
N MET D 716 48.85 15.58 -0.75
CA MET D 716 48.63 16.65 0.22
C MET D 716 47.89 16.03 1.41
N ARG D 717 48.62 15.71 2.47
CA ARG D 717 48.03 15.02 3.60
C ARG D 717 47.01 15.89 4.32
N LYS D 718 47.40 17.12 4.67
CA LYS D 718 46.56 18.01 5.46
C LYS D 718 46.05 19.22 4.68
N ALA D 719 46.43 19.36 3.41
CA ALA D 719 45.97 20.51 2.63
C ALA D 719 44.46 20.49 2.46
N PHE D 720 43.89 19.31 2.21
CA PHE D 720 42.45 19.16 1.98
C PHE D 720 41.82 18.69 3.29
N ARG D 721 41.57 19.64 4.19
CA ARG D 721 40.91 19.40 5.45
C ARG D 721 39.56 20.09 5.46
N SER D 722 38.58 19.44 6.06
CA SER D 722 37.21 19.95 6.09
C SER D 722 37.01 20.86 7.29
N GLY D 723 36.08 21.79 7.15
CA GLY D 723 35.77 22.72 8.22
C GLY D 723 36.88 23.70 8.50
N LYS D 724 36.58 24.76 9.24
CA LYS D 724 37.53 25.81 9.54
C LYS D 724 37.80 25.87 11.04
N LEU D 725 39.01 26.27 11.39
CA LEU D 725 39.39 26.42 12.80
C LEU D 725 38.73 27.67 13.37
N LEU D 726 38.02 27.49 14.48
CA LEU D 726 37.27 28.59 15.09
C LEU D 726 37.36 28.50 16.60
N GLN D 727 37.14 29.64 17.25
CA GLN D 727 37.08 29.73 18.70
C GLN D 727 35.62 29.66 19.14
N VAL D 728 35.32 28.74 20.05
CA VAL D 728 33.95 28.51 20.50
C VAL D 728 33.72 28.96 21.93
N GLY D 729 34.76 29.36 22.65
CA GLY D 729 34.59 29.77 24.04
C GLY D 729 35.93 29.72 24.76
N PHE D 730 35.84 29.52 26.07
CA PHE D 730 37.01 29.49 26.94
C PHE D 730 37.01 28.21 27.76
N THR D 731 38.19 27.63 27.93
CA THR D 731 38.33 26.40 28.69
C THR D 731 38.09 26.68 30.17
N PRO D 732 37.68 25.66 30.94
CA PRO D 732 37.41 25.88 32.36
C PRO D 732 38.62 26.40 33.12
N ASP D 733 39.83 25.98 32.75
CA ASP D 733 41.05 26.43 33.39
C ASP D 733 41.72 27.58 32.64
N GLY D 734 41.97 27.41 31.34
CA GLY D 734 42.61 28.43 30.55
C GLY D 734 41.61 29.28 29.77
N LYS D 735 41.70 29.24 28.45
CA LYS D 735 40.84 30.04 27.59
C LYS D 735 41.11 29.64 26.14
N ASP D 736 40.39 30.28 25.22
CA ASP D 736 40.61 30.12 23.78
C ASP D 736 40.39 28.66 23.36
N ASP D 737 39.13 28.23 23.50
CA ASP D 737 38.71 26.90 23.07
C ASP D 737 38.64 26.87 21.56
N TYR D 738 39.72 26.42 20.92
CA TYR D 738 39.82 26.39 19.46
C TYR D 738 39.58 24.97 18.95
N ARG D 739 38.78 24.86 17.91
CA ARG D 739 38.47 23.55 17.33
C ARG D 739 38.08 23.70 15.88
N TRP D 740 38.19 22.59 15.15
CA TRP D 740 37.93 22.57 13.70
C TRP D 740 36.45 22.33 13.46
N CYS D 741 35.69 23.42 13.35
CA CYS D 741 34.24 23.34 13.29
C CYS D 741 33.75 23.29 11.84
N PHE D 742 32.50 22.84 11.69
CA PHE D 742 31.85 22.70 10.39
C PHE D 742 30.50 23.42 10.46
N ARG D 743 30.46 24.65 9.96
CA ARG D 743 29.29 25.49 10.10
C ARG D 743 28.15 25.01 9.20
N VAL D 744 26.92 25.16 9.71
CA VAL D 744 25.72 24.90 8.93
C VAL D 744 24.64 25.87 9.38
N ASP D 745 23.83 26.33 8.42
CA ASP D 745 22.75 27.27 8.70
C ASP D 745 21.43 26.54 8.93
N GLU D 746 20.47 27.26 9.50
CA GLU D 746 19.15 26.70 9.74
C GLU D 746 18.14 27.83 9.84
N VAL D 747 16.90 27.52 9.47
CA VAL D 747 15.80 28.49 9.47
C VAL D 747 14.60 27.85 10.16
N ASN D 748 13.98 28.54 11.12
CA ASN D 748 12.85 27.98 11.87
C ASN D 748 11.82 29.01 12.32
N TRP D 749 10.68 29.09 11.65
CA TRP D 749 9.64 30.04 11.98
C TRP D 749 8.95 29.88 13.33
N THR D 750 8.50 28.66 13.62
CA THR D 750 7.73 28.35 14.81
C THR D 750 8.29 28.89 16.11
N THR D 751 9.43 28.38 16.57
CA THR D 751 10.03 28.87 17.77
C THR D 751 10.46 30.24 17.45
N TRP D 752 10.30 31.19 18.36
CA TRP D 752 10.67 32.52 17.98
C TRP D 752 11.78 33.13 18.80
N ASN D 753 13.01 32.75 18.42
CA ASN D 753 14.29 33.29 18.89
C ASN D 753 14.66 33.10 20.32
N THR D 754 13.95 32.26 21.05
CA THR D 754 14.18 32.19 22.48
C THR D 754 15.31 31.29 22.95
N ASN D 755 16.52 31.85 22.98
CA ASN D 755 17.70 31.15 23.48
C ASN D 755 18.81 32.16 23.75
N VAL D 756 19.92 31.69 24.32
CA VAL D 756 21.08 32.51 24.61
C VAL D 756 22.33 31.67 24.36
N GLY D 757 23.48 32.34 24.36
CA GLY D 757 24.74 31.68 24.11
C GLY D 757 25.30 31.84 22.71
N ILE D 758 24.82 32.81 21.94
CA ILE D 758 25.32 33.04 20.58
C ILE D 758 26.79 33.45 20.69
N ILE D 759 27.68 32.63 20.13
CA ILE D 759 29.11 32.84 20.31
C ILE D 759 29.52 34.24 19.87
N ASN D 760 29.02 34.69 18.72
CA ASN D 760 29.44 35.95 18.13
C ASN D 760 28.34 37.00 18.28
N GLU D 761 28.76 38.24 18.60
CA GLU D 761 27.81 39.32 18.81
C GLU D 761 27.04 39.67 17.54
N ASP D 762 27.74 39.73 16.40
CA ASP D 762 27.14 40.20 15.16
C ASP D 762 27.03 39.07 14.16
N PRO D 763 25.86 38.88 13.50
CA PRO D 763 25.74 37.81 12.52
C PRO D 763 26.70 37.97 11.35
#